data_5AQQ
#
_entry.id   5AQQ
#
_cell.length_a   233.433
_cell.length_b   41.332
_cell.length_c   205.513
_cell.angle_alpha   90.00
_cell.angle_beta   123.75
_cell.angle_gamma   90.00
#
_symmetry.space_group_name_H-M   'C 1 2 1'
#
loop_
_entity.id
_entity.type
_entity.pdbx_description
1 polymer 'HEAT SHOCK COGNATE 71 KDA PROTEIN'
2 polymer 'BAG FAMILY MOLECULAR CHAPERONE REGULATOR 1'
3 non-polymer 7-methylquinazolin-4-amine
4 non-polymer 'DIMETHYL SULFOXIDE'
5 non-polymer GLYCEROL
6 non-polymer 2-AMINO-2-HYDROXYMETHYL-PROPANE-1,3-DIOL
7 water water
#
loop_
_entity_poly.entity_id
_entity_poly.type
_entity_poly.pdbx_seq_one_letter_code
_entity_poly.pdbx_strand_id
1 'polypeptide(L)'
;GPLGSMSKGPAVGIDLGTTYSCVGVFQHGKVEIIANDQGNRTTPSYVAFTDTERLIGDAAKNQVAMNPTNTVFDAKRLIG
RRFDDAVVQSDMKHWPFMVVNDAGRPKVQVEYKGETKSFYPEEVSSMVLTKMKEIAEAYLGKTVTNAVVTVPAYFNDSQR
QATKDAGTIAGLNVLRIINEPTAAAIAYGLDKKVGAERNVLIFDLGGGTFDVSILTIEDGIFEVKSTAGDTHLGGEDFDN
RMVNHFIAEFKRKHKKDISENKRAVRRLRTACERAKRTLSSSTQASIEIDSLYEGIDFYTSITRARFEELNADLFRGTLD
PVEKALRDAKLDKSQIHDIVLVGGSTRIPKIQKLLQDFFNGKELNKSINPDEAVAYGAAVQAAILS
;
A,C,E
2 'polypeptide(L)'
;GPLGSNSPQEEVELKKLKHLEKSVEKIADQLEELNKELTGIQQGFLPKDLQAEALCKLDRRVKATIEQFMKILEEIDTLI
LPENFKDSRLKRKGLVKKVQAFLAECDTVEQNICQETE
;
B,D,F
#
# COMPACT_ATOMS: atom_id res chain seq x y z
N MET A 6 1.87 -59.63 20.59
CA MET A 6 0.81 -59.82 21.58
C MET A 6 -0.08 -61.06 21.31
N SER A 7 -0.31 -61.87 22.37
CA SER A 7 -1.16 -63.07 22.32
C SER A 7 -2.65 -62.71 22.11
N LYS A 8 -3.49 -63.69 21.72
CA LYS A 8 -4.93 -63.47 21.54
C LYS A 8 -5.63 -63.36 22.90
N GLY A 9 -6.35 -62.23 23.08
CA GLY A 9 -7.06 -61.90 24.31
C GLY A 9 -8.51 -62.31 24.40
N PRO A 10 -9.13 -62.04 25.58
CA PRO A 10 -10.56 -62.40 25.75
C PRO A 10 -11.50 -61.39 25.10
N ALA A 11 -12.80 -61.64 25.24
CA ALA A 11 -13.84 -60.76 24.75
C ALA A 11 -14.10 -59.73 25.84
N VAL A 12 -14.35 -58.49 25.43
CA VAL A 12 -14.60 -57.40 26.38
C VAL A 12 -16.02 -56.86 26.25
N GLY A 13 -16.47 -56.14 27.27
CA GLY A 13 -17.77 -55.50 27.27
C GLY A 13 -17.53 -54.01 27.18
N ILE A 14 -18.17 -53.35 26.23
CA ILE A 14 -17.97 -51.93 26.07
C ILE A 14 -19.25 -51.16 26.16
N ASP A 15 -19.29 -50.17 27.03
CA ASP A 15 -20.46 -49.33 27.17
C ASP A 15 -20.11 -48.08 26.39
N LEU A 16 -20.75 -47.91 25.24
CA LEU A 16 -20.51 -46.74 24.42
C LEU A 16 -21.59 -45.79 24.85
N GLY A 17 -21.21 -44.79 25.62
CA GLY A 17 -22.16 -43.82 26.13
C GLY A 17 -22.10 -42.47 25.45
N THR A 18 -23.13 -41.63 25.74
CA THR A 18 -23.27 -40.27 25.20
C THR A 18 -22.07 -39.38 25.57
N THR A 19 -21.80 -39.20 26.89
CA THR A 19 -20.72 -38.32 27.38
C THR A 19 -19.45 -39.12 27.75
N TYR A 20 -19.58 -40.36 28.23
CA TYR A 20 -18.43 -41.19 28.60
C TYR A 20 -18.58 -42.61 28.10
N SER A 21 -17.47 -43.30 27.81
CA SER A 21 -17.44 -44.70 27.48
C SER A 21 -16.68 -45.46 28.56
N CYS A 22 -16.94 -46.75 28.67
CA CYS A 22 -16.32 -47.61 29.67
C CYS A 22 -16.08 -49.00 29.08
N VAL A 23 -15.03 -49.68 29.53
CA VAL A 23 -14.74 -51.02 29.03
C VAL A 23 -14.43 -52.01 30.16
N GLY A 24 -14.98 -53.21 30.08
CA GLY A 24 -14.75 -54.22 31.10
C GLY A 24 -14.42 -55.60 30.57
N VAL A 25 -13.70 -56.39 31.36
CA VAL A 25 -13.33 -57.74 30.96
C VAL A 25 -13.70 -58.74 32.08
N PHE A 26 -13.98 -59.99 31.72
CA PHE A 26 -14.29 -61.05 32.69
C PHE A 26 -13.09 -62.02 32.74
N GLN A 27 -12.39 -62.00 33.88
CA GLN A 27 -11.23 -62.85 34.13
C GLN A 27 -11.23 -63.33 35.58
N HIS A 28 -10.89 -64.60 35.79
CA HIS A 28 -10.83 -65.21 37.11
C HIS A 28 -12.12 -65.10 37.94
N GLY A 29 -13.24 -65.44 37.32
CA GLY A 29 -14.55 -65.37 37.93
C GLY A 29 -15.01 -64.01 38.41
N LYS A 30 -14.52 -62.92 37.83
CA LYS A 30 -14.88 -61.56 38.23
C LYS A 30 -14.74 -60.59 37.07
N VAL A 31 -15.57 -59.50 37.09
CA VAL A 31 -15.51 -58.43 36.09
C VAL A 31 -14.55 -57.35 36.53
N GLU A 32 -13.63 -57.00 35.65
CA GLU A 32 -12.69 -55.93 35.94
C GLU A 32 -12.94 -54.80 34.97
N ILE A 33 -13.12 -53.61 35.51
CA ILE A 33 -13.34 -52.45 34.67
C ILE A 33 -11.93 -51.95 34.41
N ILE A 34 -11.59 -51.80 33.14
CA ILE A 34 -10.25 -51.39 32.79
C ILE A 34 -10.02 -49.88 32.82
N ALA A 35 -9.00 -49.48 33.57
CA ALA A 35 -8.61 -48.07 33.67
C ALA A 35 -7.78 -47.69 32.47
N ASN A 36 -7.85 -46.41 32.05
CA ASN A 36 -7.09 -45.90 30.90
C ASN A 36 -5.72 -45.42 31.29
N ASP A 37 -4.97 -44.87 30.30
CA ASP A 37 -3.63 -44.27 30.42
C ASP A 37 -3.52 -43.27 31.60
N GLN A 38 -4.57 -42.45 31.80
CA GLN A 38 -4.70 -41.46 32.87
C GLN A 38 -5.08 -42.07 34.24
N GLY A 39 -5.48 -43.34 34.23
CA GLY A 39 -5.89 -44.08 35.42
C GLY A 39 -7.39 -44.08 35.64
N ASN A 40 -8.17 -43.52 34.69
CA ASN A 40 -9.63 -43.40 34.78
C ASN A 40 -10.37 -44.60 34.27
N ARG A 41 -11.36 -45.04 35.03
CA ARG A 41 -12.22 -46.18 34.72
C ARG A 41 -13.30 -45.83 33.67
N THR A 42 -13.48 -44.54 33.34
CA THR A 42 -14.37 -44.04 32.28
C THR A 42 -13.55 -43.08 31.40
N THR A 43 -13.83 -43.09 30.10
CA THR A 43 -13.14 -42.25 29.12
C THR A 43 -14.18 -41.33 28.44
N PRO A 44 -13.94 -39.99 28.31
CA PRO A 44 -14.91 -39.13 27.61
C PRO A 44 -15.11 -39.51 26.15
N SER A 45 -16.37 -39.52 25.73
CA SER A 45 -16.75 -39.83 24.34
C SER A 45 -16.47 -38.61 23.46
N TYR A 46 -15.23 -38.03 23.59
CA TYR A 46 -14.69 -36.84 22.89
C TYR A 46 -13.56 -37.15 21.92
N VAL A 47 -13.63 -36.51 20.75
CA VAL A 47 -12.62 -36.63 19.71
C VAL A 47 -12.24 -35.22 19.31
N ALA A 48 -10.99 -34.81 19.50
CA ALA A 48 -10.54 -33.47 19.11
C ALA A 48 -9.83 -33.52 17.79
N PHE A 49 -10.14 -32.57 16.93
CA PHE A 49 -9.46 -32.43 15.65
C PHE A 49 -8.63 -31.18 15.74
N THR A 50 -7.29 -31.30 15.52
CA THR A 50 -6.39 -30.15 15.66
C THR A 50 -5.58 -29.80 14.39
N ASP A 51 -4.54 -28.97 14.57
CA ASP A 51 -3.66 -28.58 13.47
C ASP A 51 -2.61 -29.65 13.22
N THR A 52 -2.24 -30.41 14.26
CA THR A 52 -1.19 -31.42 14.14
C THR A 52 -1.68 -32.87 14.27
N GLU A 53 -2.71 -33.13 15.10
CA GLU A 53 -3.16 -34.50 15.38
C GLU A 53 -4.68 -34.68 15.66
N ARG A 54 -5.04 -35.89 16.08
CA ARG A 54 -6.39 -36.29 16.46
C ARG A 54 -6.32 -36.76 17.93
N LEU A 55 -7.12 -36.20 18.80
CA LEU A 55 -7.07 -36.64 20.19
C LEU A 55 -8.37 -37.34 20.57
N ILE A 56 -8.31 -38.37 21.40
CA ILE A 56 -9.54 -39.11 21.84
C ILE A 56 -9.53 -39.26 23.37
N GLY A 57 -10.71 -39.06 23.98
CA GLY A 57 -10.91 -39.25 25.40
C GLY A 57 -10.45 -38.10 26.23
N ASP A 58 -9.69 -38.37 27.31
CA ASP A 58 -9.22 -37.33 28.23
C ASP A 58 -8.44 -36.24 27.52
N ALA A 59 -7.50 -36.62 26.62
CA ALA A 59 -6.70 -35.63 25.87
C ALA A 59 -7.58 -34.68 25.04
N ALA A 60 -8.66 -35.19 24.43
CA ALA A 60 -9.58 -34.37 23.64
C ALA A 60 -10.44 -33.46 24.53
N LYS A 61 -10.95 -34.01 25.65
CA LYS A 61 -11.80 -33.24 26.57
C LYS A 61 -11.00 -32.14 27.25
N ASN A 62 -9.76 -32.46 27.71
CA ASN A 62 -8.89 -31.52 28.42
C ASN A 62 -8.55 -30.26 27.61
N GLN A 63 -8.69 -30.29 26.26
CA GLN A 63 -8.40 -29.13 25.38
C GLN A 63 -9.65 -28.51 24.73
N VAL A 64 -10.86 -28.93 25.14
CA VAL A 64 -12.11 -28.42 24.58
C VAL A 64 -12.20 -26.88 24.69
N ALA A 65 -11.73 -26.29 25.81
CA ALA A 65 -11.75 -24.84 26.06
C ALA A 65 -10.90 -24.05 25.06
N MET A 66 -9.82 -24.68 24.57
CA MET A 66 -8.87 -24.09 23.62
C MET A 66 -9.33 -24.21 22.14
N ASN A 67 -10.04 -25.29 21.84
CA ASN A 67 -10.53 -25.60 20.50
C ASN A 67 -11.98 -26.10 20.53
N PRO A 68 -12.92 -25.24 20.89
CA PRO A 68 -14.33 -25.65 20.97
C PRO A 68 -15.03 -26.13 19.68
N THR A 69 -14.76 -25.46 18.56
CA THR A 69 -15.36 -25.78 17.26
C THR A 69 -15.00 -27.13 16.62
N ASN A 70 -13.75 -27.53 16.80
CA ASN A 70 -13.20 -28.76 16.22
C ASN A 70 -13.08 -29.91 17.24
N THR A 71 -13.80 -29.82 18.37
CA THR A 71 -13.84 -30.88 19.38
C THR A 71 -15.24 -31.44 19.35
N VAL A 72 -15.36 -32.71 18.93
CA VAL A 72 -16.64 -33.40 18.75
C VAL A 72 -16.97 -34.30 19.94
N PHE A 73 -18.25 -34.28 20.30
CA PHE A 73 -18.81 -35.04 21.40
C PHE A 73 -20.31 -35.22 21.12
N ASP A 74 -20.96 -36.12 21.84
CA ASP A 74 -22.39 -36.36 21.64
C ASP A 74 -22.77 -37.01 20.31
N ALA A 75 -21.88 -37.85 19.78
CA ALA A 75 -22.13 -38.53 18.52
C ALA A 75 -23.34 -39.45 18.62
N LYS A 76 -23.46 -40.11 19.77
CA LYS A 76 -24.56 -41.04 20.06
C LYS A 76 -25.95 -40.41 19.84
N ARG A 77 -26.01 -39.08 19.93
CA ARG A 77 -27.24 -38.32 19.70
C ARG A 77 -27.50 -38.18 18.20
N LEU A 78 -26.46 -38.42 17.34
CA LEU A 78 -26.52 -38.27 15.89
C LEU A 78 -26.57 -39.61 15.16
N ILE A 79 -25.75 -40.60 15.62
CA ILE A 79 -25.65 -41.98 15.07
C ILE A 79 -27.02 -42.60 14.67
N GLY A 80 -27.15 -42.95 13.39
CA GLY A 80 -28.34 -43.58 12.83
C GLY A 80 -29.53 -42.69 12.53
N ARG A 81 -29.38 -41.38 12.72
CA ARG A 81 -30.48 -40.45 12.48
C ARG A 81 -30.36 -39.64 11.19
N ARG A 82 -31.50 -39.22 10.67
CA ARG A 82 -31.56 -38.41 9.47
C ARG A 82 -31.28 -36.96 9.87
N PHE A 83 -30.79 -36.17 8.94
CA PHE A 83 -30.49 -34.77 9.20
C PHE A 83 -31.74 -33.96 9.55
N ASP A 84 -32.84 -34.29 8.87
CA ASP A 84 -34.12 -33.62 9.07
C ASP A 84 -34.80 -34.04 10.37
N ASP A 85 -34.23 -35.04 11.05
CA ASP A 85 -34.77 -35.53 12.29
C ASP A 85 -34.81 -34.39 13.30
N ALA A 86 -35.87 -34.36 14.10
CA ALA A 86 -36.09 -33.31 15.09
C ALA A 86 -35.02 -33.22 16.16
N VAL A 87 -34.52 -34.36 16.62
CA VAL A 87 -33.49 -34.37 17.65
C VAL A 87 -32.24 -33.69 17.12
N VAL A 88 -31.90 -33.97 15.87
CA VAL A 88 -30.72 -33.38 15.23
C VAL A 88 -30.83 -31.87 15.07
N GLN A 89 -32.02 -31.41 14.72
CA GLN A 89 -32.28 -29.99 14.52
C GLN A 89 -32.25 -29.20 15.82
N SER A 90 -32.75 -29.82 16.88
CA SER A 90 -32.78 -29.20 18.20
C SER A 90 -31.40 -29.20 18.88
N ASP A 91 -30.71 -30.35 18.83
CA ASP A 91 -29.43 -30.55 19.48
C ASP A 91 -28.33 -29.72 18.91
N MET A 92 -28.31 -29.56 17.56
CA MET A 92 -27.24 -28.82 16.89
C MET A 92 -27.23 -27.34 17.24
N LYS A 93 -28.37 -26.76 17.65
CA LYS A 93 -28.51 -25.38 18.10
C LYS A 93 -27.67 -25.10 19.39
N HIS A 94 -27.13 -26.18 19.97
CA HIS A 94 -26.32 -26.09 21.19
C HIS A 94 -24.85 -26.58 21.11
N TRP A 95 -24.46 -27.26 20.03
CA TRP A 95 -23.08 -27.76 19.90
C TRP A 95 -22.14 -26.67 19.38
N PRO A 96 -20.87 -26.63 19.83
CA PRO A 96 -19.94 -25.62 19.29
C PRO A 96 -19.45 -25.99 17.89
N PHE A 97 -19.67 -27.26 17.47
CA PHE A 97 -19.27 -27.80 16.18
C PHE A 97 -20.39 -27.74 15.13
N MET A 98 -19.98 -27.74 13.85
CA MET A 98 -20.85 -27.71 12.70
C MET A 98 -21.35 -29.10 12.35
N VAL A 99 -22.67 -29.23 12.12
CA VAL A 99 -23.29 -30.46 11.66
C VAL A 99 -23.86 -30.10 10.31
N VAL A 100 -23.46 -30.83 9.28
CA VAL A 100 -23.91 -30.57 7.92
C VAL A 100 -24.81 -31.70 7.39
N ASN A 101 -25.62 -31.37 6.36
CA ASN A 101 -26.47 -32.30 5.63
C ASN A 101 -25.67 -32.80 4.45
N ASP A 102 -25.60 -34.12 4.30
CA ASP A 102 -24.92 -34.76 3.18
C ASP A 102 -25.84 -35.85 2.64
N ALA A 103 -26.64 -35.48 1.63
CA ALA A 103 -27.65 -36.34 1.00
C ALA A 103 -28.65 -36.96 2.02
N GLY A 104 -29.20 -36.10 2.89
CA GLY A 104 -30.17 -36.47 3.91
C GLY A 104 -29.57 -36.93 5.24
N ARG A 105 -28.27 -37.25 5.24
CA ARG A 105 -27.56 -37.76 6.41
C ARG A 105 -26.76 -36.67 7.16
N PRO A 106 -26.65 -36.71 8.52
CA PRO A 106 -25.79 -35.73 9.20
C PRO A 106 -24.32 -36.11 9.14
N LYS A 107 -23.47 -35.09 9.14
CA LYS A 107 -22.04 -35.23 9.17
C LYS A 107 -21.56 -34.09 10.06
N VAL A 108 -20.45 -34.27 10.75
CA VAL A 108 -19.94 -33.20 11.59
C VAL A 108 -18.76 -32.59 10.85
N GLN A 109 -18.75 -31.28 10.73
CA GLN A 109 -17.68 -30.61 10.01
C GLN A 109 -16.62 -29.99 10.92
N VAL A 110 -15.39 -30.43 10.70
CA VAL A 110 -14.22 -29.96 11.47
C VAL A 110 -13.04 -29.49 10.60
N GLU A 111 -12.03 -28.90 11.26
CA GLU A 111 -10.78 -28.48 10.64
C GLU A 111 -9.68 -29.37 11.23
N TYR A 112 -9.25 -30.36 10.43
CA TYR A 112 -8.25 -31.34 10.77
C TYR A 112 -7.02 -31.14 9.88
N LYS A 113 -5.86 -30.80 10.50
CA LYS A 113 -4.57 -30.55 9.86
C LYS A 113 -4.67 -29.50 8.71
N GLY A 114 -5.36 -28.38 9.00
CA GLY A 114 -5.53 -27.28 8.05
C GLY A 114 -6.64 -27.41 7.02
N GLU A 115 -7.11 -28.65 6.75
CA GLU A 115 -8.17 -28.94 5.78
C GLU A 115 -9.55 -29.02 6.46
N THR A 116 -10.60 -28.72 5.71
CA THR A 116 -11.96 -28.86 6.21
C THR A 116 -12.40 -30.27 5.86
N LYS A 117 -12.77 -31.06 6.88
CA LYS A 117 -13.15 -32.46 6.73
C LYS A 117 -14.48 -32.74 7.41
N SER A 118 -15.21 -33.71 6.87
CA SER A 118 -16.47 -34.16 7.43
C SER A 118 -16.40 -35.64 7.83
N PHE A 119 -17.03 -35.98 8.93
CA PHE A 119 -17.06 -37.34 9.47
C PHE A 119 -18.46 -37.71 9.80
N TYR A 120 -18.83 -38.96 9.54
CA TYR A 120 -20.16 -39.44 9.89
C TYR A 120 -20.18 -39.72 11.39
N PRO A 121 -21.37 -39.67 12.07
CA PRO A 121 -21.40 -39.99 13.51
C PRO A 121 -20.77 -41.34 13.85
N GLU A 122 -21.02 -42.37 13.03
CA GLU A 122 -20.45 -43.71 13.24
C GLU A 122 -18.92 -43.70 13.16
N GLU A 123 -18.33 -42.88 12.25
CA GLU A 123 -16.89 -42.72 12.07
C GLU A 123 -16.27 -42.14 13.34
N VAL A 124 -16.91 -41.10 13.91
CA VAL A 124 -16.48 -40.49 15.17
C VAL A 124 -16.60 -41.54 16.26
N SER A 125 -17.68 -42.33 16.24
CA SER A 125 -17.92 -43.35 17.25
C SER A 125 -16.91 -44.52 17.17
N SER A 126 -16.40 -44.82 15.97
CA SER A 126 -15.38 -45.85 15.77
C SER A 126 -14.09 -45.42 16.44
N MET A 127 -13.75 -44.11 16.40
CA MET A 127 -12.54 -43.54 17.04
C MET A 127 -12.60 -43.68 18.57
N VAL A 128 -13.82 -43.60 19.14
CA VAL A 128 -14.07 -43.74 20.57
C VAL A 128 -14.00 -45.24 20.93
N LEU A 129 -14.45 -46.16 20.05
CA LEU A 129 -14.36 -47.62 20.27
C LEU A 129 -12.91 -48.12 20.10
N THR A 130 -12.15 -47.47 19.20
CA THR A 130 -10.74 -47.76 18.96
C THR A 130 -9.96 -47.52 20.23
N LYS A 131 -10.23 -46.39 20.89
CA LYS A 131 -9.59 -46.02 22.15
C LYS A 131 -9.95 -47.01 23.25
N MET A 132 -11.19 -47.56 23.28
CA MET A 132 -11.61 -48.55 24.30
C MET A 132 -10.84 -49.87 24.11
N LYS A 133 -10.75 -50.35 22.86
CA LYS A 133 -10.01 -51.54 22.48
C LYS A 133 -8.55 -51.41 22.97
N GLU A 134 -7.89 -50.24 22.67
CA GLU A 134 -6.51 -49.90 23.05
C GLU A 134 -6.31 -49.88 24.58
N ILE A 135 -7.29 -49.34 25.30
CA ILE A 135 -7.32 -49.27 26.77
C ILE A 135 -7.30 -50.71 27.35
N ALA A 136 -8.10 -51.62 26.77
CA ALA A 136 -8.20 -53.03 27.14
C ALA A 136 -6.93 -53.81 26.81
N GLU A 137 -6.28 -53.51 25.66
CA GLU A 137 -5.05 -54.17 25.23
C GLU A 137 -3.91 -53.77 26.14
N ALA A 138 -3.84 -52.48 26.53
CA ALA A 138 -2.78 -52.00 27.41
C ALA A 138 -2.83 -52.70 28.77
N TYR A 139 -4.04 -52.95 29.25
CA TYR A 139 -4.22 -53.67 30.50
C TYR A 139 -3.88 -55.18 30.43
N LEU A 140 -4.41 -55.89 29.42
CA LEU A 140 -4.23 -57.33 29.31
C LEU A 140 -2.88 -57.77 28.77
N GLY A 141 -2.29 -56.93 27.94
CA GLY A 141 -1.01 -57.22 27.28
C GLY A 141 -1.20 -58.24 26.17
N LYS A 142 -2.46 -58.34 25.69
CA LYS A 142 -2.96 -59.26 24.67
C LYS A 142 -3.86 -58.46 23.73
N THR A 143 -3.96 -58.90 22.46
CA THR A 143 -4.82 -58.25 21.45
C THR A 143 -6.27 -58.61 21.67
N VAL A 144 -7.14 -57.59 21.66
CA VAL A 144 -8.61 -57.64 21.87
C VAL A 144 -9.31 -57.40 20.53
N THR A 145 -10.28 -58.25 20.17
CA THR A 145 -11.04 -58.16 18.92
C THR A 145 -12.52 -58.28 19.19
N ASN A 146 -12.93 -59.35 19.89
CA ASN A 146 -14.31 -59.63 20.21
C ASN A 146 -14.82 -58.74 21.32
N ALA A 147 -16.03 -58.20 21.13
CA ALA A 147 -16.66 -57.34 22.13
C ALA A 147 -18.16 -57.30 21.98
N VAL A 148 -18.83 -56.98 23.09
CA VAL A 148 -20.26 -56.77 23.18
C VAL A 148 -20.39 -55.25 23.37
N VAL A 149 -21.11 -54.57 22.47
CA VAL A 149 -21.31 -53.12 22.55
C VAL A 149 -22.76 -52.84 22.90
N THR A 150 -23.01 -51.93 23.81
CA THR A 150 -24.38 -51.59 24.22
C THR A 150 -25.04 -50.43 23.41
N VAL A 151 -26.37 -50.43 23.37
CA VAL A 151 -27.20 -49.37 22.77
C VAL A 151 -28.47 -49.11 23.62
N PRO A 152 -29.03 -47.86 23.64
CA PRO A 152 -30.30 -47.65 24.37
C PRO A 152 -31.41 -48.53 23.78
N ALA A 153 -32.31 -49.06 24.61
CA ALA A 153 -33.41 -49.92 24.16
C ALA A 153 -34.31 -49.30 23.10
N TYR A 154 -34.37 -47.95 23.04
CA TYR A 154 -35.18 -47.17 22.09
C TYR A 154 -34.51 -46.92 20.73
N PHE A 155 -33.27 -47.38 20.55
CA PHE A 155 -32.55 -47.24 19.28
C PHE A 155 -33.25 -48.05 18.21
N ASN A 156 -33.69 -47.39 17.13
CA ASN A 156 -34.35 -48.04 16.02
C ASN A 156 -33.35 -48.89 15.21
N ASP A 157 -33.82 -49.49 14.10
CA ASP A 157 -32.98 -50.35 13.25
C ASP A 157 -31.73 -49.63 12.77
N SER A 158 -31.93 -48.37 12.31
CA SER A 158 -30.89 -47.49 11.77
C SER A 158 -29.80 -47.21 12.82
N GLN A 159 -30.16 -46.76 14.05
CA GLN A 159 -29.22 -46.47 15.12
C GLN A 159 -28.38 -47.68 15.49
N ARG A 160 -29.00 -48.86 15.64
CA ARG A 160 -28.32 -50.14 15.97
C ARG A 160 -27.27 -50.53 14.94
N GLN A 161 -27.65 -50.48 13.65
CA GLN A 161 -26.72 -50.80 12.56
C GLN A 161 -25.55 -49.83 12.49
N ALA A 162 -25.81 -48.53 12.61
CA ALA A 162 -24.75 -47.51 12.62
C ALA A 162 -23.75 -47.78 13.76
N THR A 163 -24.23 -48.31 14.93
CA THR A 163 -23.36 -48.68 16.07
C THR A 163 -22.60 -49.95 15.72
N LYS A 164 -23.25 -50.93 15.10
CA LYS A 164 -22.56 -52.16 14.67
C LYS A 164 -21.42 -51.74 13.71
N ASP A 165 -21.70 -50.71 12.90
CA ASP A 165 -20.75 -50.18 11.91
C ASP A 165 -19.60 -49.43 12.52
N ALA A 166 -19.76 -48.82 13.71
CA ALA A 166 -18.67 -48.19 14.44
C ALA A 166 -17.73 -49.29 14.91
N GLY A 167 -18.28 -50.42 15.35
CA GLY A 167 -17.51 -51.56 15.82
C GLY A 167 -16.63 -52.19 14.75
N THR A 168 -17.21 -52.35 13.54
CA THR A 168 -16.55 -52.87 12.34
C THR A 168 -15.37 -51.95 11.87
N ILE A 169 -15.62 -50.62 11.78
CA ILE A 169 -14.63 -49.61 11.39
C ILE A 169 -13.48 -49.56 12.43
N ALA A 170 -13.80 -49.80 13.72
CA ALA A 170 -12.80 -49.84 14.79
C ALA A 170 -11.93 -51.13 14.74
N GLY A 171 -12.41 -52.15 14.04
CA GLY A 171 -11.71 -53.43 13.89
C GLY A 171 -12.15 -54.49 14.89
N LEU A 172 -13.32 -54.24 15.52
CA LEU A 172 -13.89 -55.12 16.49
C LEU A 172 -14.83 -56.15 15.84
N ASN A 173 -14.91 -57.33 16.47
CA ASN A 173 -15.83 -58.38 16.15
C ASN A 173 -16.98 -58.18 17.14
N VAL A 174 -18.06 -57.50 16.72
CA VAL A 174 -19.18 -57.27 17.64
C VAL A 174 -19.97 -58.55 17.80
N LEU A 175 -19.71 -59.27 18.90
CA LEU A 175 -20.35 -60.55 19.28
C LEU A 175 -21.83 -60.41 19.46
N ARG A 176 -22.31 -59.25 19.93
CA ARG A 176 -23.72 -58.93 20.14
C ARG A 176 -23.87 -57.49 20.53
N ILE A 177 -24.95 -56.85 20.09
CA ILE A 177 -25.33 -55.48 20.42
C ILE A 177 -26.44 -55.67 21.46
N ILE A 178 -26.18 -55.35 22.73
CA ILE A 178 -27.25 -55.53 23.72
C ILE A 178 -27.77 -54.21 24.25
N ASN A 179 -29.05 -54.20 24.63
CA ASN A 179 -29.71 -53.06 25.24
C ASN A 179 -28.99 -52.73 26.55
N GLU A 180 -28.86 -51.44 26.86
CA GLU A 180 -28.17 -51.07 28.07
C GLU A 180 -28.91 -51.60 29.30
N PRO A 181 -30.23 -51.55 29.28
CA PRO A 181 -31.01 -52.06 30.41
C PRO A 181 -30.76 -53.54 30.64
N THR A 182 -30.64 -54.30 29.55
CA THR A 182 -30.40 -55.74 29.64
C THR A 182 -29.04 -56.04 30.25
N ALA A 183 -28.02 -55.28 29.87
CA ALA A 183 -26.67 -55.45 30.43
C ALA A 183 -26.64 -55.17 31.94
N ALA A 184 -27.49 -54.22 32.41
CA ALA A 184 -27.60 -53.89 33.82
C ALA A 184 -28.21 -55.09 34.55
N ALA A 185 -29.27 -55.73 33.95
CA ALA A 185 -29.95 -56.88 34.50
C ALA A 185 -29.02 -58.07 34.57
N ILE A 186 -28.14 -58.20 33.57
CA ILE A 186 -27.17 -59.28 33.49
C ILE A 186 -26.14 -59.15 34.62
N ALA A 187 -25.64 -57.91 34.90
CA ALA A 187 -24.67 -57.62 35.98
C ALA A 187 -25.20 -58.07 37.37
N TYR A 188 -26.49 -57.80 37.64
CA TYR A 188 -27.12 -58.13 38.90
C TYR A 188 -27.54 -59.59 38.97
N GLY A 189 -27.33 -60.29 37.86
CA GLY A 189 -27.66 -61.69 37.66
C GLY A 189 -29.14 -61.97 37.71
N LEU A 190 -29.95 -61.03 37.27
CA LEU A 190 -31.39 -61.20 37.28
C LEU A 190 -31.89 -62.39 36.46
N ASP A 191 -31.23 -62.64 35.33
CA ASP A 191 -31.59 -63.73 34.45
C ASP A 191 -31.48 -65.10 35.13
N LYS A 192 -30.44 -65.23 35.95
CA LYS A 192 -30.11 -66.44 36.70
C LYS A 192 -31.10 -66.88 37.78
N LYS A 193 -31.86 -65.95 38.35
CA LYS A 193 -32.78 -66.28 39.41
C LYS A 193 -33.87 -67.29 39.04
N VAL A 194 -34.06 -68.24 39.96
CA VAL A 194 -35.06 -69.29 39.86
C VAL A 194 -36.46 -68.76 40.13
N GLY A 195 -37.45 -69.38 39.52
CA GLY A 195 -38.84 -68.95 39.68
C GLY A 195 -39.55 -68.69 38.37
N ALA A 196 -40.62 -67.84 38.43
CA ALA A 196 -41.41 -67.47 37.25
C ALA A 196 -40.79 -66.29 36.48
N GLU A 197 -41.56 -65.68 35.53
CA GLU A 197 -41.09 -64.52 34.79
C GLU A 197 -40.98 -63.34 35.74
N ARG A 198 -39.95 -62.52 35.52
CA ARG A 198 -39.64 -61.37 36.36
C ARG A 198 -39.83 -60.10 35.59
N ASN A 199 -40.54 -59.15 36.22
CA ASN A 199 -40.70 -57.83 35.65
C ASN A 199 -39.60 -57.00 36.30
N VAL A 200 -38.78 -56.36 35.49
CA VAL A 200 -37.66 -55.59 36.00
C VAL A 200 -37.67 -54.16 35.50
N LEU A 201 -37.45 -53.23 36.41
CA LEU A 201 -37.42 -51.82 36.03
C LEU A 201 -35.99 -51.33 36.17
N ILE A 202 -35.47 -50.74 35.11
CA ILE A 202 -34.12 -50.21 35.13
C ILE A 202 -34.25 -48.70 35.18
N PHE A 203 -33.65 -48.10 36.20
CA PHE A 203 -33.70 -46.67 36.35
C PHE A 203 -32.34 -46.15 35.96
N ASP A 204 -32.25 -45.51 34.80
CA ASP A 204 -30.96 -45.00 34.34
C ASP A 204 -30.98 -43.48 34.30
N LEU A 205 -30.13 -42.89 35.13
CA LEU A 205 -30.02 -41.43 35.21
C LEU A 205 -28.56 -41.05 35.29
N GLY A 206 -27.98 -40.73 34.13
CA GLY A 206 -26.58 -40.37 34.04
C GLY A 206 -26.15 -40.25 32.60
N GLY A 207 -24.97 -39.68 32.37
CA GLY A 207 -24.41 -39.45 31.05
C GLY A 207 -25.29 -38.52 30.22
N GLY A 208 -25.82 -37.48 30.88
CA GLY A 208 -26.68 -36.44 30.32
C GLY A 208 -28.05 -36.83 29.79
N THR A 209 -28.50 -38.08 30.03
CA THR A 209 -29.79 -38.60 29.61
C THR A 209 -30.47 -39.30 30.78
N PHE A 210 -31.80 -39.42 30.71
CA PHE A 210 -32.56 -40.12 31.73
C PHE A 210 -33.39 -41.18 31.02
N ASP A 211 -33.22 -42.44 31.39
CA ASP A 211 -33.95 -43.51 30.74
C ASP A 211 -34.59 -44.51 31.68
N VAL A 212 -35.86 -44.83 31.44
CA VAL A 212 -36.55 -45.82 32.26
C VAL A 212 -37.00 -46.95 31.34
N SER A 213 -36.62 -48.18 31.68
CA SER A 213 -37.00 -49.36 30.89
C SER A 213 -37.56 -50.45 31.80
N ILE A 214 -38.58 -51.14 31.30
CA ILE A 214 -39.19 -52.27 31.95
C ILE A 214 -38.96 -53.46 31.06
N LEU A 215 -38.33 -54.51 31.60
CA LEU A 215 -38.06 -55.76 30.89
C LEU A 215 -38.77 -56.88 31.60
N THR A 216 -38.96 -58.00 30.90
CA THR A 216 -39.52 -59.22 31.46
C THR A 216 -38.56 -60.37 31.08
N ILE A 217 -37.99 -61.03 32.07
CA ILE A 217 -37.11 -62.17 31.82
C ILE A 217 -37.84 -63.47 32.20
N GLU A 218 -37.88 -64.42 31.30
CA GLU A 218 -38.42 -65.76 31.49
C GLU A 218 -37.46 -66.75 30.84
N ASP A 219 -36.97 -67.72 31.62
CA ASP A 219 -36.01 -68.76 31.21
C ASP A 219 -34.84 -68.18 30.39
N GLY A 220 -34.26 -67.11 30.90
CA GLY A 220 -33.10 -66.45 30.30
C GLY A 220 -33.34 -65.63 29.03
N ILE A 221 -34.61 -65.36 28.70
CA ILE A 221 -35.00 -64.59 27.53
C ILE A 221 -35.47 -63.21 28.00
N PHE A 222 -34.93 -62.13 27.39
CA PHE A 222 -35.29 -60.76 27.78
C PHE A 222 -36.28 -60.15 26.76
N GLU A 223 -37.23 -59.31 27.26
CA GLU A 223 -38.23 -58.63 26.44
C GLU A 223 -38.49 -57.21 26.94
N VAL A 224 -38.15 -56.19 26.13
CA VAL A 224 -38.43 -54.78 26.47
C VAL A 224 -39.93 -54.61 26.40
N LYS A 225 -40.56 -54.27 27.52
CA LYS A 225 -42.00 -54.10 27.55
C LYS A 225 -42.38 -52.60 27.46
N SER A 226 -41.43 -51.71 27.80
CA SER A 226 -41.59 -50.25 27.73
C SER A 226 -40.30 -49.48 27.92
N THR A 227 -40.32 -48.21 27.50
CA THR A 227 -39.20 -47.25 27.62
C THR A 227 -39.78 -45.84 27.77
N ALA A 228 -39.18 -45.02 28.64
CA ALA A 228 -39.59 -43.63 28.87
C ALA A 228 -38.40 -42.83 29.38
N GLY A 229 -38.59 -41.52 29.62
CA GLY A 229 -37.55 -40.65 30.18
C GLY A 229 -37.41 -39.28 29.56
N ASP A 230 -36.36 -38.54 29.95
CA ASP A 230 -36.01 -37.23 29.40
C ASP A 230 -34.60 -37.34 28.78
N THR A 231 -34.51 -37.08 27.46
CA THR A 231 -33.27 -37.17 26.69
C THR A 231 -32.22 -36.11 27.06
N HIS A 232 -32.63 -35.06 27.78
CA HIS A 232 -31.70 -34.00 28.19
C HIS A 232 -31.52 -33.75 29.70
N LEU A 233 -32.03 -34.64 30.54
CA LEU A 233 -31.93 -34.51 32.00
C LEU A 233 -30.72 -35.30 32.50
N GLY A 234 -29.96 -34.68 33.40
CA GLY A 234 -28.75 -35.27 33.98
C GLY A 234 -28.12 -34.44 35.10
N GLY A 235 -26.98 -34.90 35.58
CA GLY A 235 -26.20 -34.28 36.66
C GLY A 235 -25.83 -32.82 36.47
N GLU A 236 -25.67 -32.36 35.22
CA GLU A 236 -25.36 -30.97 34.89
C GLU A 236 -26.56 -30.04 35.21
N ASP A 237 -27.80 -30.55 35.14
CA ASP A 237 -29.02 -29.79 35.45
C ASP A 237 -29.10 -29.51 36.94
N PHE A 238 -28.62 -30.44 37.74
CA PHE A 238 -28.58 -30.29 39.18
C PHE A 238 -27.58 -29.22 39.55
N ASP A 239 -26.47 -29.21 38.81
CA ASP A 239 -25.37 -28.25 38.99
C ASP A 239 -25.77 -26.81 38.74
N ASN A 240 -26.59 -26.59 37.73
CA ASN A 240 -27.02 -25.24 37.40
C ASN A 240 -27.78 -24.61 38.55
N ARG A 241 -28.61 -25.42 39.20
CA ARG A 241 -29.40 -24.97 40.34
C ARG A 241 -28.50 -24.59 41.53
N MET A 242 -27.36 -25.29 41.69
CA MET A 242 -26.39 -24.98 42.73
C MET A 242 -25.68 -23.69 42.37
N VAL A 243 -25.31 -23.53 41.09
CA VAL A 243 -24.62 -22.36 40.59
C VAL A 243 -25.52 -21.11 40.75
N ASN A 244 -26.80 -21.21 40.40
CA ASN A 244 -27.72 -20.08 40.57
C ASN A 244 -27.87 -19.73 42.01
N HIS A 245 -27.97 -20.73 42.86
CA HIS A 245 -28.14 -20.50 44.28
C HIS A 245 -26.94 -19.72 44.78
N PHE A 246 -25.76 -20.13 44.36
CA PHE A 246 -24.53 -19.45 44.74
C PHE A 246 -24.37 -18.05 44.17
N ILE A 247 -24.77 -17.86 42.91
CA ILE A 247 -24.68 -16.56 42.27
C ILE A 247 -25.57 -15.56 42.99
N ALA A 248 -26.76 -16.00 43.35
CA ALA A 248 -27.71 -15.17 44.11
C ALA A 248 -27.21 -14.96 45.55
N GLU A 249 -26.49 -15.95 46.13
CA GLU A 249 -25.91 -15.82 47.48
C GLU A 249 -24.82 -14.74 47.45
N PHE A 250 -23.99 -14.71 46.38
CA PHE A 250 -22.94 -13.71 46.20
C PHE A 250 -23.56 -12.31 46.05
N LYS A 251 -24.67 -12.20 45.33
CA LYS A 251 -25.41 -10.96 45.18
C LYS A 251 -25.93 -10.50 46.55
N ARG A 252 -26.47 -11.42 47.38
CA ARG A 252 -26.96 -11.07 48.71
C ARG A 252 -25.82 -10.61 49.62
N LYS A 253 -24.79 -11.47 49.81
CA LYS A 253 -23.62 -11.19 50.69
C LYS A 253 -22.66 -10.09 50.20
N HIS A 254 -22.54 -9.86 48.89
CA HIS A 254 -21.62 -8.82 48.41
C HIS A 254 -22.13 -7.74 47.44
N LYS A 255 -23.34 -7.89 46.96
CA LYS A 255 -24.00 -6.96 46.01
C LYS A 255 -23.17 -6.78 44.71
N LYS A 256 -22.57 -7.88 44.20
CA LYS A 256 -21.80 -7.93 42.95
C LYS A 256 -22.27 -9.07 42.09
N ASP A 257 -22.32 -8.90 40.77
CA ASP A 257 -22.78 -9.98 39.90
C ASP A 257 -21.60 -10.66 39.22
N ILE A 258 -21.38 -11.93 39.53
CA ILE A 258 -20.29 -12.68 38.95
C ILE A 258 -20.72 -13.50 37.75
N SER A 259 -22.01 -13.42 37.42
CA SER A 259 -22.58 -14.17 36.30
C SER A 259 -21.95 -13.82 34.97
N GLU A 260 -21.59 -12.56 34.81
CA GLU A 260 -20.99 -12.05 33.57
C GLU A 260 -19.52 -12.45 33.38
N ASN A 261 -18.83 -12.92 34.43
CA ASN A 261 -17.44 -13.35 34.39
C ASN A 261 -17.35 -14.87 34.22
N LYS A 262 -16.99 -15.32 33.00
CA LYS A 262 -16.88 -16.73 32.65
C LYS A 262 -15.94 -17.53 33.55
N ARG A 263 -14.82 -16.91 33.98
CA ARG A 263 -13.83 -17.58 34.85
C ARG A 263 -14.30 -17.79 36.26
N ALA A 264 -15.04 -16.80 36.85
CA ALA A 264 -15.66 -16.86 38.20
C ALA A 264 -16.68 -18.00 38.21
N VAL A 265 -17.56 -18.00 37.19
CA VAL A 265 -18.64 -18.96 37.03
C VAL A 265 -18.09 -20.38 36.88
N ARG A 266 -17.04 -20.57 36.07
CA ARG A 266 -16.41 -21.88 35.93
C ARG A 266 -15.82 -22.33 37.28
N ARG A 267 -15.01 -21.45 37.97
CA ARG A 267 -14.43 -21.80 39.28
C ARG A 267 -15.53 -22.29 40.18
N LEU A 268 -16.69 -21.58 40.17
CA LEU A 268 -17.86 -21.90 40.98
C LEU A 268 -18.51 -23.22 40.55
N ARG A 269 -18.66 -23.45 39.23
CA ARG A 269 -19.27 -24.66 38.69
C ARG A 269 -18.46 -25.87 39.11
N THR A 270 -17.14 -25.85 38.84
CA THR A 270 -16.21 -26.93 39.20
C THR A 270 -16.33 -27.26 40.70
N ALA A 271 -16.52 -26.23 41.54
CA ALA A 271 -16.65 -26.39 42.98
C ALA A 271 -18.00 -27.00 43.37
N CYS A 272 -19.08 -26.70 42.59
CA CYS A 272 -20.41 -27.25 42.81
C CYS A 272 -20.48 -28.76 42.45
N GLU A 273 -19.70 -29.20 41.44
CA GLU A 273 -19.65 -30.61 41.02
C GLU A 273 -19.01 -31.44 42.13
N ARG A 274 -17.97 -30.91 42.77
CA ARG A 274 -17.31 -31.60 43.87
C ARG A 274 -18.24 -31.66 45.08
N ALA A 275 -18.93 -30.54 45.35
CA ALA A 275 -19.87 -30.42 46.47
C ALA A 275 -21.09 -31.32 46.30
N LYS A 276 -21.61 -31.45 45.07
CA LYS A 276 -22.73 -32.36 44.81
C LYS A 276 -22.31 -33.81 45.10
N ARG A 277 -21.09 -34.23 44.66
CA ARG A 277 -20.57 -35.58 44.90
C ARG A 277 -20.41 -35.90 46.42
N THR A 278 -19.84 -34.97 47.18
CA THR A 278 -19.67 -35.09 48.62
C THR A 278 -21.05 -35.20 49.28
N LEU A 279 -22.09 -34.56 48.68
CA LEU A 279 -23.43 -34.57 49.30
C LEU A 279 -24.15 -35.92 49.18
N SER A 280 -23.54 -36.85 48.43
CA SER A 280 -24.04 -38.20 48.26
C SER A 280 -23.68 -39.05 49.45
N SER A 281 -22.55 -38.76 50.08
CA SER A 281 -22.09 -39.51 51.24
C SER A 281 -21.97 -38.66 52.50
N SER A 282 -22.25 -37.37 52.40
CA SER A 282 -22.17 -36.47 53.54
C SER A 282 -23.36 -35.52 53.59
N THR A 283 -23.67 -35.10 54.80
CA THR A 283 -24.74 -34.15 55.12
C THR A 283 -24.48 -32.73 54.62
N GLN A 284 -23.22 -32.29 54.71
CA GLN A 284 -22.85 -30.94 54.27
C GLN A 284 -21.54 -30.90 53.48
N ALA A 285 -21.42 -29.92 52.58
CA ALA A 285 -20.23 -29.73 51.75
C ALA A 285 -19.70 -28.32 51.90
N SER A 286 -18.39 -28.16 52.00
CA SER A 286 -17.80 -26.83 52.18
C SER A 286 -17.03 -26.42 50.92
N ILE A 287 -17.14 -25.13 50.58
CA ILE A 287 -16.47 -24.55 49.42
C ILE A 287 -15.65 -23.33 49.89
N GLU A 288 -14.37 -23.28 49.48
CA GLU A 288 -13.48 -22.18 49.81
C GLU A 288 -12.77 -21.73 48.53
N ILE A 289 -13.28 -20.66 47.92
CA ILE A 289 -12.68 -20.11 46.71
C ILE A 289 -12.01 -18.78 47.05
N ASP A 290 -10.68 -18.70 46.95
CA ASP A 290 -9.98 -17.45 47.21
C ASP A 290 -10.08 -16.52 45.99
N SER A 291 -10.41 -15.21 46.21
CA SER A 291 -10.55 -14.16 45.20
C SER A 291 -11.40 -14.62 44.00
N LEU A 292 -12.71 -14.89 44.23
CA LEU A 292 -13.60 -15.38 43.18
C LEU A 292 -13.92 -14.31 42.14
N TYR A 293 -14.21 -13.09 42.62
CA TYR A 293 -14.59 -11.97 41.79
C TYR A 293 -14.35 -10.70 42.55
N GLU A 294 -13.62 -9.74 41.93
CA GLU A 294 -13.26 -8.42 42.49
C GLU A 294 -12.52 -8.55 43.82
N GLY A 295 -11.69 -9.60 43.90
CA GLY A 295 -10.84 -9.91 45.03
C GLY A 295 -11.55 -10.34 46.29
N ILE A 296 -12.84 -10.69 46.17
CA ILE A 296 -13.65 -11.14 47.32
C ILE A 296 -13.54 -12.67 47.40
N ASP A 297 -13.24 -13.17 48.59
CA ASP A 297 -13.14 -14.60 48.83
C ASP A 297 -14.53 -15.22 49.06
N PHE A 298 -14.76 -16.37 48.45
CA PHE A 298 -16.02 -17.10 48.58
C PHE A 298 -15.91 -18.31 49.50
N TYR A 299 -16.25 -18.11 50.75
CA TYR A 299 -16.28 -19.22 51.71
C TYR A 299 -17.74 -19.44 52.07
N THR A 300 -18.26 -20.57 51.65
CA THR A 300 -19.66 -20.93 51.88
C THR A 300 -19.74 -22.43 52.11
N SER A 301 -20.95 -22.89 52.42
CA SER A 301 -21.23 -24.30 52.66
C SER A 301 -22.64 -24.60 52.17
N ILE A 302 -22.90 -25.86 51.84
CA ILE A 302 -24.22 -26.27 51.37
C ILE A 302 -24.67 -27.54 52.08
N THR A 303 -25.95 -27.62 52.45
CA THR A 303 -26.46 -28.81 53.11
C THR A 303 -27.13 -29.72 52.09
N ARG A 304 -27.18 -31.00 52.41
CA ARG A 304 -27.78 -32.00 51.52
C ARG A 304 -29.28 -31.60 51.41
N ALA A 305 -29.87 -31.10 52.52
CA ALA A 305 -31.24 -30.62 52.55
C ALA A 305 -31.47 -29.52 51.49
N ARG A 306 -30.64 -28.45 51.50
CA ARG A 306 -30.73 -27.33 50.56
C ARG A 306 -30.56 -27.78 49.10
N PHE A 307 -29.54 -28.65 48.82
CA PHE A 307 -29.28 -29.19 47.49
C PHE A 307 -30.53 -29.90 46.95
N GLU A 308 -31.20 -30.73 47.79
CA GLU A 308 -32.44 -31.46 47.52
C GLU A 308 -33.62 -30.49 47.23
N GLU A 309 -33.73 -29.38 48.01
CA GLU A 309 -34.77 -28.36 47.84
C GLU A 309 -34.59 -27.61 46.52
N LEU A 310 -33.33 -27.33 46.15
CA LEU A 310 -33.03 -26.63 44.89
C LEU A 310 -33.40 -27.42 43.62
N ASN A 311 -33.52 -28.77 43.74
CA ASN A 311 -33.77 -29.69 42.64
C ASN A 311 -35.01 -30.51 42.85
N ALA A 312 -35.87 -30.09 43.81
CA ALA A 312 -37.08 -30.81 44.17
C ALA A 312 -37.94 -31.14 42.95
N ASP A 313 -38.15 -30.17 42.03
CA ASP A 313 -38.98 -30.36 40.83
C ASP A 313 -38.36 -31.37 39.88
N LEU A 314 -37.05 -31.28 39.69
CA LEU A 314 -36.34 -32.21 38.82
C LEU A 314 -36.35 -33.64 39.34
N PHE A 315 -36.10 -33.81 40.64
CA PHE A 315 -36.08 -35.13 41.26
C PHE A 315 -37.44 -35.84 41.27
N ARG A 316 -38.48 -35.09 41.61
CA ARG A 316 -39.84 -35.63 41.65
C ARG A 316 -40.26 -36.01 40.25
N GLY A 317 -39.89 -35.17 39.30
CA GLY A 317 -40.21 -35.35 37.90
C GLY A 317 -39.66 -36.62 37.31
N THR A 318 -38.63 -37.24 37.93
CA THR A 318 -38.05 -38.51 37.47
C THR A 318 -39.04 -39.66 37.66
N LEU A 319 -40.09 -39.45 38.47
CA LEU A 319 -41.10 -40.47 38.72
C LEU A 319 -42.22 -40.48 37.68
N ASP A 320 -42.42 -39.39 36.94
CA ASP A 320 -43.45 -39.37 35.91
C ASP A 320 -43.11 -40.40 34.84
N PRO A 321 -41.84 -40.48 34.47
CA PRO A 321 -41.40 -41.44 33.47
C PRO A 321 -41.65 -42.88 33.94
N VAL A 322 -41.44 -43.13 35.22
CA VAL A 322 -41.67 -44.46 35.79
C VAL A 322 -43.15 -44.81 35.66
N GLU A 323 -44.01 -43.83 35.94
CA GLU A 323 -45.45 -44.01 35.81
C GLU A 323 -45.81 -44.30 34.34
N LYS A 324 -45.28 -43.50 33.39
CA LYS A 324 -45.56 -43.66 31.94
C LYS A 324 -45.16 -45.04 31.47
N ALA A 325 -43.90 -45.45 31.73
CA ALA A 325 -43.38 -46.76 31.36
C ALA A 325 -44.33 -47.87 31.85
N LEU A 326 -44.73 -47.83 33.15
CA LEU A 326 -45.65 -48.79 33.75
C LEU A 326 -46.96 -48.89 32.98
N ARG A 327 -47.59 -47.73 32.68
CA ARG A 327 -48.84 -47.62 31.91
C ARG A 327 -48.68 -48.30 30.52
N ASP A 328 -47.51 -48.10 29.89
CA ASP A 328 -47.21 -48.70 28.58
C ASP A 328 -46.97 -50.20 28.70
N ALA A 329 -46.35 -50.62 29.82
CA ALA A 329 -46.04 -52.01 30.13
C ALA A 329 -47.30 -52.76 30.55
N LYS A 330 -48.35 -51.99 30.88
CA LYS A 330 -49.65 -52.46 31.39
C LYS A 330 -49.38 -53.23 32.70
N LEU A 331 -48.49 -52.65 33.54
CA LEU A 331 -48.07 -53.19 34.83
C LEU A 331 -48.34 -52.24 36.00
N ASP A 332 -48.68 -52.81 37.17
CA ASP A 332 -48.85 -52.08 38.43
C ASP A 332 -47.46 -52.02 39.06
N LYS A 333 -47.22 -51.06 39.97
CA LYS A 333 -45.93 -50.96 40.66
C LYS A 333 -45.64 -52.21 41.52
N SER A 334 -46.71 -52.87 42.02
CA SER A 334 -46.65 -54.12 42.81
C SER A 334 -46.14 -55.33 42.00
N GLN A 335 -46.26 -55.27 40.65
CA GLN A 335 -45.84 -56.32 39.72
C GLN A 335 -44.33 -56.30 39.39
N ILE A 336 -43.64 -55.24 39.80
CA ILE A 336 -42.21 -55.14 39.51
C ILE A 336 -41.37 -55.90 40.53
N HIS A 337 -40.78 -56.99 40.07
CA HIS A 337 -39.90 -57.84 40.88
C HIS A 337 -38.57 -57.22 41.29
N ASP A 338 -37.94 -56.48 40.38
CA ASP A 338 -36.65 -55.85 40.67
C ASP A 338 -36.48 -54.42 40.15
N ILE A 339 -35.68 -53.64 40.88
CA ILE A 339 -35.39 -52.26 40.52
C ILE A 339 -33.87 -52.11 40.41
N VAL A 340 -33.38 -51.67 39.26
CA VAL A 340 -31.95 -51.55 39.02
C VAL A 340 -31.55 -50.10 38.77
N LEU A 341 -30.59 -49.60 39.56
CA LEU A 341 -30.07 -48.24 39.40
C LEU A 341 -28.78 -48.24 38.63
N VAL A 342 -28.76 -47.41 37.61
CA VAL A 342 -27.67 -47.25 36.67
C VAL A 342 -27.44 -45.74 36.55
N GLY A 343 -26.21 -45.31 36.22
CA GLY A 343 -25.93 -43.89 36.04
C GLY A 343 -25.49 -43.21 37.30
N GLY A 344 -24.44 -42.39 37.19
CA GLY A 344 -23.83 -41.70 38.32
C GLY A 344 -24.78 -40.92 39.21
N SER A 345 -25.78 -40.23 38.60
CA SER A 345 -26.76 -39.41 39.32
C SER A 345 -27.69 -40.17 40.26
N THR A 346 -27.74 -41.52 40.14
CA THR A 346 -28.59 -42.38 40.99
C THR A 346 -27.90 -42.61 42.35
N ARG A 347 -26.71 -41.99 42.55
CA ARG A 347 -25.95 -42.09 43.78
C ARG A 347 -26.54 -41.16 44.80
N ILE A 348 -27.35 -40.18 44.31
CA ILE A 348 -28.04 -39.16 45.09
C ILE A 348 -29.08 -39.79 46.02
N PRO A 349 -28.86 -39.66 47.35
CA PRO A 349 -29.77 -40.25 48.33
C PRO A 349 -31.26 -39.96 48.11
N LYS A 350 -31.63 -38.71 47.73
CA LYS A 350 -33.03 -38.34 47.51
C LYS A 350 -33.67 -39.11 46.36
N ILE A 351 -32.94 -39.24 45.21
CA ILE A 351 -33.45 -40.01 44.06
C ILE A 351 -33.77 -41.47 44.49
N GLN A 352 -32.87 -42.06 45.30
CA GLN A 352 -33.01 -43.40 45.86
C GLN A 352 -34.26 -43.48 46.76
N LYS A 353 -34.40 -42.51 47.68
CA LYS A 353 -35.52 -42.44 48.64
C LYS A 353 -36.86 -42.35 47.91
N LEU A 354 -36.97 -41.42 46.92
CA LEU A 354 -38.16 -41.19 46.08
C LEU A 354 -38.60 -42.47 45.36
N LEU A 355 -37.63 -43.20 44.81
CA LEU A 355 -37.86 -44.44 44.06
C LEU A 355 -38.27 -45.61 44.97
N GLN A 356 -37.60 -45.75 46.15
CA GLN A 356 -37.92 -46.79 47.13
C GLN A 356 -39.31 -46.56 47.70
N ASP A 357 -39.68 -45.30 48.01
CA ASP A 357 -40.99 -44.93 48.55
C ASP A 357 -42.09 -45.23 47.53
N PHE A 358 -41.91 -44.84 46.26
CA PHE A 358 -42.86 -45.14 45.17
C PHE A 358 -43.10 -46.66 45.05
N PHE A 359 -42.03 -47.49 45.25
CA PHE A 359 -42.12 -48.96 45.20
C PHE A 359 -42.35 -49.58 46.59
N ASN A 360 -42.96 -48.77 47.48
CA ASN A 360 -43.39 -49.12 48.83
C ASN A 360 -42.33 -49.86 49.66
N GLY A 361 -41.11 -49.33 49.62
CA GLY A 361 -39.99 -49.85 50.40
C GLY A 361 -39.17 -50.95 49.77
N LYS A 362 -39.42 -51.26 48.48
CA LYS A 362 -38.69 -52.33 47.79
C LYS A 362 -37.23 -51.95 47.68
N GLU A 363 -36.34 -52.86 48.13
CA GLU A 363 -34.88 -52.66 48.06
C GLU A 363 -34.43 -52.57 46.62
N LEU A 364 -33.55 -51.60 46.34
CA LEU A 364 -33.01 -51.36 45.00
C LEU A 364 -31.62 -52.03 44.78
N ASN A 365 -31.33 -52.43 43.53
CA ASN A 365 -30.05 -53.02 43.14
C ASN A 365 -29.07 -51.90 42.82
N LYS A 366 -28.18 -51.61 43.76
CA LYS A 366 -27.21 -50.55 43.63
C LYS A 366 -25.77 -50.89 44.04
N SER A 367 -25.48 -52.15 44.30
CA SER A 367 -24.14 -52.53 44.74
C SER A 367 -23.03 -52.23 43.75
N ILE A 368 -23.31 -52.42 42.47
CA ILE A 368 -22.32 -52.17 41.43
C ILE A 368 -22.23 -50.69 41.05
N ASN A 369 -21.01 -50.15 40.99
CA ASN A 369 -20.78 -48.77 40.64
C ASN A 369 -21.78 -48.38 39.50
N PRO A 370 -22.76 -47.43 39.71
CA PRO A 370 -23.71 -47.09 38.63
C PRO A 370 -23.09 -46.60 37.31
N ASP A 371 -21.83 -46.07 37.34
CA ASP A 371 -21.12 -45.63 36.13
C ASP A 371 -20.59 -46.85 35.39
N GLU A 372 -20.24 -47.92 36.13
CA GLU A 372 -19.64 -49.14 35.58
C GLU A 372 -20.62 -50.30 35.36
N ALA A 373 -21.88 -50.15 35.85
CA ALA A 373 -22.91 -51.19 35.79
C ALA A 373 -23.22 -51.76 34.39
N VAL A 374 -23.54 -50.89 33.40
CA VAL A 374 -23.89 -51.31 32.05
C VAL A 374 -22.68 -51.97 31.34
N ALA A 375 -21.43 -51.54 31.61
CA ALA A 375 -20.26 -52.21 31.04
C ALA A 375 -19.97 -53.53 31.75
N TYR A 376 -20.23 -53.61 33.08
CA TYR A 376 -20.05 -54.86 33.86
C TYR A 376 -20.84 -55.97 33.17
N GLY A 377 -22.14 -55.78 33.04
CA GLY A 377 -23.03 -56.75 32.42
C GLY A 377 -22.58 -57.20 31.04
N ALA A 378 -22.20 -56.23 30.17
CA ALA A 378 -21.72 -56.45 28.81
C ALA A 378 -20.49 -57.31 28.77
N ALA A 379 -19.63 -57.17 29.80
CA ALA A 379 -18.35 -57.89 29.92
C ALA A 379 -18.66 -59.34 30.24
N VAL A 380 -19.70 -59.59 31.09
CA VAL A 380 -20.22 -60.91 31.44
C VAL A 380 -20.80 -61.58 30.18
N GLN A 381 -21.76 -60.93 29.51
CA GLN A 381 -22.33 -61.41 28.24
C GLN A 381 -21.20 -61.78 27.25
N ALA A 382 -20.09 -60.99 27.22
CA ALA A 382 -18.91 -61.23 26.35
C ALA A 382 -18.21 -62.56 26.71
N ALA A 383 -18.16 -62.92 28.00
CA ALA A 383 -17.58 -64.19 28.44
C ALA A 383 -18.50 -65.35 28.03
N ILE A 384 -19.81 -65.18 28.24
CA ILE A 384 -20.80 -66.20 27.86
C ILE A 384 -20.69 -66.53 26.36
N LEU A 385 -20.44 -65.53 25.51
CA LEU A 385 -20.33 -65.69 24.05
C LEU A 385 -18.90 -66.06 23.59
N SER A 386 -17.92 -66.09 24.53
CA SER A 386 -16.52 -66.46 24.23
C SER A 386 -16.39 -67.97 23.94
N SER B 5 -0.07 -23.22 66.76
CA SER B 5 0.79 -24.35 67.06
C SER B 5 0.93 -25.19 65.79
N ASN B 6 2.17 -25.23 65.23
CA ASN B 6 2.53 -25.89 63.97
C ASN B 6 2.30 -27.39 64.01
N SER B 7 1.36 -27.87 63.13
CA SER B 7 0.93 -29.27 63.06
C SER B 7 1.54 -30.07 61.89
N PRO B 8 1.80 -31.41 62.09
CA PRO B 8 2.29 -32.24 60.98
C PRO B 8 1.32 -32.28 59.79
N GLN B 9 0.00 -32.14 60.07
CA GLN B 9 -1.07 -32.12 59.07
C GLN B 9 -0.89 -30.95 58.10
N GLU B 10 -0.47 -29.76 58.60
CA GLU B 10 -0.24 -28.58 57.76
C GLU B 10 0.88 -28.80 56.76
N GLU B 11 1.91 -29.56 57.17
CA GLU B 11 3.02 -29.89 56.31
C GLU B 11 2.54 -30.56 55.03
N VAL B 12 1.54 -31.44 55.13
CA VAL B 12 0.93 -32.13 53.97
C VAL B 12 0.34 -31.12 52.98
N GLU B 13 -0.44 -30.14 53.49
CA GLU B 13 -1.08 -29.06 52.74
C GLU B 13 -0.04 -28.13 52.13
N LEU B 14 0.94 -27.70 52.95
CA LEU B 14 2.04 -26.85 52.49
C LEU B 14 2.78 -27.47 51.33
N LYS B 15 3.04 -28.81 51.36
CA LYS B 15 3.69 -29.55 50.28
C LYS B 15 2.79 -29.59 49.01
N LYS B 16 1.47 -29.70 49.18
CA LYS B 16 0.56 -29.68 48.05
C LYS B 16 0.73 -28.30 47.36
N LEU B 17 0.70 -27.20 48.17
CA LEU B 17 0.86 -25.82 47.69
C LEU B 17 2.23 -25.56 47.06
N LYS B 18 3.31 -26.17 47.59
CA LYS B 18 4.65 -26.04 47.03
C LYS B 18 4.72 -26.66 45.64
N HIS B 19 4.02 -27.77 45.42
CA HIS B 19 3.94 -28.41 44.10
C HIS B 19 3.20 -27.53 43.08
N LEU B 20 2.09 -26.94 43.54
CA LEU B 20 1.26 -26.01 42.75
C LEU B 20 2.04 -24.74 42.39
N GLU B 21 2.84 -24.19 43.33
CA GLU B 21 3.71 -23.03 43.11
C GLU B 21 4.70 -23.39 42.02
N LYS B 22 5.26 -24.63 42.05
CA LYS B 22 6.22 -25.11 41.05
C LYS B 22 5.58 -25.28 39.69
N SER B 23 4.31 -25.75 39.65
CA SER B 23 3.56 -25.90 38.40
C SER B 23 3.31 -24.50 37.79
N VAL B 24 2.96 -23.49 38.64
CA VAL B 24 2.75 -22.11 38.22
C VAL B 24 4.05 -21.51 37.64
N GLU B 25 5.21 -21.76 38.30
CA GLU B 25 6.54 -21.34 37.80
C GLU B 25 6.79 -21.93 36.42
N LYS B 26 6.36 -23.19 36.19
CA LYS B 26 6.49 -23.82 34.87
C LYS B 26 5.62 -23.08 33.83
N ILE B 27 4.32 -22.85 34.12
CA ILE B 27 3.40 -22.13 33.22
C ILE B 27 3.86 -20.68 32.97
N ALA B 28 4.34 -19.98 34.02
CA ALA B 28 4.84 -18.61 33.97
C ALA B 28 6.02 -18.48 32.97
N ASP B 29 6.88 -19.51 32.90
CA ASP B 29 8.02 -19.55 32.00
C ASP B 29 7.55 -19.60 30.55
N GLN B 30 6.47 -20.38 30.28
CA GLN B 30 5.84 -20.50 28.96
C GLN B 30 5.32 -19.13 28.54
N LEU B 31 4.67 -18.40 29.48
CA LEU B 31 4.11 -17.08 29.25
C LEU B 31 5.23 -16.09 28.93
N GLU B 32 6.36 -16.17 29.65
CA GLU B 32 7.53 -15.30 29.40
C GLU B 32 8.05 -15.57 27.99
N GLU B 33 8.10 -16.83 27.59
CA GLU B 33 8.55 -17.21 26.26
C GLU B 33 7.63 -16.66 25.19
N LEU B 34 6.34 -16.70 25.46
CA LEU B 34 5.35 -16.20 24.51
C LEU B 34 5.47 -14.70 24.25
N ASN B 35 5.70 -13.92 25.31
CA ASN B 35 5.84 -12.48 25.18
C ASN B 35 7.06 -12.17 24.34
N LYS B 36 8.12 -12.93 24.60
CA LYS B 36 9.41 -12.82 23.88
C LYS B 36 9.22 -13.09 22.40
N GLU B 37 8.33 -14.07 22.08
CA GLU B 37 8.01 -14.44 20.69
C GLU B 37 7.14 -13.39 20.04
N LEU B 38 6.20 -12.78 20.78
CA LEU B 38 5.33 -11.73 20.26
C LEU B 38 6.15 -10.48 19.94
N THR B 39 7.08 -10.12 20.86
CA THR B 39 8.04 -9.02 20.68
C THR B 39 8.89 -9.35 19.45
N GLY B 40 9.32 -10.63 19.37
CA GLY B 40 10.09 -11.20 18.27
C GLY B 40 9.44 -11.01 16.91
N ILE B 41 8.14 -11.35 16.78
CA ILE B 41 7.40 -11.17 15.51
C ILE B 41 7.29 -9.67 15.19
N GLN B 42 6.82 -8.86 16.16
CA GLN B 42 6.60 -7.40 16.03
C GLN B 42 7.86 -6.59 15.63
N GLN B 43 9.04 -6.94 16.21
CA GLN B 43 10.32 -6.27 15.95
C GLN B 43 11.11 -6.91 14.81
N GLY B 44 11.08 -8.25 14.74
CA GLY B 44 11.78 -9.07 13.75
C GLY B 44 11.32 -8.92 12.31
N PHE B 45 12.01 -9.67 11.43
CA PHE B 45 11.90 -9.73 9.98
C PHE B 45 10.52 -10.21 9.47
N GLN B 51 3.11 -11.33 9.16
CA GLN B 51 3.15 -11.16 10.60
C GLN B 51 1.88 -11.71 11.20
N ALA B 52 0.76 -11.54 10.48
CA ALA B 52 -0.55 -11.95 10.91
C ALA B 52 -0.61 -13.44 11.23
N GLU B 53 -0.31 -14.33 10.24
CA GLU B 53 -0.35 -15.80 10.39
C GLU B 53 0.40 -16.32 11.64
N ALA B 54 1.54 -15.67 11.94
CA ALA B 54 2.41 -15.99 13.07
C ALA B 54 1.72 -15.75 14.41
N LEU B 55 0.98 -14.63 14.54
CA LEU B 55 0.27 -14.27 15.77
C LEU B 55 -0.88 -15.19 16.12
N CYS B 56 -1.63 -15.71 15.13
CA CYS B 56 -2.72 -16.62 15.47
C CYS B 56 -2.23 -18.04 15.80
N LYS B 57 -0.91 -18.27 15.60
CA LYS B 57 -0.21 -19.50 16.00
C LYS B 57 0.13 -19.34 17.50
N LEU B 58 0.35 -18.08 17.94
CA LEU B 58 0.58 -17.76 19.35
C LEU B 58 -0.74 -17.89 20.10
N ASP B 59 -1.90 -17.57 19.42
CA ASP B 59 -3.26 -17.66 19.95
C ASP B 59 -3.51 -19.01 20.58
N ARG B 60 -3.20 -20.11 19.83
CA ARG B 60 -3.36 -21.46 20.31
C ARG B 60 -2.60 -21.69 21.62
N ARG B 61 -1.38 -21.15 21.73
CA ARG B 61 -0.52 -21.29 22.91
C ARG B 61 -0.98 -20.45 24.09
N VAL B 62 -1.31 -19.15 23.89
CA VAL B 62 -1.82 -18.30 24.97
C VAL B 62 -3.14 -18.91 25.54
N LYS B 63 -4.02 -19.44 24.67
CA LYS B 63 -5.26 -20.08 25.09
C LYS B 63 -4.99 -21.32 25.97
N ALA B 64 -3.89 -22.06 25.68
CA ALA B 64 -3.44 -23.24 26.43
C ALA B 64 -2.84 -22.83 27.77
N THR B 65 -2.06 -21.71 27.79
CA THR B 65 -1.47 -21.12 28.99
C THR B 65 -2.62 -20.70 29.90
N ILE B 66 -3.64 -20.00 29.35
CA ILE B 66 -4.83 -19.59 30.11
C ILE B 66 -5.45 -20.80 30.78
N GLU B 67 -5.68 -21.88 30.00
CA GLU B 67 -6.29 -23.12 30.48
C GLU B 67 -5.48 -23.78 31.56
N GLN B 68 -4.15 -23.83 31.40
CA GLN B 68 -3.27 -24.40 32.43
C GLN B 68 -3.45 -23.64 33.75
N PHE B 69 -3.54 -22.30 33.67
CA PHE B 69 -3.75 -21.46 34.84
C PHE B 69 -5.15 -21.69 35.46
N MET B 70 -6.18 -21.91 34.60
CA MET B 70 -7.55 -22.17 35.06
C MET B 70 -7.65 -23.52 35.78
N LYS B 71 -6.89 -24.52 35.32
CA LYS B 71 -6.86 -25.84 35.92
C LYS B 71 -6.11 -25.82 37.26
N ILE B 72 -5.14 -24.92 37.43
CA ILE B 72 -4.40 -24.70 38.67
C ILE B 72 -5.38 -24.14 39.70
N LEU B 73 -6.17 -23.07 39.34
CA LEU B 73 -7.17 -22.44 40.22
C LEU B 73 -8.20 -23.45 40.66
N GLU B 74 -8.63 -24.36 39.75
CA GLU B 74 -9.59 -25.42 40.06
C GLU B 74 -8.99 -26.39 41.08
N GLU B 75 -7.67 -26.71 40.96
CA GLU B 75 -7.00 -27.60 41.90
C GLU B 75 -6.88 -26.94 43.28
N ILE B 76 -6.52 -25.64 43.30
CA ILE B 76 -6.40 -24.87 44.53
C ILE B 76 -7.76 -24.79 45.25
N ASP B 77 -8.83 -24.66 44.50
CA ASP B 77 -10.16 -24.60 45.08
C ASP B 77 -10.57 -25.88 45.84
N THR B 78 -9.95 -27.01 45.52
CA THR B 78 -10.30 -28.30 46.15
C THR B 78 -9.78 -28.38 47.60
N LEU B 79 -8.88 -27.44 47.98
CA LEU B 79 -8.29 -27.33 49.32
C LEU B 79 -9.26 -26.70 50.31
N ILE B 80 -9.37 -27.31 51.48
CA ILE B 80 -10.17 -26.77 52.55
C ILE B 80 -9.15 -26.63 53.68
N LEU B 81 -8.86 -25.39 54.03
CA LEU B 81 -7.90 -25.09 55.07
C LEU B 81 -8.52 -24.52 56.34
N PRO B 82 -8.17 -25.10 57.48
CA PRO B 82 -8.67 -24.63 58.77
C PRO B 82 -8.06 -23.28 59.12
N GLU B 83 -8.76 -22.46 59.89
CA GLU B 83 -8.24 -21.14 60.26
C GLU B 83 -6.88 -21.27 60.93
N ASN B 84 -6.68 -22.34 61.69
CA ASN B 84 -5.41 -22.56 62.38
C ASN B 84 -4.23 -22.66 61.43
N PHE B 85 -4.49 -23.11 60.21
CA PHE B 85 -3.43 -23.23 59.21
C PHE B 85 -3.21 -21.87 58.57
N LYS B 86 -2.63 -20.94 59.34
CA LYS B 86 -2.36 -19.59 58.86
C LYS B 86 -1.34 -19.49 57.72
N ASP B 87 -0.24 -20.24 57.83
CA ASP B 87 0.80 -20.23 56.80
C ASP B 87 0.32 -20.80 55.50
N SER B 88 -0.47 -21.89 55.53
CA SER B 88 -1.08 -22.54 54.34
C SER B 88 -2.08 -21.59 53.65
N ARG B 89 -2.97 -20.95 54.47
CA ARG B 89 -4.00 -20.02 54.02
C ARG B 89 -3.41 -18.81 53.28
N LEU B 90 -2.27 -18.27 53.79
CA LEU B 90 -1.53 -17.14 53.24
CA LEU B 90 -1.54 -17.14 53.22
C LEU B 90 -0.85 -17.54 51.94
N LYS B 91 -0.33 -18.79 51.89
CA LYS B 91 0.36 -19.35 50.72
C LYS B 91 -0.65 -19.53 49.58
N ARG B 92 -1.88 -19.97 49.92
CA ARG B 92 -2.96 -20.19 48.97
C ARG B 92 -3.38 -18.86 48.31
N LYS B 93 -3.73 -17.85 49.09
CA LYS B 93 -4.14 -16.56 48.55
C LYS B 93 -3.03 -15.91 47.72
N GLY B 94 -1.80 -16.01 48.20
CA GLY B 94 -0.64 -15.50 47.49
C GLY B 94 -0.59 -16.07 46.09
N LEU B 95 -0.70 -17.40 45.99
CA LEU B 95 -0.67 -18.11 44.73
C LEU B 95 -1.87 -17.81 43.84
N VAL B 96 -3.06 -17.64 44.45
CA VAL B 96 -4.29 -17.35 43.71
C VAL B 96 -4.15 -15.93 43.13
N LYS B 97 -3.61 -15.00 43.94
CA LYS B 97 -3.31 -13.63 43.55
C LYS B 97 -2.24 -13.59 42.43
N LYS B 98 -1.19 -14.43 42.53
CA LYS B 98 -0.08 -14.55 41.58
C LYS B 98 -0.60 -15.07 40.26
N VAL B 99 -1.41 -16.14 40.28
CA VAL B 99 -2.02 -16.72 39.08
C VAL B 99 -2.92 -15.69 38.36
N GLN B 100 -3.82 -15.01 39.13
CA GLN B 100 -4.74 -14.02 38.55
C GLN B 100 -4.03 -12.88 37.83
N ALA B 101 -2.90 -12.43 38.39
CA ALA B 101 -2.05 -11.39 37.79
C ALA B 101 -1.53 -11.93 36.45
N PHE B 102 -1.05 -13.21 36.39
CA PHE B 102 -0.59 -13.84 35.15
C PHE B 102 -1.73 -13.96 34.13
N LEU B 103 -2.95 -14.22 34.59
CA LEU B 103 -4.11 -14.33 33.72
C LEU B 103 -4.43 -12.99 33.07
N ALA B 104 -4.19 -11.88 33.76
CA ALA B 104 -4.38 -10.53 33.24
C ALA B 104 -3.33 -10.24 32.15
N GLU B 105 -2.08 -10.78 32.33
CA GLU B 105 -1.00 -10.68 31.35
C GLU B 105 -1.39 -11.46 30.08
N CYS B 106 -1.98 -12.66 30.24
CA CYS B 106 -2.46 -13.52 29.15
C CYS B 106 -3.49 -12.77 28.30
N ASP B 107 -4.47 -12.15 28.99
CA ASP B 107 -5.56 -11.35 28.41
C ASP B 107 -5.05 -10.17 27.61
N THR B 108 -3.93 -9.57 28.05
CA THR B 108 -3.25 -8.48 27.34
C THR B 108 -2.71 -9.02 25.99
N VAL B 109 -2.02 -10.19 26.03
CA VAL B 109 -1.45 -10.90 24.89
C VAL B 109 -2.58 -11.31 23.92
N GLU B 110 -3.68 -11.90 24.44
CA GLU B 110 -4.87 -12.33 23.68
C GLU B 110 -5.55 -11.15 22.95
N GLN B 111 -5.68 -9.98 23.63
CA GLN B 111 -6.29 -8.76 23.08
C GLN B 111 -5.37 -8.04 22.07
N ASN B 112 -4.05 -8.35 22.05
CA ASN B 112 -3.08 -7.76 21.12
C ASN B 112 -2.98 -8.59 19.84
N ILE B 113 -3.01 -9.94 19.96
CA ILE B 113 -2.98 -10.88 18.83
C ILE B 113 -4.36 -11.02 18.20
N CYS B 114 -4.46 -11.65 17.01
CA CYS B 114 -5.71 -11.88 16.25
C CYS B 114 -6.70 -10.68 16.32
N GLN B 115 -6.17 -9.45 16.20
CA GLN B 115 -6.94 -8.22 16.19
C GLN B 115 -7.37 -7.88 14.77
N SER C 5 17.58 -37.83 -27.25
CA SER C 5 16.34 -37.07 -27.05
C SER C 5 15.40 -37.69 -25.99
N MET C 6 14.56 -36.81 -25.41
CA MET C 6 13.55 -36.94 -24.35
C MET C 6 12.60 -38.14 -24.46
N SER C 7 12.35 -38.82 -23.32
CA SER C 7 11.44 -39.97 -23.21
C SER C 7 9.96 -39.55 -23.41
N LYS C 8 9.07 -40.52 -23.68
CA LYS C 8 7.65 -40.25 -23.87
C LYS C 8 6.99 -39.98 -22.52
N GLY C 9 6.32 -38.84 -22.44
CA GLY C 9 5.66 -38.36 -21.23
C GLY C 9 4.20 -38.67 -21.08
N PRO C 10 3.61 -38.23 -19.95
CA PRO C 10 2.18 -38.53 -19.72
C PRO C 10 1.26 -37.56 -20.44
N ALA C 11 -0.06 -37.75 -20.26
CA ALA C 11 -1.08 -36.87 -20.80
C ALA C 11 -1.25 -35.72 -19.79
N VAL C 12 -1.45 -34.50 -20.29
CA VAL C 12 -1.61 -33.32 -19.44
C VAL C 12 -3.00 -32.72 -19.58
N GLY C 13 -3.39 -31.89 -18.62
CA GLY C 13 -4.65 -31.18 -18.63
C GLY C 13 -4.34 -29.72 -18.84
N ILE C 14 -5.00 -29.09 -19.81
CA ILE C 14 -4.75 -27.70 -20.11
C ILE C 14 -6.01 -26.86 -20.07
N ASP C 15 -5.95 -25.78 -19.29
CA ASP C 15 -7.08 -24.88 -19.23
C ASP C 15 -6.66 -23.74 -20.13
N LEU C 16 -7.36 -23.58 -21.23
CA LEU C 16 -7.05 -22.51 -22.15
C LEU C 16 -8.03 -21.42 -21.79
N GLY C 17 -7.54 -20.40 -21.14
CA GLY C 17 -8.39 -19.30 -20.70
C GLY C 17 -8.24 -18.02 -21.49
N THR C 18 -9.16 -17.05 -21.23
CA THR C 18 -9.23 -15.76 -21.88
C THR C 18 -7.96 -14.94 -21.68
N THR C 19 -7.61 -14.65 -20.41
CA THR C 19 -6.44 -13.84 -20.06
C THR C 19 -5.23 -14.71 -19.64
N TYR C 20 -5.46 -15.87 -19.01
CA TYR C 20 -4.39 -16.76 -18.56
C TYR C 20 -4.68 -18.22 -18.89
N SER C 21 -3.64 -19.00 -19.15
CA SER C 21 -3.72 -20.42 -19.36
C SER C 21 -2.95 -21.14 -18.25
N CYS C 22 -3.28 -22.41 -18.04
CA CYS C 22 -2.67 -23.24 -17.01
C CYS C 22 -2.54 -24.69 -17.46
N VAL C 23 -1.49 -25.38 -17.01
CA VAL C 23 -1.28 -26.78 -17.39
C VAL C 23 -1.02 -27.68 -16.18
N GLY C 24 -1.67 -28.83 -16.14
CA GLY C 24 -1.49 -29.76 -15.03
C GLY C 24 -1.26 -31.21 -15.44
N VAL C 25 -0.52 -31.94 -14.60
CA VAL C 25 -0.24 -33.34 -14.89
C VAL C 25 -0.62 -34.22 -13.69
N PHE C 26 -0.97 -35.50 -13.95
CA PHE C 26 -1.30 -36.46 -12.90
C PHE C 26 -0.13 -37.46 -12.75
N GLN C 27 0.58 -37.36 -11.63
CA GLN C 27 1.75 -38.17 -11.29
C GLN C 27 1.76 -38.48 -9.79
N HIS C 28 2.08 -39.74 -9.46
CA HIS C 28 2.14 -40.20 -8.07
C HIS C 28 0.85 -40.01 -7.28
N GLY C 29 -0.26 -40.41 -7.89
CA GLY C 29 -1.59 -40.26 -7.31
C GLY C 29 -2.02 -38.87 -6.92
N LYS C 30 -1.51 -37.84 -7.60
CA LYS C 30 -1.84 -36.44 -7.32
C LYS C 30 -1.67 -35.58 -8.56
N VAL C 31 -2.42 -34.46 -8.62
CA VAL C 31 -2.33 -33.51 -9.73
C VAL C 31 -1.30 -32.43 -9.39
N GLU C 32 -0.36 -32.22 -10.30
CA GLU C 32 0.64 -31.19 -10.11
C GLU C 32 0.44 -30.14 -11.18
N ILE C 33 0.37 -28.89 -10.76
CA ILE C 33 0.21 -27.79 -11.69
C ILE C 33 1.62 -27.37 -12.00
N ILE C 34 1.99 -27.38 -13.27
CA ILE C 34 3.34 -27.03 -13.64
C ILE C 34 3.60 -25.52 -13.74
N ALA C 35 4.66 -25.10 -13.07
CA ALA C 35 5.11 -23.70 -13.09
C ALA C 35 5.93 -23.47 -14.34
N ASN C 36 5.91 -22.24 -14.87
CA ASN C 36 6.67 -21.90 -16.08
C ASN C 36 8.09 -21.46 -15.77
N ASP C 37 8.83 -21.04 -16.82
CA ASP C 37 10.20 -20.49 -16.80
C ASP C 37 10.39 -19.39 -15.72
N GLN C 38 9.37 -18.53 -15.55
CA GLN C 38 9.32 -17.42 -14.57
C GLN C 38 8.96 -17.87 -13.15
N GLY C 39 8.50 -19.12 -13.04
CA GLY C 39 8.08 -19.73 -11.79
C GLY C 39 6.59 -19.61 -11.53
N ASN C 40 5.83 -19.11 -12.52
CA ASN C 40 4.39 -18.90 -12.40
C ASN C 40 3.57 -20.11 -12.77
N ARG C 41 2.56 -20.43 -11.92
CA ARG C 41 1.63 -21.54 -12.10
C ARG C 41 0.56 -21.25 -13.19
N THR C 42 0.43 -19.97 -13.62
CA THR C 42 -0.44 -19.54 -14.73
C THR C 42 0.40 -18.72 -15.71
N THR C 43 0.08 -18.85 -17.01
CA THR C 43 0.78 -18.14 -18.09
C THR C 43 -0.18 -17.22 -18.84
N PRO C 44 0.19 -15.90 -19.10
CA PRO C 44 -0.70 -15.03 -19.88
C PRO C 44 -0.95 -15.53 -21.30
N SER C 45 -2.21 -15.52 -21.70
CA SER C 45 -2.68 -15.92 -23.02
C SER C 45 -2.36 -14.77 -23.97
N TYR C 46 -1.10 -14.30 -23.94
CA TYR C 46 -0.55 -13.19 -24.75
C TYR C 46 0.51 -13.67 -25.74
N VAL C 47 0.44 -13.16 -26.97
CA VAL C 47 1.41 -13.41 -28.04
C VAL C 47 1.78 -12.03 -28.56
N ALA C 48 3.08 -11.70 -28.60
CA ALA C 48 3.51 -10.44 -29.16
C ALA C 48 4.38 -10.72 -30.38
N PHE C 49 4.26 -9.87 -31.38
CA PHE C 49 5.02 -9.95 -32.61
C PHE C 49 5.79 -8.65 -32.63
N THR C 50 7.13 -8.76 -32.57
CA THR C 50 8.04 -7.62 -32.55
C THR C 50 8.80 -7.57 -33.87
N ASP C 51 9.71 -6.57 -34.03
CA ASP C 51 10.54 -6.40 -35.22
C ASP C 51 11.52 -7.55 -35.41
N THR C 52 11.86 -8.25 -34.32
CA THR C 52 12.84 -9.34 -34.36
C THR C 52 12.27 -10.72 -34.11
N GLU C 53 11.25 -10.84 -33.21
CA GLU C 53 10.71 -12.14 -32.81
C GLU C 53 9.19 -12.17 -32.46
N ARG C 54 8.75 -13.33 -31.95
CA ARG C 54 7.40 -13.64 -31.47
C ARG C 54 7.53 -14.04 -30.00
N LEU C 55 6.83 -13.37 -29.11
CA LEU C 55 6.94 -13.71 -27.69
C LEU C 55 5.60 -14.27 -27.19
N ILE C 56 5.64 -15.25 -26.28
CA ILE C 56 4.42 -15.86 -25.74
C ILE C 56 4.45 -15.87 -24.21
N GLY C 57 3.31 -15.57 -23.58
CA GLY C 57 3.18 -15.62 -22.13
C GLY C 57 3.71 -14.39 -21.42
N ASP C 58 4.47 -14.62 -20.33
CA ASP C 58 5.02 -13.54 -19.53
C ASP C 58 5.87 -12.58 -20.36
N ALA C 59 6.76 -13.08 -21.23
CA ALA C 59 7.60 -12.25 -22.11
C ALA C 59 6.77 -11.31 -22.99
N ALA C 60 5.61 -11.80 -23.52
CA ALA C 60 4.72 -10.99 -24.36
C ALA C 60 3.97 -9.96 -23.55
N LYS C 61 3.46 -10.35 -22.38
CA LYS C 61 2.70 -9.45 -21.51
C LYS C 61 3.61 -8.35 -20.94
N ASN C 62 4.85 -8.71 -20.51
CA ASN C 62 5.82 -7.79 -19.91
C ASN C 62 6.23 -6.63 -20.84
N GLN C 63 6.01 -6.76 -22.17
CA GLN C 63 6.34 -5.74 -23.17
C GLN C 63 5.09 -5.11 -23.84
N VAL C 64 3.88 -5.38 -23.33
CA VAL C 64 2.64 -4.83 -23.89
C VAL C 64 2.65 -3.29 -23.93
N ALA C 65 3.24 -2.64 -22.91
CA ALA C 65 3.31 -1.18 -22.82
C ALA C 65 4.17 -0.57 -23.92
N MET C 66 5.17 -1.31 -24.40
CA MET C 66 6.12 -0.89 -25.44
C MET C 66 5.58 -1.11 -26.85
N ASN C 67 4.78 -2.17 -27.02
CA ASN C 67 4.20 -2.54 -28.30
C ASN C 67 2.73 -2.95 -28.18
N PRO C 68 1.85 -2.02 -27.84
CA PRO C 68 0.43 -2.33 -27.66
C PRO C 68 -0.35 -2.83 -28.89
N THR C 69 -0.11 -2.24 -30.05
CA THR C 69 -0.81 -2.59 -31.29
C THR C 69 -0.56 -3.99 -31.84
N ASN C 70 0.66 -4.47 -31.66
CA ASN C 70 1.13 -5.77 -32.15
C ASN C 70 1.22 -6.84 -31.06
N THR C 71 0.57 -6.61 -29.90
CA THR C 71 0.50 -7.60 -28.80
C THR C 71 -0.94 -8.07 -28.74
N VAL C 72 -1.14 -9.35 -29.06
CA VAL C 72 -2.46 -9.98 -29.13
C VAL C 72 -2.78 -10.76 -27.85
N PHE C 73 -4.04 -10.64 -27.43
CA PHE C 73 -4.60 -11.29 -26.26
C PHE C 73 -6.11 -11.37 -26.47
N ASP C 74 -6.80 -12.15 -25.66
CA ASP C 74 -8.26 -12.28 -25.81
C ASP C 74 -8.75 -13.03 -27.05
N ALA C 75 -7.98 -13.99 -27.54
CA ALA C 75 -8.36 -14.77 -28.71
C ALA C 75 -9.63 -15.59 -28.48
N LYS C 76 -9.77 -16.16 -27.31
CA LYS C 76 -10.94 -16.98 -26.93
C LYS C 76 -12.25 -16.24 -27.25
N ARG C 77 -12.23 -14.89 -27.13
CA ARG C 77 -13.40 -14.06 -27.38
C ARG C 77 -13.70 -14.03 -28.87
N LEU C 78 -12.73 -14.43 -29.73
CA LEU C 78 -12.84 -14.41 -31.18
C LEU C 78 -13.01 -15.79 -31.78
N ILE C 79 -12.34 -16.80 -31.17
CA ILE C 79 -12.28 -18.21 -31.62
C ILE C 79 -13.66 -18.78 -31.94
N GLY C 80 -13.80 -19.27 -33.18
CA GLY C 80 -15.02 -19.87 -33.74
C GLY C 80 -16.16 -18.95 -34.13
N ARG C 81 -15.99 -17.65 -33.93
CA ARG C 81 -17.04 -16.69 -34.26
C ARG C 81 -16.89 -16.01 -35.62
N ARG C 82 -18.02 -15.57 -36.16
CA ARG C 82 -18.05 -14.85 -37.42
C ARG C 82 -17.74 -13.39 -37.12
N PHE C 83 -17.24 -12.67 -38.12
CA PHE C 83 -16.90 -11.26 -37.96
C PHE C 83 -18.11 -10.40 -37.64
N ASP C 84 -19.23 -10.72 -38.26
CA ASP C 84 -20.47 -9.98 -38.07
C ASP C 84 -21.12 -10.23 -36.72
N ASP C 85 -20.59 -11.21 -35.99
CA ASP C 85 -21.11 -11.56 -34.68
C ASP C 85 -21.04 -10.30 -33.81
N ALA C 86 -22.08 -10.09 -33.02
CA ALA C 86 -22.16 -8.92 -32.16
C ALA C 86 -21.05 -8.84 -31.12
N VAL C 87 -20.66 -9.98 -30.56
CA VAL C 87 -19.60 -9.98 -29.56
C VAL C 87 -18.29 -9.49 -30.16
N VAL C 88 -18.02 -9.89 -31.40
CA VAL C 88 -16.81 -9.47 -32.09
C VAL C 88 -16.80 -7.97 -32.35
N GLN C 89 -17.95 -7.42 -32.74
CA GLN C 89 -18.08 -6.00 -33.05
C GLN C 89 -17.93 -5.12 -31.83
N SER C 90 -18.47 -5.58 -30.71
CA SER C 90 -18.43 -4.86 -29.45
C SER C 90 -17.02 -4.90 -28.82
N ASP C 91 -16.44 -6.11 -28.77
CA ASP C 91 -15.15 -6.36 -28.16
C ASP C 91 -13.99 -5.66 -28.83
N MET C 92 -14.00 -5.63 -30.18
CA MET C 92 -12.91 -5.03 -30.95
C MET C 92 -12.77 -3.53 -30.73
N LYS C 93 -13.85 -2.84 -30.33
CA LYS C 93 -13.87 -1.41 -30.00
C LYS C 93 -12.96 -1.11 -28.78
N HIS C 94 -12.49 -2.16 -28.12
CA HIS C 94 -11.62 -2.04 -26.95
C HIS C 94 -10.21 -2.65 -27.06
N TRP C 95 -9.89 -3.29 -28.18
CA TRP C 95 -8.56 -3.89 -28.33
C TRP C 95 -7.54 -2.93 -28.92
N PRO C 96 -6.26 -2.89 -28.45
CA PRO C 96 -5.28 -1.98 -29.10
C PRO C 96 -4.87 -2.49 -30.49
N PHE C 97 -5.19 -3.77 -30.79
CA PHE C 97 -4.90 -4.45 -32.05
C PHE C 97 -6.07 -4.40 -33.06
N MET C 98 -5.72 -4.53 -34.35
CA MET C 98 -6.64 -4.55 -35.48
C MET C 98 -7.23 -5.93 -35.68
N VAL C 99 -8.55 -5.99 -35.87
CA VAL C 99 -9.27 -7.21 -36.19
C VAL C 99 -9.88 -6.93 -37.57
N VAL C 100 -9.58 -7.79 -38.54
CA VAL C 100 -10.05 -7.62 -39.91
C VAL C 100 -11.03 -8.73 -40.29
N ASN C 101 -11.86 -8.45 -41.31
CA ASN C 101 -12.80 -9.38 -41.90
C ASN C 101 -12.11 -10.04 -43.08
N ASP C 102 -12.11 -11.35 -43.10
CA ASP C 102 -11.51 -12.12 -44.20
C ASP C 102 -12.52 -13.20 -44.58
N ALA C 103 -13.34 -12.89 -45.60
CA ALA C 103 -14.40 -13.74 -46.10
C ALA C 103 -15.40 -14.20 -44.99
N GLY C 104 -15.87 -13.23 -44.21
CA GLY C 104 -16.82 -13.44 -43.11
C GLY C 104 -16.21 -13.83 -41.77
N ARG C 105 -14.92 -14.23 -41.78
CA ARG C 105 -14.18 -14.68 -40.59
C ARG C 105 -13.29 -13.58 -39.99
N PRO C 106 -13.14 -13.50 -38.64
CA PRO C 106 -12.20 -12.51 -38.07
C PRO C 106 -10.76 -12.99 -38.14
N LYS C 107 -9.85 -12.03 -38.26
CA LYS C 107 -8.42 -12.28 -38.27
C LYS C 107 -7.84 -11.09 -37.53
N VAL C 108 -6.70 -11.25 -36.88
CA VAL C 108 -6.10 -10.13 -36.18
C VAL C 108 -4.91 -9.69 -37.00
N GLN C 109 -4.82 -8.39 -37.26
CA GLN C 109 -3.73 -7.86 -38.07
C GLN C 109 -2.63 -7.21 -37.24
N VAL C 110 -1.42 -7.71 -37.44
CA VAL C 110 -0.21 -7.23 -36.76
C VAL C 110 0.95 -6.90 -37.70
N GLU C 111 2.04 -6.33 -37.14
CA GLU C 111 3.28 -6.04 -37.83
C GLU C 111 4.37 -6.94 -37.22
N TYR C 112 4.69 -8.01 -37.94
CA TYR C 112 5.66 -9.04 -37.53
C TYR C 112 6.86 -8.99 -38.47
N LYS C 113 8.05 -8.67 -37.90
CA LYS C 113 9.34 -8.56 -38.62
C LYS C 113 9.27 -7.64 -39.86
N GLY C 114 8.67 -6.46 -39.68
CA GLY C 114 8.54 -5.44 -40.72
C GLY C 114 7.42 -5.61 -41.72
N GLU C 115 6.80 -6.79 -41.78
CA GLU C 115 5.69 -7.09 -42.70
C GLU C 115 4.33 -7.00 -41.98
N THR C 116 3.26 -6.71 -42.73
CA THR C 116 1.91 -6.74 -42.16
C THR C 116 1.40 -8.17 -42.37
N LYS C 117 1.00 -8.84 -41.26
CA LYS C 117 0.54 -10.23 -41.27
C LYS C 117 -0.78 -10.37 -40.53
N SER C 118 -1.59 -11.36 -40.95
CA SER C 118 -2.86 -11.68 -40.30
C SER C 118 -2.86 -13.12 -39.79
N PHE C 119 -3.47 -13.34 -38.64
CA PHE C 119 -3.56 -14.64 -37.98
C PHE C 119 -4.99 -14.91 -37.57
N TYR C 120 -5.43 -16.16 -37.71
CA TYR C 120 -6.77 -16.53 -37.30
C TYR C 120 -6.76 -16.71 -35.77
N PRO C 121 -7.91 -16.53 -35.06
CA PRO C 121 -7.89 -16.71 -33.60
C PRO C 121 -7.30 -18.06 -33.12
N GLU C 122 -7.65 -19.17 -33.80
CA GLU C 122 -7.14 -20.52 -33.47
C GLU C 122 -5.63 -20.65 -33.71
N GLU C 123 -5.05 -19.86 -34.68
CA GLU C 123 -3.60 -19.82 -34.96
C GLU C 123 -2.90 -19.16 -33.74
N VAL C 124 -3.49 -18.06 -33.19
CA VAL C 124 -3.05 -17.31 -31.99
C VAL C 124 -3.12 -18.24 -30.78
N SER C 125 -4.21 -19.04 -30.67
CA SER C 125 -4.41 -19.97 -29.56
C SER C 125 -3.48 -21.18 -29.65
N SER C 126 -3.11 -21.58 -30.86
CA SER C 126 -2.14 -22.67 -31.02
C SER C 126 -0.77 -22.26 -30.44
N MET C 127 -0.36 -20.98 -30.59
CA MET C 127 0.90 -20.42 -30.07
C MET C 127 0.94 -20.44 -28.54
N VAL C 128 -0.21 -20.22 -27.88
CA VAL C 128 -0.39 -20.28 -26.43
C VAL C 128 -0.34 -21.78 -26.01
N LEU C 129 -1.05 -22.66 -26.75
CA LEU C 129 -1.05 -24.09 -26.44
C LEU C 129 0.36 -24.70 -26.60
N THR C 130 1.12 -24.19 -27.57
CA THR C 130 2.50 -24.59 -27.83
C THR C 130 3.32 -24.28 -26.58
N LYS C 131 3.15 -23.06 -26.03
CA LYS C 131 3.86 -22.63 -24.83
C LYS C 131 3.48 -23.49 -23.62
N MET C 132 2.21 -23.95 -23.52
CA MET C 132 1.76 -24.84 -22.41
C MET C 132 2.46 -26.19 -22.48
N LYS C 133 2.49 -26.80 -23.68
CA LYS C 133 3.17 -28.06 -23.99
C LYS C 133 4.65 -27.95 -23.56
N GLU C 134 5.35 -26.88 -24.01
CA GLU C 134 6.76 -26.57 -23.71
C GLU C 134 7.02 -26.39 -22.20
N ILE C 135 6.06 -25.77 -21.48
CA ILE C 135 6.07 -25.52 -20.04
C ILE C 135 6.13 -26.86 -19.33
N ALA C 136 5.25 -27.79 -19.77
CA ALA C 136 5.09 -29.16 -19.27
C ALA C 136 6.31 -30.02 -19.55
N GLU C 137 6.92 -29.87 -20.74
CA GLU C 137 8.10 -30.64 -21.12
C GLU C 137 9.30 -30.22 -20.28
N ALA C 138 9.45 -28.90 -20.03
CA ALA C 138 10.55 -28.37 -19.23
C ALA C 138 10.52 -28.95 -17.82
N TYR C 139 9.30 -29.10 -17.26
CA TYR C 139 9.15 -29.69 -15.93
C TYR C 139 9.39 -31.21 -15.89
N LEU C 140 8.76 -31.97 -16.80
CA LEU C 140 8.83 -33.42 -16.77
C LEU C 140 10.13 -34.00 -17.27
N GLY C 141 10.77 -33.28 -18.20
CA GLY C 141 12.01 -33.71 -18.85
C GLY C 141 11.73 -34.81 -19.85
N LYS C 142 10.44 -34.89 -20.28
CA LYS C 142 9.87 -35.88 -21.20
C LYS C 142 8.97 -35.14 -22.19
N THR C 143 8.83 -35.68 -23.41
CA THR C 143 7.98 -35.10 -24.47
C THR C 143 6.51 -35.34 -24.18
N VAL C 144 5.68 -34.27 -24.27
CA VAL C 144 4.23 -34.24 -24.03
C VAL C 144 3.51 -34.08 -25.39
N THR C 145 2.46 -34.91 -25.64
CA THR C 145 1.67 -34.84 -26.87
C THR C 145 0.18 -34.86 -26.56
N ASN C 146 -0.26 -35.87 -25.77
CA ASN C 146 -1.64 -36.05 -25.40
C ASN C 146 -2.07 -35.07 -24.35
N ALA C 147 -3.26 -34.48 -24.54
CA ALA C 147 -3.82 -33.48 -23.63
C ALA C 147 -5.32 -33.38 -23.74
N VAL C 148 -5.93 -32.95 -22.63
CA VAL C 148 -7.36 -32.65 -22.50
C VAL C 148 -7.43 -31.12 -22.43
N VAL C 149 -8.15 -30.47 -23.36
CA VAL C 149 -8.28 -29.01 -23.40
C VAL C 149 -9.69 -28.62 -23.04
N THR C 150 -9.84 -27.60 -22.19
CA THR C 150 -11.17 -27.12 -21.76
C THR C 150 -11.80 -26.01 -22.63
N VAL C 151 -13.14 -25.95 -22.62
CA VAL C 151 -13.95 -24.91 -23.30
C VAL C 151 -15.16 -24.50 -22.43
N PRO C 152 -15.63 -23.23 -22.50
CA PRO C 152 -16.82 -22.85 -21.72
C PRO C 152 -18.05 -23.68 -22.10
N ALA C 153 -18.94 -23.96 -21.15
CA ALA C 153 -20.13 -24.76 -21.44
C ALA C 153 -21.08 -24.13 -22.51
N TYR C 154 -20.99 -22.81 -22.75
CA TYR C 154 -21.81 -22.06 -23.71
C TYR C 154 -21.19 -21.99 -25.12
N PHE C 155 -19.95 -22.49 -25.27
CA PHE C 155 -19.26 -22.47 -26.56
C PHE C 155 -20.10 -23.21 -27.58
N ASN C 156 -20.31 -22.63 -28.77
CA ASN C 156 -21.07 -23.35 -29.78
C ASN C 156 -20.20 -24.38 -30.52
N ASP C 157 -20.79 -25.10 -31.48
CA ASP C 157 -20.08 -26.13 -32.23
C ASP C 157 -18.84 -25.58 -32.94
N SER C 158 -18.99 -24.38 -33.57
CA SER C 158 -17.95 -23.68 -34.31
C SER C 158 -16.78 -23.35 -33.38
N GLN C 159 -17.10 -22.69 -32.24
CA GLN C 159 -16.18 -22.32 -31.17
C GLN C 159 -15.39 -23.53 -30.64
N ARG C 160 -16.05 -24.68 -30.42
CA ARG C 160 -15.38 -25.92 -29.98
C ARG C 160 -14.42 -26.57 -31.00
N GLN C 161 -14.85 -26.70 -32.26
CA GLN C 161 -13.99 -27.21 -33.34
C GLN C 161 -12.78 -26.30 -33.54
N ALA C 162 -13.00 -24.96 -33.54
CA ALA C 162 -11.91 -23.98 -33.61
C ALA C 162 -10.93 -24.18 -32.44
N THR C 163 -11.39 -24.70 -31.28
CA THR C 163 -10.48 -24.96 -30.16
C THR C 163 -9.73 -26.25 -30.41
N LYS C 164 -10.39 -27.25 -30.94
CA LYS C 164 -9.72 -28.52 -31.24
C LYS C 164 -8.63 -28.27 -32.27
N ASP C 165 -8.95 -27.45 -33.27
CA ASP C 165 -8.02 -27.04 -34.33
C ASP C 165 -6.77 -26.36 -33.79
N ALA C 166 -6.90 -25.52 -32.74
CA ALA C 166 -5.76 -24.92 -32.04
C ALA C 166 -4.81 -26.04 -31.50
N GLY C 167 -5.38 -27.08 -30.86
CA GLY C 167 -4.65 -28.24 -30.33
C GLY C 167 -3.86 -28.99 -31.38
N THR C 168 -4.51 -29.20 -32.54
CA THR C 168 -3.99 -29.83 -33.77
C THR C 168 -2.79 -29.05 -34.33
N ILE C 169 -2.93 -27.70 -34.50
CA ILE C 169 -1.88 -26.81 -35.02
C ILE C 169 -0.69 -26.75 -34.06
N ALA C 170 -0.94 -26.89 -32.74
CA ALA C 170 0.09 -26.88 -31.71
C ALA C 170 0.89 -28.20 -31.68
N GLY C 171 0.34 -29.25 -32.28
CA GLY C 171 0.96 -30.57 -32.36
C GLY C 171 0.55 -31.51 -31.23
N LEU C 172 -0.58 -31.18 -30.60
CA LEU C 172 -1.15 -31.92 -29.50
C LEU C 172 -2.16 -32.94 -30.00
N ASN C 173 -2.27 -34.01 -29.27
CA ASN C 173 -3.24 -35.06 -29.49
C ASN C 173 -4.36 -34.74 -28.48
N VAL C 174 -5.42 -34.05 -28.95
CA VAL C 174 -6.50 -33.66 -28.04
C VAL C 174 -7.34 -34.90 -27.73
N LEU C 175 -7.06 -35.53 -26.56
CA LEU C 175 -7.74 -36.74 -26.06
C LEU C 175 -9.25 -36.51 -25.87
N ARG C 176 -9.61 -35.32 -25.44
CA ARG C 176 -11.01 -34.95 -25.27
C ARG C 176 -11.13 -33.45 -25.08
N ILE C 177 -12.33 -32.92 -25.33
CA ILE C 177 -12.59 -31.51 -25.12
C ILE C 177 -13.65 -31.53 -24.04
N ILE C 178 -13.39 -30.90 -22.92
CA ILE C 178 -14.37 -30.90 -21.84
C ILE C 178 -14.68 -29.52 -21.30
N ASN C 179 -15.92 -29.37 -20.86
CA ASN C 179 -16.44 -28.12 -20.28
C ASN C 179 -15.72 -27.70 -19.02
N GLU C 180 -15.44 -26.40 -18.92
CA GLU C 180 -14.72 -25.89 -17.76
C GLU C 180 -15.49 -26.15 -16.49
N PRO C 181 -16.81 -26.01 -16.52
CA PRO C 181 -17.61 -26.28 -15.32
C PRO C 181 -17.48 -27.75 -14.93
N THR C 182 -17.45 -28.63 -15.93
CA THR C 182 -17.31 -30.05 -15.68
C THR C 182 -15.96 -30.44 -15.09
N ALA C 183 -14.87 -29.91 -15.62
CA ALA C 183 -13.53 -30.18 -15.07
C ALA C 183 -13.40 -29.75 -13.60
N ALA C 184 -14.12 -28.65 -13.24
CA ALA C 184 -14.19 -28.11 -11.89
C ALA C 184 -14.78 -29.21 -11.00
N ALA C 185 -15.92 -29.82 -11.42
CA ALA C 185 -16.57 -30.89 -10.63
C ALA C 185 -15.70 -32.13 -10.53
N ILE C 186 -15.01 -32.51 -11.63
CA ILE C 186 -14.08 -33.65 -11.64
C ILE C 186 -12.99 -33.44 -10.55
N ALA C 187 -12.29 -32.28 -10.52
CA ALA C 187 -11.24 -31.94 -9.52
C ALA C 187 -11.67 -32.21 -8.07
N TYR C 188 -12.95 -31.95 -7.74
CA TYR C 188 -13.52 -32.15 -6.39
C TYR C 188 -14.14 -33.55 -6.21
N GLY C 189 -14.06 -34.36 -7.25
CA GLY C 189 -14.61 -35.70 -7.28
C GLY C 189 -16.10 -35.75 -7.04
N LEU C 190 -16.83 -34.73 -7.47
CA LEU C 190 -18.27 -34.67 -7.26
C LEU C 190 -19.00 -35.84 -7.91
N ASP C 191 -18.45 -36.31 -9.03
CA ASP C 191 -19.02 -37.44 -9.77
C ASP C 191 -18.98 -38.73 -8.96
N LYS C 192 -17.91 -38.92 -8.20
CA LYS C 192 -17.68 -40.10 -7.38
C LYS C 192 -18.54 -40.21 -6.11
N LYS C 193 -19.21 -39.13 -5.72
CA LYS C 193 -20.02 -39.13 -4.50
C LYS C 193 -21.18 -40.13 -4.50
N VAL C 194 -21.40 -40.74 -3.34
CA VAL C 194 -22.46 -41.72 -3.17
C VAL C 194 -23.83 -41.07 -3.13
N GLY C 195 -24.81 -41.70 -3.76
CA GLY C 195 -26.16 -41.15 -3.78
C GLY C 195 -26.83 -41.06 -5.13
N ALA C 196 -27.92 -40.31 -5.16
CA ALA C 196 -28.72 -40.08 -6.35
C ALA C 196 -28.13 -38.91 -7.12
N GLU C 197 -28.86 -38.42 -8.11
CA GLU C 197 -28.36 -37.32 -8.93
C GLU C 197 -28.10 -36.10 -8.06
N ARG C 198 -27.01 -35.41 -8.37
CA ARG C 198 -26.58 -34.23 -7.63
C ARG C 198 -26.61 -32.96 -8.48
N ASN C 199 -27.16 -31.90 -7.92
CA ASN C 199 -27.23 -30.61 -8.58
C ASN C 199 -26.00 -29.83 -8.11
N VAL C 200 -25.23 -29.33 -9.06
CA VAL C 200 -24.00 -28.62 -8.75
C VAL C 200 -23.94 -27.26 -9.40
N LEU C 201 -23.51 -26.27 -8.62
CA LEU C 201 -23.39 -24.92 -9.13
C LEU C 201 -21.92 -24.54 -9.17
N ILE C 202 -21.46 -24.09 -10.33
CA ILE C 202 -20.07 -23.69 -10.45
C ILE C 202 -20.04 -22.18 -10.57
N PHE C 203 -19.33 -21.54 -9.65
CA PHE C 203 -19.24 -20.09 -9.63
C PHE C 203 -17.89 -19.71 -10.18
N ASP C 204 -17.87 -19.10 -11.34
CA ASP C 204 -16.59 -18.73 -11.93
C ASP C 204 -16.42 -17.23 -12.05
N LEU C 205 -15.48 -16.70 -11.27
CA LEU C 205 -15.19 -15.28 -11.31
C LEU C 205 -13.69 -15.14 -11.34
N GLY C 206 -13.18 -14.79 -12.51
CA GLY C 206 -11.76 -14.66 -12.77
C GLY C 206 -11.46 -14.82 -14.24
N GLY C 207 -10.33 -14.23 -14.68
CA GLY C 207 -9.89 -14.26 -16.07
C GLY C 207 -10.76 -13.38 -16.95
N GLY C 208 -11.15 -12.22 -16.38
CA GLY C 208 -11.95 -11.18 -17.02
C GLY C 208 -13.38 -11.51 -17.41
N THR C 209 -13.90 -12.70 -17.01
CA THR C 209 -15.26 -13.17 -17.30
C THR C 209 -15.90 -13.69 -16.01
N PHE C 210 -17.24 -13.69 -15.97
CA PHE C 210 -18.04 -14.22 -14.87
C PHE C 210 -19.02 -15.23 -15.44
N ASP C 211 -18.91 -16.49 -14.99
CA ASP C 211 -19.72 -17.60 -15.46
C ASP C 211 -20.30 -18.46 -14.34
N VAL C 212 -21.64 -18.47 -14.24
CA VAL C 212 -22.40 -19.32 -13.31
C VAL C 212 -22.88 -20.56 -14.13
N SER C 213 -22.65 -21.79 -13.62
CA SER C 213 -23.11 -22.98 -14.33
C SER C 213 -23.75 -23.97 -13.39
N ILE C 214 -24.90 -24.50 -13.75
CA ILE C 214 -25.57 -25.51 -12.94
C ILE C 214 -25.51 -26.78 -13.73
N LEU C 215 -24.94 -27.83 -13.13
CA LEU C 215 -24.87 -29.16 -13.72
C LEU C 215 -25.66 -30.15 -12.87
N THR C 216 -26.05 -31.28 -13.46
CA THR C 216 -26.68 -32.38 -12.75
C THR C 216 -25.88 -33.62 -13.08
N ILE C 217 -25.30 -34.26 -12.09
CA ILE C 217 -24.54 -35.47 -12.34
C ILE C 217 -25.32 -36.66 -11.84
N GLU C 218 -25.76 -37.50 -12.76
CA GLU C 218 -26.50 -38.69 -12.40
C GLU C 218 -25.77 -39.90 -12.95
N ASP C 219 -25.44 -40.84 -12.08
CA ASP C 219 -24.76 -42.04 -12.51
C ASP C 219 -23.48 -41.71 -13.27
N GLY C 220 -22.76 -40.69 -12.81
CA GLY C 220 -21.52 -40.29 -13.45
C GLY C 220 -21.67 -39.54 -14.76
N ILE C 221 -22.86 -39.02 -15.02
CA ILE C 221 -23.12 -38.29 -16.26
C ILE C 221 -23.40 -36.82 -15.96
N PHE C 222 -22.76 -35.95 -16.73
CA PHE C 222 -22.91 -34.50 -16.55
C PHE C 222 -23.87 -33.88 -17.56
N GLU C 223 -24.75 -33.03 -17.05
CA GLU C 223 -25.76 -32.35 -17.87
C GLU C 223 -25.83 -30.88 -17.47
N VAL C 224 -25.44 -29.98 -18.40
CA VAL C 224 -25.54 -28.55 -18.17
C VAL C 224 -27.02 -28.21 -18.16
N LYS C 225 -27.51 -27.73 -17.03
CA LYS C 225 -28.92 -27.40 -16.90
C LYS C 225 -29.16 -25.92 -17.14
N SER C 226 -28.12 -25.08 -16.95
CA SER C 226 -28.13 -23.63 -17.19
C SER C 226 -26.72 -23.03 -17.14
N THR C 227 -26.56 -21.89 -17.82
CA THR C 227 -25.35 -21.05 -17.86
C THR C 227 -25.81 -19.59 -17.81
N ALA C 228 -25.13 -18.77 -16.99
CA ALA C 228 -25.43 -17.33 -16.84
C ALA C 228 -24.15 -16.60 -16.47
N GLY C 229 -24.22 -15.27 -16.35
CA GLY C 229 -23.06 -14.46 -15.96
C GLY C 229 -22.85 -13.21 -16.79
N ASP C 230 -21.72 -12.51 -16.54
CA ASP C 230 -21.31 -11.28 -17.23
C ASP C 230 -19.98 -11.55 -17.92
N THR C 231 -19.97 -11.44 -19.25
CA THR C 231 -18.79 -11.71 -20.07
C THR C 231 -17.65 -10.70 -19.88
N HIS C 232 -17.91 -9.56 -19.26
CA HIS C 232 -16.87 -8.56 -19.03
C HIS C 232 -16.56 -8.16 -17.57
N LEU C 233 -17.09 -8.91 -16.61
CA LEU C 233 -16.86 -8.68 -15.18
C LEU C 233 -15.68 -9.52 -14.69
N GLY C 234 -14.81 -8.92 -13.90
CA GLY C 234 -13.63 -9.57 -13.35
C GLY C 234 -12.87 -8.73 -12.33
N GLY C 235 -11.72 -9.25 -11.92
CA GLY C 235 -10.85 -8.61 -10.94
C GLY C 235 -10.46 -7.18 -11.27
N GLU C 236 -10.22 -6.90 -12.58
CA GLU C 236 -9.82 -5.59 -13.07
C GLU C 236 -10.88 -4.52 -12.76
N ASP C 237 -12.18 -4.91 -12.68
CA ASP C 237 -13.29 -4.01 -12.36
C ASP C 237 -13.22 -3.60 -10.91
N PHE C 238 -12.77 -4.51 -10.05
CA PHE C 238 -12.62 -4.24 -8.63
C PHE C 238 -11.47 -3.26 -8.44
N ASP C 239 -10.43 -3.43 -9.25
CA ASP C 239 -9.23 -2.60 -9.21
C ASP C 239 -9.50 -1.14 -9.57
N ASN C 240 -10.36 -0.92 -10.54
CA ASN C 240 -10.68 0.42 -10.99
C ASN C 240 -11.28 1.24 -9.86
N ARG C 241 -12.16 0.61 -9.10
CA ARG C 241 -12.82 1.24 -7.96
C ARG C 241 -11.80 1.66 -6.89
N MET C 242 -10.73 0.87 -6.73
CA MET C 242 -9.65 1.20 -5.80
C MET C 242 -8.87 2.39 -6.34
N VAL C 243 -8.58 2.37 -7.66
CA VAL C 243 -7.84 3.44 -8.30
C VAL C 243 -8.63 4.76 -8.23
N ASN C 244 -9.93 4.73 -8.49
CA ASN C 244 -10.75 5.95 -8.40
C ASN C 244 -10.76 6.45 -7.00
N HIS C 245 -10.85 5.55 -6.03
CA HIS C 245 -10.89 5.96 -4.64
C HIS C 245 -9.62 6.71 -4.30
N PHE C 246 -8.48 6.18 -4.74
CA PHE C 246 -7.20 6.82 -4.52
C PHE C 246 -7.00 8.14 -5.27
N ILE C 247 -7.48 8.19 -6.52
CA ILE C 247 -7.37 9.40 -7.32
C ILE C 247 -8.13 10.54 -6.65
N ALA C 248 -9.34 10.24 -6.19
CA ALA C 248 -10.17 11.20 -5.46
C ALA C 248 -9.56 11.53 -4.08
N GLU C 249 -8.87 10.57 -3.43
CA GLU C 249 -8.19 10.80 -2.15
C GLU C 249 -7.05 11.79 -2.34
N PHE C 250 -6.30 11.64 -3.46
CA PHE C 250 -5.20 12.55 -3.78
C PHE C 250 -5.73 13.96 -4.06
N LYS C 251 -6.87 14.05 -4.75
CA LYS C 251 -7.54 15.32 -5.02
C LYS C 251 -7.95 15.98 -3.68
N ARG C 252 -8.49 15.21 -2.73
CA ARG C 252 -8.87 15.75 -1.43
C ARG C 252 -7.64 16.22 -0.64
N LYS C 253 -6.65 15.32 -0.42
CA LYS C 253 -5.42 15.61 0.36
C LYS C 253 -4.45 16.63 -0.29
N HIS C 254 -4.38 16.69 -1.62
CA HIS C 254 -3.43 17.61 -2.26
C HIS C 254 -3.95 18.61 -3.31
N LYS C 255 -5.19 18.43 -3.76
CA LYS C 255 -5.83 19.28 -4.77
C LYS C 255 -5.08 19.23 -6.15
N LYS C 256 -4.56 18.04 -6.52
CA LYS C 256 -3.85 17.79 -7.78
C LYS C 256 -4.45 16.56 -8.47
N ASP C 257 -4.60 16.59 -9.78
CA ASP C 257 -5.19 15.45 -10.48
C ASP C 257 -4.09 14.62 -11.11
N ILE C 258 -3.96 13.39 -10.63
CA ILE C 258 -2.93 12.49 -11.14
C ILE C 258 -3.43 11.59 -12.27
N SER C 259 -4.73 11.68 -12.58
CA SER C 259 -5.32 10.86 -13.61
C SER C 259 -4.75 11.10 -15.01
N GLU C 260 -4.48 12.36 -15.33
CA GLU C 260 -3.93 12.71 -16.64
C GLU C 260 -2.48 12.22 -16.87
N ASN C 261 -1.80 11.78 -15.81
CA ASN C 261 -0.44 11.23 -15.90
C ASN C 261 -0.48 9.68 -15.91
N LYS C 262 -0.24 9.08 -17.10
CA LYS C 262 -0.25 7.63 -17.31
C LYS C 262 0.68 6.86 -16.37
N ARG C 263 1.85 7.43 -16.06
CA ARG C 263 2.84 6.77 -15.17
C ARG C 263 2.42 6.77 -13.72
N ALA C 264 1.83 7.87 -13.23
CA ALA C 264 1.37 7.98 -11.86
C ALA C 264 0.20 6.98 -11.65
N VAL C 265 -0.74 6.93 -12.60
CA VAL C 265 -1.90 6.03 -12.59
C VAL C 265 -1.44 4.57 -12.59
N ARG C 266 -0.46 4.21 -13.45
CA ARG C 266 0.07 2.85 -13.49
C ARG C 266 0.70 2.49 -12.14
N ARG C 267 1.62 3.35 -11.60
CA ARG C 267 2.27 3.07 -10.30
C ARG C 267 1.19 2.76 -9.27
N LEU C 268 0.10 3.56 -9.28
CA LEU C 268 -1.05 3.43 -8.38
C LEU C 268 -1.82 2.13 -8.64
N ARG C 269 -2.09 1.80 -9.94
CA ARG C 269 -2.83 0.60 -10.33
C ARG C 269 -2.07 -0.63 -9.84
N THR C 270 -0.78 -0.75 -10.19
CA THR C 270 0.08 -1.87 -9.79
C THR C 270 0.04 -2.06 -8.27
N ALA C 271 -0.01 -0.94 -7.52
CA ALA C 271 -0.05 -0.97 -6.07
C ALA C 271 -1.44 -1.43 -5.55
N CYS C 272 -2.53 -1.10 -6.31
CA CYS C 272 -3.92 -1.50 -6.01
C CYS C 272 -4.12 -2.99 -6.15
N GLU C 273 -3.48 -3.61 -7.15
CA GLU C 273 -3.57 -5.06 -7.41
C GLU C 273 -2.89 -5.87 -6.31
N ARG C 274 -1.75 -5.40 -5.81
CA ARG C 274 -1.04 -6.04 -4.71
C ARG C 274 -1.88 -5.92 -3.43
N ALA C 275 -2.46 -4.73 -3.17
CA ALA C 275 -3.31 -4.48 -2.00
C ALA C 275 -4.56 -5.34 -1.99
N LYS C 276 -5.25 -5.42 -3.14
CA LYS C 276 -6.45 -6.25 -3.29
C LYS C 276 -6.11 -7.70 -2.87
N ARG C 277 -5.03 -8.26 -3.38
CA ARG C 277 -4.64 -9.62 -3.02
C ARG C 277 -4.36 -9.79 -1.53
N THR C 278 -3.66 -8.84 -0.92
CA THR C 278 -3.41 -8.89 0.50
C THR C 278 -4.73 -8.87 1.26
N LEU C 279 -5.70 -8.12 0.75
CA LEU C 279 -7.00 -7.98 1.39
C LEU C 279 -7.89 -9.25 1.32
N SER C 280 -7.33 -10.33 0.73
CA SER C 280 -7.98 -11.62 0.70
C SER C 280 -7.57 -12.42 1.93
N SER C 281 -6.38 -12.12 2.51
CA SER C 281 -5.87 -12.81 3.70
C SER C 281 -5.68 -11.92 4.93
N SER C 282 -5.43 -10.61 4.72
CA SER C 282 -5.25 -9.62 5.81
C SER C 282 -6.46 -8.69 5.78
N THR C 283 -6.70 -7.94 6.90
CA THR C 283 -7.81 -6.98 7.03
C THR C 283 -7.42 -5.54 6.64
N GLN C 284 -6.15 -5.31 6.25
CA GLN C 284 -5.65 -4.00 5.87
C GLN C 284 -4.38 -4.17 5.01
N ALA C 285 -4.22 -3.26 3.99
CA ALA C 285 -3.07 -3.22 3.07
C ALA C 285 -2.52 -1.82 3.06
N SER C 286 -1.19 -1.69 3.20
CA SER C 286 -0.53 -0.38 3.22
C SER C 286 0.19 -0.15 1.89
N ILE C 287 0.13 1.10 1.40
CA ILE C 287 0.77 1.52 0.16
C ILE C 287 1.69 2.71 0.45
N GLU C 288 2.95 2.62 0.00
CA GLU C 288 3.93 3.67 0.17
C GLU C 288 4.59 3.94 -1.19
N ILE C 289 4.12 4.97 -1.90
CA ILE C 289 4.69 5.32 -3.19
C ILE C 289 5.41 6.65 -3.02
N ASP C 290 6.74 6.65 -3.18
CA ASP C 290 7.51 7.90 -3.07
C ASP C 290 7.37 8.69 -4.37
N SER C 291 7.16 10.03 -4.24
CA SER C 291 7.03 10.98 -5.35
C SER C 291 6.08 10.48 -6.47
N LEU C 292 4.79 10.26 -6.10
CA LEU C 292 3.76 9.77 -7.02
C LEU C 292 3.44 10.75 -8.15
N TYR C 293 3.26 12.04 -7.82
CA TYR C 293 2.91 13.08 -8.78
C TYR C 293 3.30 14.43 -8.21
N GLU C 294 4.07 15.22 -8.99
CA GLU C 294 4.56 16.56 -8.64
C GLU C 294 5.41 16.55 -7.35
N GLY C 295 6.17 15.47 -7.18
CA GLY C 295 7.06 15.27 -6.06
C GLY C 295 6.42 14.88 -4.73
N ILE C 296 5.08 14.78 -4.70
CA ILE C 296 4.30 14.39 -3.52
C ILE C 296 4.38 12.88 -3.27
N ASP C 297 4.73 12.51 -2.01
CA ASP C 297 4.76 11.12 -1.52
C ASP C 297 3.32 10.70 -1.28
N PHE C 298 3.00 9.45 -1.63
CA PHE C 298 1.68 8.89 -1.42
C PHE C 298 1.72 7.70 -0.46
N TYR C 299 1.49 8.02 0.82
CA TYR C 299 1.44 7.01 1.87
C TYR C 299 -0.02 6.94 2.33
N THR C 300 -0.64 5.81 2.05
CA THR C 300 -2.03 5.57 2.39
C THR C 300 -2.20 4.12 2.79
N SER C 301 -3.40 3.77 3.22
CA SER C 301 -3.74 2.41 3.62
C SER C 301 -5.18 2.13 3.25
N ILE C 302 -5.50 0.87 3.01
CA ILE C 302 -6.87 0.49 2.66
C ILE C 302 -7.38 -0.68 3.50
N THR C 303 -8.60 -0.57 4.02
CA THR C 303 -9.22 -1.62 4.82
C THR C 303 -10.06 -2.55 3.96
N ARG C 304 -10.27 -3.77 4.41
CA ARG C 304 -11.05 -4.73 3.65
C ARG C 304 -12.50 -4.22 3.62
N ALA C 305 -12.92 -3.57 4.73
CA ALA C 305 -14.24 -2.96 4.84
C ALA C 305 -14.46 -1.94 3.71
N ARG C 306 -13.50 -0.97 3.52
CA ARG C 306 -13.57 0.05 2.49
C ARG C 306 -13.55 -0.55 1.08
N PHE C 307 -12.66 -1.54 0.87
CA PHE C 307 -12.57 -2.23 -0.43
C PHE C 307 -13.94 -2.84 -0.81
N GLU C 308 -14.59 -3.54 0.16
CA GLU C 308 -15.92 -4.16 0.06
C GLU C 308 -17.02 -3.11 -0.25
N GLU C 309 -16.99 -1.93 0.43
CA GLU C 309 -17.94 -0.82 0.22
C GLU C 309 -17.77 -0.24 -1.19
N LEU C 310 -16.52 -0.14 -1.69
CA LEU C 310 -16.26 0.40 -3.02
C LEU C 310 -16.79 -0.48 -4.16
N ASN C 311 -17.01 -1.76 -3.89
CA ASN C 311 -17.44 -2.76 -4.87
C ASN C 311 -18.73 -3.44 -4.48
N ALA C 312 -19.47 -2.85 -3.52
CA ALA C 312 -20.72 -3.39 -3.01
C ALA C 312 -21.70 -3.77 -4.13
N ASP C 313 -21.87 -2.88 -5.15
CA ASP C 313 -22.76 -3.16 -6.29
C ASP C 313 -22.24 -4.29 -7.16
N LEU C 314 -20.94 -4.31 -7.40
CA LEU C 314 -20.34 -5.36 -8.20
C LEU C 314 -20.45 -6.73 -7.53
N PHE C 315 -20.16 -6.78 -6.23
CA PHE C 315 -20.22 -8.03 -5.48
C PHE C 315 -21.62 -8.61 -5.34
N ARG C 316 -22.59 -7.76 -5.04
CA ARG C 316 -23.97 -8.17 -4.87
C ARG C 316 -24.54 -8.66 -6.20
N GLY C 317 -24.14 -7.96 -7.24
CA GLY C 317 -24.55 -8.22 -8.61
C GLY C 317 -24.17 -9.59 -9.11
N THR C 318 -23.16 -10.23 -8.50
CA THR C 318 -22.73 -11.59 -8.89
C THR C 318 -23.83 -12.63 -8.53
N LEU C 319 -24.78 -12.25 -7.67
CA LEU C 319 -25.85 -13.15 -7.27
C LEU C 319 -27.04 -13.11 -8.21
N ASP C 320 -27.17 -12.06 -9.02
CA ASP C 320 -28.27 -11.99 -9.97
C ASP C 320 -28.12 -13.12 -10.98
N PRO C 321 -26.89 -13.36 -11.42
CA PRO C 321 -26.63 -14.43 -12.38
C PRO C 321 -26.99 -15.79 -11.77
N VAL C 322 -26.71 -15.97 -10.49
CA VAL C 322 -27.01 -17.22 -9.79
C VAL C 322 -28.52 -17.45 -9.78
N GLU C 323 -29.28 -16.39 -9.51
CA GLU C 323 -30.74 -16.43 -9.53
C GLU C 323 -31.26 -16.77 -10.93
N LYS C 324 -30.74 -16.13 -11.98
CA LYS C 324 -31.16 -16.38 -13.37
C LYS C 324 -30.99 -17.84 -13.81
N ALA C 325 -29.81 -18.44 -13.50
CA ALA C 325 -29.43 -19.80 -13.81
C ALA C 325 -30.36 -20.80 -13.12
N LEU C 326 -30.55 -20.64 -11.80
CA LEU C 326 -31.47 -21.47 -11.03
C LEU C 326 -32.88 -21.43 -11.62
N ARG C 327 -33.33 -20.27 -12.14
CA ARG C 327 -34.64 -20.11 -12.79
C ARG C 327 -34.69 -20.93 -14.07
N ASP C 328 -33.59 -20.88 -14.87
CA ASP C 328 -33.50 -21.61 -16.13
C ASP C 328 -33.39 -23.14 -15.91
N ALA C 329 -32.66 -23.58 -14.89
CA ALA C 329 -32.49 -24.99 -14.57
C ALA C 329 -33.71 -25.54 -13.88
N LYS C 330 -34.65 -24.63 -13.47
CA LYS C 330 -35.91 -24.92 -12.79
C LYS C 330 -35.64 -25.60 -11.43
N LEU C 331 -34.65 -25.01 -10.71
CA LEU C 331 -34.18 -25.46 -9.39
C LEU C 331 -34.30 -24.39 -8.30
N ASP C 332 -34.58 -24.83 -7.06
CA ASP C 332 -34.60 -23.97 -5.88
C ASP C 332 -33.17 -23.96 -5.35
N LYS C 333 -32.81 -22.94 -4.54
CA LYS C 333 -31.46 -22.88 -3.95
C LYS C 333 -31.20 -24.08 -2.98
N SER C 334 -32.29 -24.58 -2.36
CA SER C 334 -32.28 -25.74 -1.44
C SER C 334 -31.92 -27.07 -2.15
N GLN C 335 -32.13 -27.13 -3.49
CA GLN C 335 -31.85 -28.29 -4.34
C GLN C 335 -30.38 -28.41 -4.77
N ILE C 336 -29.57 -27.38 -4.53
CA ILE C 336 -28.17 -27.44 -4.92
C ILE C 336 -27.32 -28.18 -3.90
N HIS C 337 -26.83 -29.35 -4.29
CA HIS C 337 -25.98 -30.19 -3.47
C HIS C 337 -24.58 -29.66 -3.21
N ASP C 338 -23.94 -29.07 -4.22
CA ASP C 338 -22.59 -28.54 -4.11
C ASP C 338 -22.35 -27.20 -4.78
N ILE C 339 -21.42 -26.43 -4.24
CA ILE C 339 -21.05 -25.11 -4.78
C ILE C 339 -19.55 -25.10 -5.00
N VAL C 340 -19.11 -24.84 -6.23
CA VAL C 340 -17.68 -24.84 -6.55
C VAL C 340 -17.19 -23.46 -7.02
N LEU C 341 -16.18 -22.87 -6.31
CA LEU C 341 -15.48 -21.61 -6.67
C LEU C 341 -14.33 -21.95 -7.61
N VAL C 342 -14.27 -21.20 -8.72
CA VAL C 342 -13.28 -21.27 -9.79
C VAL C 342 -13.03 -19.81 -10.16
N GLY C 343 -11.78 -19.49 -10.51
CA GLY C 343 -11.33 -18.14 -10.86
C GLY C 343 -10.74 -17.48 -9.64
N GLY C 344 -9.69 -16.67 -9.86
CA GLY C 344 -8.95 -16.01 -8.81
C GLY C 344 -9.71 -15.08 -7.90
N SER C 345 -10.63 -14.27 -8.44
CA SER C 345 -11.39 -13.27 -7.68
C SER C 345 -12.42 -13.90 -6.72
N THR C 346 -12.59 -15.25 -6.70
CA THR C 346 -13.48 -15.95 -5.74
C THR C 346 -12.72 -16.16 -4.41
N ARG C 347 -11.46 -15.64 -4.35
CA ARG C 347 -10.62 -15.71 -3.18
C ARG C 347 -11.06 -14.63 -2.22
N ILE C 348 -11.83 -13.65 -2.73
CA ILE C 348 -12.34 -12.49 -1.99
C ILE C 348 -13.34 -12.95 -0.92
N PRO C 349 -12.99 -12.72 0.37
CA PRO C 349 -13.86 -13.14 1.47
C PRO C 349 -15.34 -12.72 1.35
N LYS C 350 -15.63 -11.47 0.90
CA LYS C 350 -17.00 -10.98 0.75
C LYS C 350 -17.79 -11.78 -0.28
N ILE C 351 -17.18 -12.09 -1.47
CA ILE C 351 -17.86 -12.90 -2.49
C ILE C 351 -18.27 -14.27 -1.91
N GLN C 352 -17.37 -14.87 -1.12
CA GLN C 352 -17.59 -16.13 -0.43
C GLN C 352 -18.74 -16.01 0.56
N LYS C 353 -18.73 -14.95 1.40
CA LYS C 353 -19.76 -14.69 2.42
C LYS C 353 -21.13 -14.54 1.77
N LEU C 354 -21.24 -13.71 0.71
CA LEU C 354 -22.47 -13.43 -0.04
C LEU C 354 -23.08 -14.71 -0.61
N LEU C 355 -22.21 -15.59 -1.15
CA LEU C 355 -22.62 -16.84 -1.77
C LEU C 355 -23.06 -17.90 -0.72
N GLN C 356 -22.32 -17.99 0.40
CA GLN C 356 -22.64 -18.90 1.48
C GLN C 356 -23.97 -18.50 2.15
N ASP C 357 -24.19 -17.18 2.36
CA ASP C 357 -25.42 -16.64 2.95
C ASP C 357 -26.62 -16.93 2.06
N PHE C 358 -26.50 -16.68 0.74
CA PHE C 358 -27.54 -16.99 -0.25
C PHE C 358 -27.93 -18.49 -0.19
N PHE C 359 -26.93 -19.39 0.02
CA PHE C 359 -27.15 -20.84 0.12
C PHE C 359 -27.32 -21.29 1.57
N ASN C 360 -27.79 -20.37 2.42
CA ASN C 360 -28.13 -20.55 3.83
C ASN C 360 -27.06 -21.31 4.65
N GLY C 361 -25.82 -20.91 4.48
CA GLY C 361 -24.68 -21.46 5.20
C GLY C 361 -24.01 -22.68 4.61
N LYS C 362 -24.40 -23.07 3.37
CA LYS C 362 -23.81 -24.24 2.72
C LYS C 362 -22.32 -23.99 2.47
N GLU C 363 -21.47 -24.94 2.91
CA GLU C 363 -20.03 -24.86 2.71
C GLU C 363 -19.68 -24.96 1.25
N LEU C 364 -18.73 -24.12 0.81
CA LEU C 364 -18.29 -24.04 -0.58
C LEU C 364 -17.00 -24.85 -0.83
N ASN C 365 -16.83 -25.34 -2.08
CA ASN C 365 -15.68 -26.14 -2.54
C ASN C 365 -14.58 -25.22 -3.05
N LYS C 366 -13.62 -24.90 -2.15
CA LYS C 366 -12.55 -23.95 -2.40
C LYS C 366 -11.12 -24.46 -2.07
N SER C 367 -10.95 -25.72 -1.60
CA SER C 367 -9.64 -26.32 -1.25
C SER C 367 -8.61 -26.27 -2.38
N ILE C 368 -9.07 -26.52 -3.62
CA ILE C 368 -8.26 -26.48 -4.83
C ILE C 368 -8.20 -25.03 -5.25
N ASN C 369 -6.98 -24.53 -5.51
CA ASN C 369 -6.66 -23.17 -5.94
C ASN C 369 -7.65 -22.75 -7.04
N PRO C 370 -8.48 -21.72 -6.84
CA PRO C 370 -9.49 -21.40 -7.87
C PRO C 370 -8.94 -21.10 -9.26
N ASP C 371 -7.67 -20.66 -9.39
CA ASP C 371 -7.03 -20.45 -10.71
C ASP C 371 -6.67 -21.78 -11.35
N GLU C 372 -6.38 -22.78 -10.54
CA GLU C 372 -5.90 -24.09 -10.98
C GLU C 372 -6.97 -25.21 -11.04
N ALA C 373 -8.23 -24.97 -10.60
CA ALA C 373 -9.29 -26.00 -10.53
C ALA C 373 -9.70 -26.58 -11.87
N VAL C 374 -9.91 -25.74 -12.90
CA VAL C 374 -10.28 -26.27 -14.20
C VAL C 374 -9.11 -27.06 -14.83
N ALA C 375 -7.86 -26.64 -14.60
CA ALA C 375 -6.72 -27.39 -15.11
C ALA C 375 -6.61 -28.73 -14.37
N TYR C 376 -6.83 -28.72 -13.02
CA TYR C 376 -6.77 -29.90 -12.15
C TYR C 376 -7.67 -31.01 -12.70
N GLY C 377 -8.97 -30.71 -12.89
CA GLY C 377 -9.95 -31.64 -13.45
C GLY C 377 -9.54 -32.21 -14.80
N ALA C 378 -9.07 -31.33 -15.69
CA ALA C 378 -8.60 -31.66 -17.02
C ALA C 378 -7.43 -32.64 -17.01
N ALA C 379 -6.62 -32.62 -15.93
CA ALA C 379 -5.44 -33.48 -15.75
C ALA C 379 -5.85 -34.85 -15.22
N VAL C 380 -6.91 -34.89 -14.38
CA VAL C 380 -7.50 -36.13 -13.86
C VAL C 380 -8.13 -36.88 -15.04
N GLN C 381 -8.88 -36.16 -15.90
CA GLN C 381 -9.51 -36.72 -17.09
C GLN C 381 -8.43 -37.22 -18.08
N ALA C 382 -7.28 -36.52 -18.18
CA ALA C 382 -6.14 -36.91 -19.04
C ALA C 382 -5.50 -38.24 -18.57
N ALA C 383 -5.49 -38.46 -17.23
CA ALA C 383 -4.98 -39.66 -16.57
C ALA C 383 -5.90 -40.85 -16.84
N ILE C 384 -7.22 -40.61 -16.82
CA ILE C 384 -8.25 -41.60 -17.07
C ILE C 384 -8.19 -42.09 -18.53
N LEU C 385 -7.92 -41.17 -19.48
CA LEU C 385 -7.85 -41.48 -20.91
C LEU C 385 -6.46 -41.97 -21.37
N SER C 386 -5.47 -41.97 -20.46
CA SER C 386 -4.09 -42.43 -20.76
C SER C 386 -4.04 -43.97 -20.94
N SER D 5 18.34 4.24 16.44
CA SER D 5 18.96 3.00 16.90
C SER D 5 18.95 1.95 15.76
N ASN D 6 20.15 1.67 15.21
CA ASN D 6 20.38 0.77 14.07
C ASN D 6 20.00 -0.65 14.34
N SER D 7 19.01 -1.17 13.60
CA SER D 7 18.48 -2.54 13.73
C SER D 7 18.96 -3.52 12.63
N PRO D 8 19.13 -4.85 12.94
CA PRO D 8 19.51 -5.83 11.89
C PRO D 8 18.49 -5.91 10.77
N GLN D 9 17.21 -5.67 11.08
CA GLN D 9 16.09 -5.67 10.15
C GLN D 9 16.30 -4.66 9.01
N GLU D 10 16.77 -3.44 9.34
CA GLU D 10 17.02 -2.37 8.37
C GLU D 10 18.08 -2.78 7.38
N GLU D 11 19.09 -3.55 7.83
CA GLU D 11 20.15 -4.06 6.95
C GLU D 11 19.57 -4.85 5.76
N VAL D 12 18.54 -5.65 6.01
CA VAL D 12 17.86 -6.45 4.97
C VAL D 12 17.29 -5.53 3.88
N GLU D 13 16.59 -4.44 4.30
CA GLU D 13 15.98 -3.45 3.43
C GLU D 13 17.04 -2.65 2.66
N LEU D 14 18.10 -2.20 3.37
CA LEU D 14 19.23 -1.48 2.78
C LEU D 14 19.85 -2.29 1.64
N LYS D 15 20.03 -3.62 1.85
CA LYS D 15 20.57 -4.54 0.83
C LYS D 15 19.61 -4.66 -0.37
N LYS D 16 18.29 -4.67 -0.11
CA LYS D 16 17.32 -4.72 -1.21
C LYS D 16 17.52 -3.46 -2.09
N LEU D 17 17.62 -2.28 -1.43
CA LEU D 17 17.83 -0.99 -2.10
C LEU D 17 19.16 -0.89 -2.81
N LYS D 18 20.21 -1.49 -2.25
CA LYS D 18 21.54 -1.52 -2.90
C LYS D 18 21.48 -2.31 -4.21
N HIS D 19 20.71 -3.41 -4.24
CA HIS D 19 20.52 -4.20 -5.46
C HIS D 19 19.78 -3.41 -6.54
N LEU D 20 18.73 -2.70 -6.13
CA LEU D 20 17.92 -1.82 -6.99
C LEU D 20 18.75 -0.66 -7.56
N GLU D 21 19.61 -0.03 -6.72
CA GLU D 21 20.55 1.02 -7.13
C GLU D 21 21.45 0.47 -8.22
N LYS D 22 21.93 -0.80 -8.06
CA LYS D 22 22.80 -1.46 -9.03
C LYS D 22 22.06 -1.75 -10.34
N SER D 23 20.78 -2.13 -10.26
CA SER D 23 19.96 -2.38 -11.45
C SER D 23 19.78 -1.05 -12.23
N VAL D 24 19.54 0.07 -11.49
CA VAL D 24 19.37 1.40 -12.07
C VAL D 24 20.68 1.83 -12.76
N GLU D 25 21.85 1.59 -12.13
CA GLU D 25 23.16 1.88 -12.75
C GLU D 25 23.31 1.09 -14.05
N LYS D 26 22.80 -0.14 -14.12
CA LYS D 26 22.79 -0.92 -15.35
C LYS D 26 21.93 -0.25 -16.45
N ILE D 27 20.66 0.10 -16.13
CA ILE D 27 19.75 0.79 -17.05
C ILE D 27 20.29 2.17 -17.48
N ALA D 28 20.87 2.94 -16.54
CA ALA D 28 21.48 4.26 -16.75
C ALA D 28 22.59 4.20 -17.80
N ASP D 29 23.38 3.09 -17.82
CA ASP D 29 24.46 2.87 -18.78
C ASP D 29 23.92 2.73 -20.20
N GLN D 30 22.79 2.01 -20.32
CA GLN D 30 22.08 1.81 -21.58
C GLN D 30 21.62 3.18 -22.12
N LEU D 31 21.07 4.03 -21.23
CA LEU D 31 20.59 5.37 -21.55
C LEU D 31 21.75 6.25 -22.01
N GLU D 32 22.92 6.15 -21.33
CA GLU D 32 24.12 6.90 -21.72
C GLU D 32 24.52 6.48 -23.15
N GLU D 33 24.40 5.17 -23.47
CA GLU D 33 24.73 4.65 -24.80
C GLU D 33 23.70 5.12 -25.85
N LEU D 34 22.40 5.25 -25.44
CA LEU D 34 21.31 5.75 -26.28
C LEU D 34 21.59 7.18 -26.67
N ASN D 35 22.15 7.96 -25.71
CA ASN D 35 22.51 9.36 -25.89
C ASN D 35 23.64 9.56 -26.90
N LYS D 36 24.76 8.83 -26.72
CA LYS D 36 25.92 8.85 -27.63
C LYS D 36 25.49 8.51 -29.08
N GLU D 37 24.68 7.46 -29.27
CA GLU D 37 24.16 7.06 -30.59
C GLU D 37 23.25 8.13 -31.17
N LEU D 38 22.47 8.85 -30.31
CA LEU D 38 21.58 9.94 -30.72
C LEU D 38 22.42 11.09 -31.25
N THR D 39 23.52 11.42 -30.54
CA THR D 39 24.49 12.44 -30.94
C THR D 39 25.07 11.99 -32.31
N GLY D 40 25.40 10.70 -32.40
CA GLY D 40 25.89 10.04 -33.61
C GLY D 40 25.01 10.24 -34.82
N ILE D 41 23.69 9.97 -34.68
CA ILE D 41 22.72 10.16 -35.76
C ILE D 41 22.60 11.64 -36.13
N GLN D 42 22.38 12.53 -35.12
CA GLN D 42 22.21 13.97 -35.26
C GLN D 42 23.40 14.70 -35.93
N GLN D 43 24.64 14.28 -35.59
CA GLN D 43 25.88 14.87 -36.14
C GLN D 43 26.38 14.16 -37.40
N GLY D 44 26.28 12.83 -37.41
CA GLY D 44 26.71 11.97 -38.52
C GLY D 44 25.93 12.08 -39.82
N PHE D 45 26.36 11.28 -40.83
CA PHE D 45 25.78 11.24 -42.19
C PHE D 45 24.36 10.61 -42.27
N LEU D 46 23.60 11.00 -43.31
CA LEU D 46 22.24 10.51 -43.57
C LEU D 46 22.24 9.15 -44.29
N GLN D 51 19.02 8.32 -42.38
CA GLN D 51 19.03 8.94 -41.06
C GLN D 51 17.74 8.60 -40.33
N ALA D 52 16.63 8.60 -41.08
CA ALA D 52 15.30 8.32 -40.57
C ALA D 52 15.24 6.96 -39.92
N GLU D 53 15.50 5.87 -40.68
CA GLU D 53 15.45 4.46 -40.22
C GLU D 53 16.21 4.22 -38.91
N ALA D 54 17.36 4.92 -38.75
CA ALA D 54 18.23 4.84 -37.56
C ALA D 54 17.56 5.36 -36.31
N LEU D 55 16.88 6.49 -36.41
CA LEU D 55 16.19 7.10 -35.28
C LEU D 55 15.05 6.25 -34.73
N CYS D 56 14.31 5.63 -35.63
CA CYS D 56 13.19 4.79 -35.25
C CYS D 56 13.65 3.61 -34.41
N LYS D 57 14.80 3.06 -34.78
CA LYS D 57 15.35 1.94 -34.04
C LYS D 57 15.65 2.39 -32.62
N LEU D 58 16.12 3.62 -32.49
CA LEU D 58 16.43 4.20 -31.18
C LEU D 58 15.15 4.25 -30.36
N ASP D 59 14.01 4.41 -31.05
CA ASP D 59 12.68 4.47 -30.45
C ASP D 59 12.38 3.21 -29.67
N ARG D 60 12.56 2.03 -30.30
CA ARG D 60 12.33 0.73 -29.68
C ARG D 60 13.16 0.58 -28.40
N ARG D 61 14.42 1.06 -28.41
CA ARG D 61 15.33 0.98 -27.27
C ARG D 61 15.00 1.95 -26.16
N VAL D 62 14.74 3.22 -26.53
CA VAL D 62 14.39 4.23 -25.56
C VAL D 62 13.11 3.80 -24.80
N LYS D 63 12.10 3.25 -25.52
CA LYS D 63 10.84 2.75 -24.97
C LYS D 63 11.07 1.60 -24.00
N ALA D 64 12.07 0.72 -24.28
CA ALA D 64 12.46 -0.43 -23.44
C ALA D 64 13.20 0.03 -22.16
N THR D 65 14.06 1.07 -22.29
CA THR D 65 14.77 1.71 -21.18
C THR D 65 13.71 2.31 -20.26
N ILE D 66 12.71 3.05 -20.83
CA ILE D 66 11.61 3.63 -20.05
C ILE D 66 10.94 2.54 -19.24
N GLU D 67 10.56 1.43 -19.90
CA GLU D 67 9.91 0.29 -19.28
C GLU D 67 10.73 -0.32 -18.15
N GLN D 68 12.06 -0.50 -18.36
CA GLN D 68 12.93 -1.04 -17.31
C GLN D 68 12.90 -0.11 -16.09
N PHE D 69 12.87 1.21 -16.30
CA PHE D 69 12.78 2.20 -15.22
C PHE D 69 11.40 2.15 -14.52
N MET D 70 10.34 1.91 -15.30
CA MET D 70 8.98 1.79 -14.76
C MET D 70 8.83 0.54 -13.89
N LYS D 71 9.51 -0.56 -14.28
CA LYS D 71 9.50 -1.81 -13.52
C LYS D 71 10.29 -1.70 -12.22
N ILE D 72 11.33 -0.85 -12.21
CA ILE D 72 12.13 -0.54 -11.02
C ILE D 72 11.21 0.20 -10.00
N LEU D 73 10.49 1.25 -10.46
CA LEU D 73 9.58 2.03 -9.62
C LEU D 73 8.52 1.16 -9.02
N GLU D 74 7.99 0.19 -9.80
CA GLU D 74 6.99 -0.78 -9.34
C GLU D 74 7.56 -1.65 -8.21
N GLU D 75 8.85 -2.06 -8.35
CA GLU D 75 9.50 -2.89 -7.33
C GLU D 75 9.76 -2.08 -6.06
N ILE D 76 10.19 -0.82 -6.22
CA ILE D 76 10.42 0.08 -5.08
C ILE D 76 9.12 0.33 -4.30
N ASP D 77 8.02 0.44 -5.00
CA ASP D 77 6.74 0.66 -4.35
C ASP D 77 6.31 -0.51 -3.45
N THR D 78 6.84 -1.71 -3.68
CA THR D 78 6.43 -2.88 -2.89
C THR D 78 7.06 -2.83 -1.48
N LEU D 79 8.04 -1.96 -1.29
CA LEU D 79 8.71 -1.83 -0.02
C LEU D 79 7.95 -0.95 0.94
N ILE D 80 7.76 -1.44 2.15
CA ILE D 80 7.09 -0.66 3.18
C ILE D 80 8.13 -0.53 4.26
N LEU D 81 8.49 0.72 4.56
CA LEU D 81 9.48 1.01 5.57
C LEU D 81 8.94 1.82 6.74
N PRO D 82 9.27 1.38 7.96
CA PRO D 82 8.85 2.09 9.18
C PRO D 82 9.56 3.44 9.31
N GLU D 83 8.92 4.43 9.93
CA GLU D 83 9.55 5.75 10.07
C GLU D 83 10.90 5.60 10.74
N ASN D 84 11.02 4.62 11.63
CA ASN D 84 12.26 4.36 12.34
C ASN D 84 13.44 4.03 11.42
N PHE D 85 13.17 3.43 10.27
CA PHE D 85 14.22 3.11 9.33
C PHE D 85 14.54 4.36 8.52
N LYS D 86 15.22 5.31 9.14
CA LYS D 86 15.59 6.58 8.50
C LYS D 86 16.55 6.50 7.32
N ASP D 87 17.60 5.70 7.43
CA ASP D 87 18.58 5.56 6.36
C ASP D 87 18.01 4.92 5.10
N SER D 88 17.12 3.91 5.27
CA SER D 88 16.42 3.21 4.19
C SER D 88 15.44 4.15 3.44
N ARG D 89 14.67 4.98 4.20
CA ARG D 89 13.68 5.91 3.64
C ARG D 89 14.37 6.96 2.77
N LEU D 90 15.51 7.48 3.25
CA LEU D 90 16.33 8.45 2.54
C LEU D 90 16.89 7.85 1.26
N LYS D 91 17.34 6.58 1.32
CA LYS D 91 17.91 5.85 0.19
C LYS D 91 16.82 5.60 -0.86
N ARG D 92 15.59 5.29 -0.41
CA ARG D 92 14.45 5.03 -1.28
C ARG D 92 14.06 6.29 -2.06
N LYS D 93 13.85 7.44 -1.36
CA LYS D 93 13.50 8.72 -2.00
C LYS D 93 14.59 9.18 -2.99
N GLY D 94 15.84 8.97 -2.61
CA GLY D 94 16.98 9.29 -3.46
C GLY D 94 16.92 8.52 -4.78
N LEU D 95 16.79 7.19 -4.68
CA LEU D 95 16.69 6.28 -5.84
C LEU D 95 15.51 6.58 -6.76
N VAL D 96 14.34 6.97 -6.18
CA VAL D 96 13.09 7.33 -6.89
C VAL D 96 13.30 8.62 -7.67
N LYS D 97 13.89 9.64 -7.03
CA LYS D 97 14.20 10.93 -7.66
C LYS D 97 15.24 10.71 -8.77
N LYS D 98 16.26 9.83 -8.48
CA LYS D 98 17.31 9.48 -9.44
C LYS D 98 16.67 8.85 -10.67
N VAL D 99 15.79 7.86 -10.47
CA VAL D 99 15.08 7.21 -11.59
C VAL D 99 14.22 8.23 -12.37
N GLN D 100 13.41 9.05 -11.66
CA GLN D 100 12.54 10.06 -12.29
C GLN D 100 13.31 11.06 -13.13
N ALA D 101 14.50 11.48 -12.67
CA ALA D 101 15.38 12.38 -13.43
C ALA D 101 15.79 11.67 -14.73
N PHE D 102 16.16 10.35 -14.67
CA PHE D 102 16.50 9.54 -15.85
C PHE D 102 15.32 9.40 -16.81
N LEU D 103 14.09 9.28 -16.26
CA LEU D 103 12.87 9.18 -17.06
C LEU D 103 12.65 10.45 -17.87
N ALA D 104 12.98 11.61 -17.27
CA ALA D 104 12.89 12.90 -17.94
C ALA D 104 13.89 12.98 -19.12
N GLU D 105 15.09 12.38 -18.94
CA GLU D 105 16.12 12.28 -19.98
C GLU D 105 15.61 11.45 -21.15
N CYS D 106 14.98 10.28 -20.86
CA CYS D 106 14.33 9.37 -21.82
C CYS D 106 13.27 10.07 -22.66
N ASP D 107 12.41 10.87 -21.99
CA ASP D 107 11.34 11.68 -22.58
C ASP D 107 11.88 12.73 -23.54
N THR D 108 13.05 13.32 -23.21
CA THR D 108 13.74 14.30 -24.05
C THR D 108 14.18 13.60 -25.36
N VAL D 109 14.83 12.40 -25.25
CA VAL D 109 15.25 11.56 -26.38
C VAL D 109 14.01 11.22 -27.23
N GLU D 110 12.97 10.62 -26.60
CA GLU D 110 11.72 10.21 -27.24
C GLU D 110 11.08 11.33 -28.05
N GLN D 111 11.05 12.57 -27.49
CA GLN D 111 10.50 13.77 -28.14
C GLN D 111 11.40 14.33 -29.24
N ASN D 112 12.70 13.92 -29.29
CA ASN D 112 13.65 14.36 -30.32
C ASN D 112 13.62 13.40 -31.54
N ILE D 113 13.50 12.09 -31.28
CA ILE D 113 13.41 11.04 -32.31
C ILE D 113 11.97 10.93 -32.84
N CYS D 114 11.75 10.19 -33.96
CA CYS D 114 10.45 9.97 -34.63
C CYS D 114 9.54 11.22 -34.59
N GLN D 115 10.12 12.40 -34.90
CA GLN D 115 9.43 13.68 -34.91
C GLN D 115 8.72 13.88 -36.24
N GLU D 116 7.47 14.38 -36.18
CA GLU D 116 6.62 14.64 -37.34
C GLU D 116 7.00 15.95 -38.02
N MET E 6 35.23 59.57 12.39
CA MET E 6 35.66 59.92 11.02
C MET E 6 35.85 61.44 10.84
N SER E 7 36.99 61.83 10.22
CA SER E 7 37.35 63.21 9.91
C SER E 7 36.43 63.79 8.80
N LYS E 8 36.41 65.14 8.65
CA LYS E 8 35.59 65.79 7.63
C LYS E 8 36.25 65.60 6.25
N GLY E 9 35.47 65.07 5.33
CA GLY E 9 35.91 64.76 3.97
C GLY E 9 35.67 65.81 2.91
N PRO E 10 36.12 65.52 1.66
CA PRO E 10 35.92 66.49 0.58
C PRO E 10 34.51 66.43 0.01
N ALA E 11 34.26 67.28 -0.99
CA ALA E 11 32.98 67.31 -1.69
C ALA E 11 33.08 66.30 -2.81
N VAL E 12 31.98 65.62 -3.09
CA VAL E 12 31.93 64.59 -4.14
C VAL E 12 30.97 64.98 -5.26
N GLY E 13 31.14 64.35 -6.41
CA GLY E 13 30.26 64.54 -7.54
C GLY E 13 29.43 63.28 -7.71
N ILE E 14 28.12 63.44 -7.80
CA ILE E 14 27.26 62.27 -7.91
C ILE E 14 26.43 62.34 -9.17
N ASP E 15 26.50 61.29 -9.96
CA ASP E 15 25.71 61.22 -11.16
C ASP E 15 24.55 60.36 -10.75
N LEU E 16 23.37 60.95 -10.67
CA LEU E 16 22.20 60.19 -10.30
C LEU E 16 21.54 59.89 -11.61
N GLY E 17 21.55 58.62 -11.98
CA GLY E 17 20.98 58.20 -13.25
C GLY E 17 19.74 57.34 -13.12
N THR E 18 19.07 57.11 -14.28
CA THR E 18 17.83 56.30 -14.40
C THR E 18 18.04 54.87 -13.90
N THR E 19 18.99 54.12 -14.53
CA THR E 19 19.28 52.72 -14.23
C THR E 19 20.53 52.55 -13.33
N TYR E 20 21.53 53.43 -13.45
CA TYR E 20 22.73 53.35 -12.61
C TYR E 20 23.15 54.72 -12.09
N SER E 21 23.76 54.74 -10.90
CA SER E 21 24.34 55.95 -10.31
C SER E 21 25.84 55.76 -10.16
N CYS E 22 26.55 56.87 -10.07
CA CYS E 22 28.00 56.88 -9.95
C CYS E 22 28.46 58.02 -9.05
N VAL E 23 29.57 57.82 -8.34
CA VAL E 23 30.12 58.86 -7.46
C VAL E 23 31.61 59.05 -7.69
N GLY E 24 32.05 60.31 -7.73
CA GLY E 24 33.44 60.62 -7.94
C GLY E 24 33.98 61.69 -7.00
N VAL E 25 35.28 61.66 -6.76
CA VAL E 25 35.91 62.64 -5.87
C VAL E 25 37.17 63.23 -6.56
N PHE E 26 37.54 64.47 -6.21
CA PHE E 26 38.73 65.13 -6.72
C PHE E 26 39.80 65.16 -5.61
N GLN E 27 40.87 64.39 -5.80
CA GLN E 27 41.99 64.25 -4.88
C GLN E 27 43.30 64.10 -5.63
N HIS E 28 44.35 64.78 -5.16
CA HIS E 28 45.68 64.74 -5.79
C HIS E 28 45.71 65.15 -7.25
N GLY E 29 45.05 66.26 -7.57
CA GLY E 29 44.93 66.77 -8.93
C GLY E 29 44.33 65.85 -9.96
N LYS E 30 43.43 64.94 -9.55
CA LYS E 30 42.77 63.99 -10.44
C LYS E 30 41.42 63.56 -9.90
N VAL E 31 40.50 63.18 -10.82
CA VAL E 31 39.18 62.66 -10.45
C VAL E 31 39.24 61.15 -10.29
N GLU E 32 38.78 60.65 -9.15
CA GLU E 32 38.75 59.23 -8.92
C GLU E 32 37.30 58.79 -8.84
N ILE E 33 36.94 57.80 -9.64
CA ILE E 33 35.58 57.30 -9.61
C ILE E 33 35.62 56.22 -8.55
N ILE E 34 34.82 56.40 -7.50
CA ILE E 34 34.82 55.44 -6.42
C ILE E 34 34.06 54.14 -6.69
N ALA E 35 34.72 53.04 -6.37
CA ALA E 35 34.15 51.71 -6.53
C ALA E 35 33.36 51.39 -5.25
N ASN E 36 32.29 50.60 -5.38
CA ASN E 36 31.45 50.21 -4.24
C ASN E 36 31.97 48.96 -3.54
N ASP E 37 31.20 48.47 -2.54
CA ASP E 37 31.42 47.25 -1.74
C ASP E 37 31.72 46.00 -2.62
N GLN E 38 31.03 45.88 -3.78
CA GLN E 38 31.19 44.79 -4.75
C GLN E 38 32.38 45.00 -5.68
N GLY E 39 32.96 46.22 -5.65
CA GLY E 39 34.10 46.61 -6.48
C GLY E 39 33.71 47.31 -7.77
N ASN E 40 32.41 47.62 -7.93
CA ASN E 40 31.87 48.26 -9.13
C ASN E 40 31.92 49.78 -9.09
N ARG E 41 32.33 50.39 -10.21
CA ARG E 41 32.43 51.84 -10.39
C ARG E 41 31.05 52.52 -10.62
N THR E 42 30.00 51.71 -10.91
CA THR E 42 28.62 52.16 -11.05
C THR E 42 27.74 51.28 -10.17
N THR E 43 26.69 51.88 -9.58
CA THR E 43 25.76 51.21 -8.68
C THR E 43 24.33 51.28 -9.29
N PRO E 44 23.57 50.17 -9.46
CA PRO E 44 22.21 50.29 -10.01
C PRO E 44 21.29 51.17 -9.19
N SER E 45 20.43 51.99 -9.82
CA SER E 45 19.47 52.84 -9.12
C SER E 45 18.28 51.99 -8.64
N TYR E 46 18.56 50.89 -7.93
CA TYR E 46 17.56 49.93 -7.43
C TYR E 46 17.48 49.92 -5.90
N VAL E 47 16.23 49.82 -5.41
CA VAL E 47 15.89 49.78 -3.99
C VAL E 47 14.87 48.66 -3.83
N ALA E 48 15.21 47.66 -3.04
CA ALA E 48 14.30 46.56 -2.77
C ALA E 48 13.86 46.57 -1.34
N PHE E 49 12.60 46.23 -1.14
CA PHE E 49 12.01 46.10 0.18
C PHE E 49 11.68 44.63 0.31
N THR E 50 12.31 43.95 1.27
CA THR E 50 12.07 42.54 1.52
C THR E 50 11.34 42.39 2.86
N ASP E 51 11.02 41.14 3.24
CA ASP E 51 10.34 40.80 4.50
C ASP E 51 11.19 41.14 5.71
N THR E 52 12.53 41.19 5.54
CA THR E 52 13.46 41.45 6.63
C THR E 52 14.18 42.79 6.55
N GLU E 53 14.53 43.25 5.33
CA GLU E 53 15.34 44.47 5.16
C GLU E 53 15.05 45.32 3.89
N ARG E 54 15.89 46.33 3.69
CA ARG E 54 15.90 47.25 2.58
C ARG E 54 17.26 47.11 1.90
N LEU E 55 17.26 46.80 0.61
CA LEU E 55 18.52 46.64 -0.11
C LEU E 55 18.63 47.75 -1.15
N ILE E 56 19.85 48.27 -1.34
CA ILE E 56 20.10 49.33 -2.34
C ILE E 56 21.30 48.93 -3.23
N GLY E 57 21.18 49.19 -4.52
CA GLY E 57 22.25 48.96 -5.49
C GLY E 57 22.35 47.54 -5.96
N ASP E 58 23.56 46.99 -5.97
CA ASP E 58 23.80 45.62 -6.46
C ASP E 58 22.98 44.61 -5.71
N ALA E 59 22.92 44.68 -4.37
CA ALA E 59 22.13 43.77 -3.54
C ALA E 59 20.65 43.77 -3.93
N ALA E 60 20.07 44.95 -4.25
CA ALA E 60 18.66 45.06 -4.67
C ALA E 60 18.45 44.51 -6.07
N LYS E 61 19.36 44.83 -7.01
CA LYS E 61 19.26 44.38 -8.40
C LYS E 61 19.42 42.87 -8.48
N ASN E 62 20.42 42.31 -7.75
CA ASN E 62 20.72 40.87 -7.76
C ASN E 62 19.55 39.98 -7.30
N GLN E 63 18.55 40.53 -6.59
CA GLN E 63 17.38 39.80 -6.11
C GLN E 63 16.05 40.21 -6.80
N VAL E 64 16.11 41.02 -7.88
CA VAL E 64 14.93 41.46 -8.62
C VAL E 64 14.07 40.26 -9.11
N ALA E 65 14.73 39.17 -9.56
CA ALA E 65 14.04 37.98 -10.08
C ALA E 65 13.21 37.25 -9.01
N MET E 66 13.64 37.36 -7.74
CA MET E 66 13.01 36.73 -6.58
C MET E 66 11.85 37.56 -6.01
N ASN E 67 11.97 38.88 -6.12
CA ASN E 67 10.98 39.82 -5.61
C ASN E 67 10.72 40.94 -6.61
N PRO E 68 10.11 40.64 -7.75
CA PRO E 68 9.86 41.65 -8.78
C PRO E 68 8.94 42.83 -8.41
N THR E 69 7.85 42.56 -7.69
CA THR E 69 6.88 43.57 -7.31
C THR E 69 7.34 44.66 -6.31
N ASN E 70 8.16 44.25 -5.35
CA ASN E 70 8.67 45.11 -4.28
C ASN E 70 10.10 45.62 -4.51
N THR E 71 10.59 45.53 -5.76
CA THR E 71 11.90 46.04 -6.14
C THR E 71 11.64 47.21 -7.03
N VAL E 72 12.02 48.41 -6.55
CA VAL E 72 11.81 49.69 -7.22
C VAL E 72 13.06 50.14 -7.97
N PHE E 73 12.86 50.67 -9.19
CA PHE E 73 13.86 51.21 -10.11
C PHE E 73 13.17 52.23 -10.98
N ASP E 74 13.95 53.05 -11.74
CA ASP E 74 13.45 54.13 -12.62
C ASP E 74 12.68 55.26 -11.88
N ALA E 75 13.10 55.60 -10.65
CA ALA E 75 12.49 56.67 -9.85
C ALA E 75 12.65 58.04 -10.57
N LYS E 76 13.75 58.20 -11.36
CA LYS E 76 14.07 59.39 -12.16
C LYS E 76 13.01 59.68 -13.22
N ARG E 77 12.28 58.63 -13.64
CA ARG E 77 11.20 58.77 -14.62
C ARG E 77 9.93 59.30 -13.94
N LEU E 78 9.85 59.22 -12.59
CA LEU E 78 8.70 59.64 -11.81
C LEU E 78 8.91 60.96 -11.08
N ILE E 79 10.13 61.17 -10.54
CA ILE E 79 10.52 62.33 -9.75
C ILE E 79 10.09 63.66 -10.39
N GLY E 80 9.39 64.46 -9.58
CA GLY E 80 8.88 65.79 -9.94
C GLY E 80 7.67 65.86 -10.85
N ARG E 81 7.17 64.70 -11.27
CA ARG E 81 6.02 64.63 -12.17
C ARG E 81 4.68 64.36 -11.48
N ARG E 82 3.62 64.86 -12.10
CA ARG E 82 2.26 64.67 -11.63
C ARG E 82 1.80 63.28 -12.03
N PHE E 83 0.81 62.74 -11.33
CA PHE E 83 0.29 61.40 -11.62
C PHE E 83 -0.35 61.30 -13.00
N ASP E 84 -1.04 62.35 -13.42
CA ASP E 84 -1.72 62.38 -14.71
C ASP E 84 -0.78 62.67 -15.86
N ASP E 85 0.50 62.89 -15.56
CA ASP E 85 1.47 63.17 -16.60
C ASP E 85 1.48 61.98 -17.54
N ALA E 86 1.63 62.25 -18.83
CA ALA E 86 1.62 61.20 -19.84
C ALA E 86 2.74 60.18 -19.66
N VAL E 87 3.92 60.65 -19.29
CA VAL E 87 5.04 59.73 -19.12
C VAL E 87 4.75 58.74 -17.99
N VAL E 88 4.16 59.22 -16.91
CA VAL E 88 3.83 58.36 -15.78
C VAL E 88 2.81 57.28 -16.14
N GLN E 89 1.80 57.66 -16.91
CA GLN E 89 0.75 56.74 -17.31
C GLN E 89 1.28 55.66 -18.25
N SER E 90 2.10 56.08 -19.21
CA SER E 90 2.69 55.18 -20.18
C SER E 90 3.71 54.22 -19.53
N ASP E 91 4.62 54.78 -18.71
CA ASP E 91 5.70 54.04 -18.07
C ASP E 91 5.22 53.00 -17.08
N MET E 92 4.18 53.33 -16.29
CA MET E 92 3.69 52.41 -15.25
C MET E 92 3.09 51.14 -15.82
N LYS E 93 2.62 51.15 -17.08
CA LYS E 93 2.08 49.99 -17.80
C LYS E 93 3.18 48.90 -18.00
N HIS E 94 4.42 49.26 -17.71
CA HIS E 94 5.57 48.36 -17.85
C HIS E 94 6.36 48.00 -16.58
N TRP E 95 6.06 48.60 -15.43
CA TRP E 95 6.79 48.26 -14.22
C TRP E 95 6.18 47.09 -13.48
N PRO E 96 7.00 46.27 -12.79
CA PRO E 96 6.40 45.19 -11.99
C PRO E 96 5.80 45.70 -10.66
N PHE E 97 6.17 46.95 -10.27
CA PHE E 97 5.71 47.60 -9.05
C PHE E 97 4.50 48.50 -9.27
N MET E 98 3.75 48.73 -8.18
CA MET E 98 2.54 49.54 -8.16
C MET E 98 2.88 51.00 -8.00
N VAL E 99 2.26 51.86 -8.80
CA VAL E 99 2.40 53.32 -8.71
C VAL E 99 0.98 53.80 -8.40
N VAL E 100 0.81 54.52 -7.31
CA VAL E 100 -0.49 55.01 -6.87
C VAL E 100 -0.58 56.53 -6.94
N ASN E 101 -1.83 57.04 -7.01
CA ASN E 101 -2.13 58.47 -7.02
C ASN E 101 -2.40 58.88 -5.59
N ASP E 102 -1.70 59.91 -5.12
CA ASP E 102 -1.88 60.44 -3.77
C ASP E 102 -1.97 61.95 -3.89
N ALA E 103 -3.22 62.45 -3.98
CA ALA E 103 -3.55 63.87 -4.13
C ALA E 103 -2.84 64.51 -5.37
N GLY E 104 -2.94 63.83 -6.52
CA GLY E 104 -2.35 64.27 -7.79
C GLY E 104 -0.91 63.88 -8.00
N ARG E 105 -0.22 63.43 -6.94
CA ARG E 105 1.19 63.04 -6.98
C ARG E 105 1.40 61.51 -7.09
N PRO E 106 2.43 61.01 -7.81
CA PRO E 106 2.68 59.56 -7.82
C PRO E 106 3.44 59.11 -6.58
N LYS E 107 3.16 57.88 -6.17
CA LYS E 107 3.81 57.22 -5.06
C LYS E 107 3.97 55.78 -5.48
N VAL E 108 5.02 55.11 -5.02
CA VAL E 108 5.20 53.71 -5.38
C VAL E 108 4.78 52.87 -4.20
N GLN E 109 3.91 51.89 -4.43
CA GLN E 109 3.44 51.04 -3.35
C GLN E 109 4.13 49.68 -3.30
N VAL E 110 4.75 49.43 -2.16
CA VAL E 110 5.48 48.18 -1.88
C VAL E 110 5.06 47.47 -0.59
N GLU E 111 5.60 46.25 -0.37
CA GLU E 111 5.40 45.46 0.84
C GLU E 111 6.76 45.36 1.53
N TYR E 112 6.94 46.17 2.58
CA TYR E 112 8.17 46.28 3.36
C TYR E 112 7.92 45.78 4.76
N LYS E 113 8.63 44.70 5.15
CA LYS E 113 8.53 44.04 6.48
C LYS E 113 7.06 43.66 6.86
N GLY E 114 6.34 43.06 5.91
CA GLY E 114 4.97 42.60 6.09
C GLY E 114 3.86 43.64 5.94
N GLU E 115 4.21 44.95 6.02
CA GLU E 115 3.27 46.08 5.90
C GLU E 115 3.24 46.63 4.48
N THR E 116 2.10 47.21 4.07
CA THR E 116 2.01 47.87 2.76
C THR E 116 2.40 49.32 3.00
N LYS E 117 3.43 49.79 2.29
CA LYS E 117 3.97 51.15 2.45
C LYS E 117 4.09 51.85 1.10
N SER E 118 3.99 53.19 1.13
CA SER E 118 4.15 54.00 -0.06
C SER E 118 5.31 54.99 0.12
N PHE E 119 6.04 55.23 -0.97
CA PHE E 119 7.20 56.12 -0.99
C PHE E 119 7.09 57.06 -2.16
N TYR E 120 7.48 58.31 -1.97
CA TYR E 120 7.47 59.28 -3.05
C TYR E 120 8.73 59.04 -3.90
N PRO E 121 8.74 59.40 -5.20
CA PRO E 121 9.96 59.16 -6.01
C PRO E 121 11.25 59.74 -5.41
N GLU E 122 11.19 60.96 -4.80
CA GLU E 122 12.32 61.63 -4.13
C GLU E 122 12.77 60.93 -2.82
N GLU E 123 11.89 60.11 -2.23
CA GLU E 123 12.21 59.33 -1.04
C GLU E 123 13.04 58.12 -1.50
N VAL E 124 12.67 57.49 -2.62
CA VAL E 124 13.35 56.35 -3.23
C VAL E 124 14.74 56.81 -3.72
N SER E 125 14.82 58.03 -4.28
CA SER E 125 16.06 58.63 -4.78
C SER E 125 17.01 58.98 -3.64
N SER E 126 16.44 59.41 -2.50
CA SER E 126 17.26 59.69 -1.33
C SER E 126 18.00 58.44 -0.87
N MET E 127 17.33 57.27 -0.94
CA MET E 127 17.88 55.97 -0.55
C MET E 127 19.05 55.55 -1.41
N VAL E 128 19.05 55.97 -2.67
CA VAL E 128 20.11 55.72 -3.65
C VAL E 128 21.25 56.69 -3.39
N LEU E 129 20.91 57.98 -3.11
CA LEU E 129 21.92 58.99 -2.79
C LEU E 129 22.65 58.67 -1.48
N THR E 130 21.92 58.06 -0.53
CA THR E 130 22.45 57.61 0.75
C THR E 130 23.53 56.58 0.49
N LYS E 131 23.25 55.61 -0.40
CA LYS E 131 24.19 54.58 -0.78
C LYS E 131 25.45 55.17 -1.47
N MET E 132 25.29 56.24 -2.28
CA MET E 132 26.43 56.89 -2.94
C MET E 132 27.35 57.55 -1.91
N LYS E 133 26.75 58.29 -0.95
CA LYS E 133 27.46 58.95 0.16
C LYS E 133 28.27 57.90 0.94
N GLU E 134 27.63 56.76 1.30
CA GLU E 134 28.22 55.63 2.03
C GLU E 134 29.39 54.97 1.26
N ILE E 135 29.26 54.84 -0.07
CA ILE E 135 30.26 54.29 -0.99
C ILE E 135 31.53 55.19 -0.93
N ALA E 136 31.32 56.51 -0.95
CA ALA E 136 32.37 57.53 -0.87
C ALA E 136 33.06 57.57 0.50
N GLU E 137 32.29 57.38 1.59
CA GLU E 137 32.82 57.38 2.94
C GLU E 137 33.67 56.14 3.16
N ALA E 138 33.22 54.97 2.67
CA ALA E 138 33.97 53.73 2.83
C ALA E 138 35.34 53.84 2.17
N TYR E 139 35.40 54.51 0.99
CA TYR E 139 36.65 54.73 0.29
C TYR E 139 37.61 55.74 0.98
N LEU E 140 37.09 56.92 1.35
CA LEU E 140 37.92 57.98 1.92
C LEU E 140 38.28 57.79 3.37
N GLY E 141 37.41 57.10 4.13
CA GLY E 141 37.57 56.88 5.56
C GLY E 141 37.29 58.15 6.33
N LYS E 142 36.54 59.07 5.68
CA LYS E 142 36.16 60.40 6.17
C LYS E 142 34.68 60.59 5.83
N THR E 143 33.97 61.42 6.64
CA THR E 143 32.55 61.73 6.44
C THR E 143 32.36 62.69 5.28
N VAL E 144 31.42 62.36 4.37
CA VAL E 144 31.06 63.11 3.16
C VAL E 144 29.68 63.73 3.36
N THR E 145 29.52 65.01 3.01
CA THR E 145 28.21 65.70 3.07
C THR E 145 28.03 66.51 1.81
N ASN E 146 28.97 67.39 1.54
CA ASN E 146 28.87 68.25 0.38
C ASN E 146 28.97 67.48 -0.90
N ALA E 147 28.06 67.75 -1.83
CA ALA E 147 28.02 67.09 -3.13
C ALA E 147 27.32 67.90 -4.19
N VAL E 148 27.68 67.64 -5.44
CA VAL E 148 27.07 68.22 -6.63
C VAL E 148 26.28 67.06 -7.26
N VAL E 149 24.96 67.24 -7.46
CA VAL E 149 24.11 66.20 -8.04
C VAL E 149 23.64 66.66 -9.41
N THR E 150 23.67 65.76 -10.39
CA THR E 150 23.25 66.06 -11.77
C THR E 150 21.76 65.78 -12.07
N VAL E 151 21.21 66.49 -13.05
CA VAL E 151 19.83 66.33 -13.55
C VAL E 151 19.82 66.51 -15.08
N PRO E 152 18.90 65.84 -15.84
CA PRO E 152 18.88 66.07 -17.29
C PRO E 152 18.42 67.49 -17.59
N ALA E 153 18.99 68.09 -18.63
CA ALA E 153 18.74 69.47 -19.05
C ALA E 153 17.25 69.82 -19.24
N TYR E 154 16.39 68.83 -19.51
CA TYR E 154 14.95 68.98 -19.73
C TYR E 154 14.09 68.93 -18.46
N PHE E 155 14.67 68.61 -17.30
CA PHE E 155 13.93 68.58 -16.04
C PHE E 155 13.39 69.98 -15.77
N ASN E 156 12.10 70.09 -15.44
CA ASN E 156 11.44 71.38 -15.14
C ASN E 156 11.71 71.82 -13.69
N ASP E 157 11.06 72.91 -13.23
CA ASP E 157 11.27 73.41 -11.87
C ASP E 157 10.96 72.35 -10.80
N SER E 158 9.84 71.61 -11.00
CA SER E 158 9.34 70.58 -10.10
C SER E 158 10.34 69.44 -9.99
N GLN E 159 10.82 68.96 -11.14
CA GLN E 159 11.77 67.85 -11.24
C GLN E 159 13.13 68.19 -10.68
N ARG E 160 13.54 69.47 -10.78
CA ARG E 160 14.83 69.94 -10.25
C ARG E 160 14.83 70.03 -8.74
N GLN E 161 13.72 70.52 -8.14
CA GLN E 161 13.53 70.67 -6.70
C GLN E 161 13.35 69.33 -6.00
N ALA E 162 12.55 68.43 -6.60
CA ALA E 162 12.30 67.11 -6.04
C ALA E 162 13.64 66.34 -5.91
N THR E 163 14.62 66.65 -6.78
CA THR E 163 15.95 66.06 -6.73
C THR E 163 16.76 66.68 -5.61
N LYS E 164 16.69 68.03 -5.48
CA LYS E 164 17.35 68.76 -4.41
C LYS E 164 16.86 68.20 -3.06
N ASP E 165 15.52 67.94 -2.96
CA ASP E 165 14.82 67.35 -1.81
C ASP E 165 15.39 65.97 -1.44
N ALA E 166 15.70 65.12 -2.45
CA ALA E 166 16.31 63.81 -2.25
C ALA E 166 17.67 63.97 -1.56
N GLY E 167 18.50 64.89 -2.07
CA GLY E 167 19.80 65.21 -1.47
C GLY E 167 19.71 65.57 0.01
N THR E 168 18.71 66.41 0.36
CA THR E 168 18.37 66.86 1.71
C THR E 168 17.94 65.67 2.62
N ILE E 169 17.02 64.81 2.13
CA ILE E 169 16.50 63.63 2.85
C ILE E 169 17.67 62.64 3.10
N ALA E 170 18.63 62.56 2.15
CA ALA E 170 19.81 61.69 2.25
C ALA E 170 20.83 62.22 3.28
N GLY E 171 20.74 63.50 3.62
CA GLY E 171 21.63 64.15 4.57
C GLY E 171 22.81 64.85 3.91
N LEU E 172 22.70 65.07 2.58
CA LEU E 172 23.71 65.73 1.79
C LEU E 172 23.48 67.26 1.73
N ASN E 173 24.58 67.97 1.58
CA ASN E 173 24.61 69.40 1.39
C ASN E 173 24.79 69.56 -0.13
N VAL E 174 23.67 69.77 -0.86
CA VAL E 174 23.76 69.88 -2.31
C VAL E 174 24.34 71.26 -2.67
N LEU E 175 25.66 71.29 -2.95
CA LEU E 175 26.43 72.49 -3.33
C LEU E 175 25.88 73.15 -4.61
N ARG E 176 25.43 72.34 -5.55
CA ARG E 176 24.87 72.86 -6.79
C ARG E 176 24.11 71.76 -7.49
N ILE E 177 23.22 72.14 -8.38
CA ILE E 177 22.47 71.19 -9.17
C ILE E 177 22.94 71.51 -10.57
N ILE E 178 23.47 70.53 -11.28
CA ILE E 178 23.97 70.80 -12.61
C ILE E 178 23.43 69.87 -13.68
N ASN E 179 23.27 70.42 -14.87
CA ASN E 179 22.78 69.69 -16.02
C ASN E 179 23.82 68.67 -16.39
N GLU E 180 23.39 67.47 -16.78
CA GLU E 180 24.31 66.41 -17.12
C GLU E 180 25.16 66.78 -18.32
N PRO E 181 24.56 67.42 -19.31
CA PRO E 181 25.32 67.84 -20.49
C PRO E 181 26.41 68.83 -20.11
N THR E 182 26.10 69.74 -19.19
CA THR E 182 27.06 70.75 -18.75
C THR E 182 28.24 70.09 -18.04
N ALA E 183 27.95 69.12 -17.19
CA ALA E 183 28.99 68.36 -16.46
C ALA E 183 29.91 67.53 -17.39
N ALA E 184 29.39 67.19 -18.58
CA ALA E 184 30.13 66.45 -19.60
C ALA E 184 31.15 67.42 -20.26
N ALA E 185 30.76 68.71 -20.39
CA ALA E 185 31.60 69.74 -20.98
C ALA E 185 32.68 70.15 -20.01
N ILE E 186 32.38 70.18 -18.69
CA ILE E 186 33.34 70.49 -17.62
C ILE E 186 34.49 69.45 -17.62
N ALA E 187 34.14 68.14 -17.64
CA ALA E 187 35.04 66.98 -17.68
C ALA E 187 36.09 67.07 -18.79
N TYR E 188 35.67 67.54 -19.98
CA TYR E 188 36.55 67.74 -21.12
C TYR E 188 37.12 69.17 -21.20
N GLY E 189 36.90 69.96 -20.13
CA GLY E 189 37.34 71.35 -19.94
C GLY E 189 36.93 72.30 -21.04
N LEU E 190 35.77 72.02 -21.70
CA LEU E 190 35.20 72.83 -22.79
C LEU E 190 35.08 74.32 -22.41
N ASP E 191 34.70 74.60 -21.17
CA ASP E 191 34.57 75.98 -20.70
C ASP E 191 35.89 76.77 -20.68
N LYS E 192 36.98 76.09 -20.33
CA LYS E 192 38.32 76.71 -20.21
C LYS E 192 39.02 76.93 -21.56
N LYS E 193 38.31 76.66 -22.67
CA LYS E 193 38.88 76.79 -24.02
C LYS E 193 38.91 78.22 -24.48
N VAL E 194 40.11 78.67 -24.89
CA VAL E 194 40.39 80.01 -25.42
C VAL E 194 39.65 80.24 -26.73
N GLY E 195 39.18 81.47 -26.92
CA GLY E 195 38.42 81.86 -28.10
C GLY E 195 37.05 82.44 -27.80
N ALA E 196 36.17 82.39 -28.82
CA ALA E 196 34.80 82.90 -28.76
C ALA E 196 33.82 81.87 -28.18
N GLU E 197 32.50 82.07 -28.42
CA GLU E 197 31.48 81.14 -27.97
C GLU E 197 31.65 79.80 -28.70
N ARG E 198 31.43 78.70 -27.96
CA ARG E 198 31.56 77.35 -28.47
C ARG E 198 30.21 76.68 -28.48
N ASN E 199 29.87 76.08 -29.63
CA ASN E 199 28.65 75.30 -29.76
C ASN E 199 29.08 73.85 -29.48
N VAL E 200 28.42 73.22 -28.53
CA VAL E 200 28.76 71.87 -28.15
C VAL E 200 27.58 70.93 -28.19
N LEU E 201 27.79 69.76 -28.80
CA LEU E 201 26.74 68.77 -28.87
C LEU E 201 27.13 67.59 -27.99
N ILE E 202 26.25 67.25 -27.06
CA ILE E 202 26.52 66.14 -26.18
C ILE E 202 25.65 64.99 -26.62
N PHE E 203 26.28 63.90 -27.00
CA PHE E 203 25.59 62.72 -27.49
C PHE E 203 25.48 61.75 -26.35
N ASP E 204 24.27 61.55 -25.83
CA ASP E 204 24.10 60.63 -24.72
C ASP E 204 23.24 59.43 -25.08
N LEU E 205 23.88 58.27 -25.08
CA LEU E 205 23.21 56.98 -25.38
C LEU E 205 23.60 55.97 -24.31
N GLY E 206 22.74 55.79 -23.33
CA GLY E 206 22.99 54.90 -22.21
C GLY E 206 22.13 55.14 -20.99
N GLY E 207 21.97 54.09 -20.17
CA GLY E 207 21.12 54.11 -18.99
C GLY E 207 19.65 54.13 -19.37
N GLY E 208 19.31 53.36 -20.42
CA GLY E 208 17.97 53.18 -20.98
C GLY E 208 17.29 54.38 -21.64
N THR E 209 18.02 55.50 -21.80
CA THR E 209 17.52 56.73 -22.42
C THR E 209 18.51 57.20 -23.48
N PHE E 210 18.03 58.00 -24.44
CA PHE E 210 18.84 58.63 -25.48
C PHE E 210 18.58 60.14 -25.43
N ASP E 211 19.63 60.92 -25.16
CA ASP E 211 19.57 62.38 -25.01
C ASP E 211 20.63 63.12 -25.83
N VAL E 212 20.17 63.94 -26.79
CA VAL E 212 21.02 64.83 -27.59
C VAL E 212 20.88 66.21 -26.96
N SER E 213 22.02 66.85 -26.67
CA SER E 213 22.01 68.21 -26.10
C SER E 213 22.95 69.16 -26.82
N ILE E 214 22.48 70.36 -27.15
CA ILE E 214 23.34 71.39 -27.77
C ILE E 214 23.46 72.51 -26.78
N LEU E 215 24.68 72.89 -26.45
CA LEU E 215 24.93 73.99 -25.52
C LEU E 215 25.99 74.91 -26.11
N THR E 216 25.86 76.20 -25.78
CA THR E 216 26.81 77.18 -26.24
C THR E 216 27.44 77.79 -25.00
N ILE E 217 28.76 77.84 -24.93
CA ILE E 217 29.40 78.40 -23.75
C ILE E 217 30.25 79.65 -24.05
N GLU E 218 29.89 80.75 -23.40
CA GLU E 218 30.60 82.01 -23.55
C GLU E 218 30.87 82.61 -22.17
N ASP E 219 32.11 83.03 -21.93
CA ASP E 219 32.46 83.62 -20.65
C ASP E 219 32.13 82.67 -19.51
N GLY E 220 32.45 81.40 -19.69
CA GLY E 220 32.18 80.38 -18.69
C GLY E 220 30.71 80.26 -18.37
N ILE E 221 29.88 80.47 -19.39
CA ILE E 221 28.44 80.37 -19.25
C ILE E 221 27.93 79.24 -20.14
N PHE E 222 27.08 78.38 -19.60
CA PHE E 222 26.54 77.27 -20.36
C PHE E 222 25.07 77.51 -20.63
N GLU E 223 24.68 77.46 -21.90
CA GLU E 223 23.28 77.67 -22.26
C GLU E 223 22.74 76.52 -23.07
N VAL E 224 21.63 75.93 -22.63
CA VAL E 224 21.01 74.85 -23.39
C VAL E 224 20.26 75.50 -24.54
N LYS E 225 20.70 75.20 -25.77
CA LYS E 225 20.08 75.78 -26.96
C LYS E 225 19.04 74.82 -27.54
N SER E 226 19.12 73.51 -27.19
CA SER E 226 18.19 72.48 -27.64
C SER E 226 18.46 71.10 -27.04
N THR E 227 17.39 70.39 -26.68
CA THR E 227 17.40 69.01 -26.18
C THR E 227 16.49 68.17 -27.09
N ALA E 228 16.90 66.92 -27.38
CA ALA E 228 16.14 65.97 -28.21
C ALA E 228 16.53 64.55 -27.83
N GLY E 229 15.88 63.55 -28.43
CA GLY E 229 16.19 62.14 -28.19
C GLY E 229 14.99 61.24 -28.01
N ASP E 230 15.24 59.96 -27.64
CA ASP E 230 14.22 58.94 -27.38
C ASP E 230 14.37 58.52 -25.93
N THR E 231 13.31 58.74 -25.14
CA THR E 231 13.29 58.42 -23.70
C THR E 231 13.33 56.93 -23.38
N HIS E 232 13.08 56.08 -24.38
CA HIS E 232 13.10 54.62 -24.19
C HIS E 232 14.11 53.79 -25.03
N LEU E 233 15.06 54.46 -25.67
CA LEU E 233 16.08 53.81 -26.49
C LEU E 233 17.35 53.62 -25.67
N GLY E 234 17.95 52.43 -25.77
CA GLY E 234 19.16 52.08 -25.03
C GLY E 234 19.77 50.76 -25.42
N GLY E 235 20.79 50.34 -24.68
CA GLY E 235 21.52 49.11 -24.90
C GLY E 235 20.65 47.88 -24.98
N GLU E 236 19.63 47.82 -24.11
CA GLU E 236 18.68 46.69 -24.01
C GLU E 236 17.93 46.45 -25.33
N ASP E 237 17.71 47.52 -26.14
CA ASP E 237 17.04 47.43 -27.45
C ASP E 237 17.95 46.74 -28.43
N PHE E 238 19.25 46.95 -28.30
CA PHE E 238 20.24 46.31 -29.15
C PHE E 238 20.26 44.82 -28.84
N ASP E 239 20.12 44.52 -27.55
CA ASP E 239 20.12 43.16 -27.03
C ASP E 239 18.98 42.31 -27.55
N ASN E 240 17.80 42.88 -27.65
CA ASN E 240 16.64 42.14 -28.12
C ASN E 240 16.85 41.64 -29.53
N ARG E 241 17.44 42.48 -30.36
CA ARG E 241 17.71 42.13 -31.75
C ARG E 241 18.69 40.95 -31.85
N MET E 242 19.64 40.85 -30.92
CA MET E 242 20.58 39.74 -30.88
C MET E 242 19.84 38.49 -30.41
N VAL E 243 18.97 38.62 -29.39
CA VAL E 243 18.18 37.53 -28.86
C VAL E 243 17.24 36.99 -29.94
N ASN E 244 16.55 37.85 -30.70
CA ASN E 244 15.67 37.40 -31.77
C ASN E 244 16.44 36.69 -32.82
N HIS E 245 17.60 37.20 -33.16
CA HIS E 245 18.43 36.61 -34.18
C HIS E 245 18.79 35.19 -33.76
N PHE E 246 19.15 35.04 -32.50
CA PHE E 246 19.48 33.73 -31.95
C PHE E 246 18.29 32.78 -31.81
N ILE E 247 17.13 33.31 -31.42
CA ILE E 247 15.94 32.48 -31.28
C ILE E 247 15.56 31.89 -32.63
N ALA E 248 15.59 32.73 -33.66
CA ALA E 248 15.30 32.29 -35.02
C ALA E 248 16.38 31.34 -35.55
N GLU E 249 17.65 31.51 -35.11
CA GLU E 249 18.74 30.61 -35.51
C GLU E 249 18.50 29.23 -34.93
N PHE E 250 18.03 29.17 -33.65
CA PHE E 250 17.71 27.90 -32.98
C PHE E 250 16.53 27.19 -33.66
N LYS E 251 15.54 27.97 -34.10
CA LYS E 251 14.39 27.47 -34.86
C LYS E 251 14.89 26.85 -36.21
N ARG E 252 15.81 27.54 -36.91
CA ARG E 252 16.36 27.03 -38.15
C ARG E 252 17.16 25.74 -37.92
N LYS E 253 18.19 25.78 -37.05
CA LYS E 253 19.08 24.63 -36.76
C LYS E 253 18.42 23.46 -36.00
N HIS E 254 17.42 23.73 -35.14
CA HIS E 254 16.81 22.62 -34.39
C HIS E 254 15.28 22.44 -34.44
N LYS E 255 14.56 23.39 -35.01
CA LYS E 255 13.10 23.35 -35.16
C LYS E 255 12.37 23.30 -33.79
N LYS E 256 12.92 24.00 -32.79
CA LYS E 256 12.35 24.11 -31.44
C LYS E 256 12.28 25.58 -31.02
N ASP E 257 11.20 25.97 -30.35
CA ASP E 257 11.05 27.36 -29.94
C ASP E 257 11.42 27.49 -28.46
N ILE E 258 12.47 28.24 -28.19
CA ILE E 258 12.93 28.45 -26.84
C ILE E 258 12.38 29.74 -26.24
N SER E 259 11.61 30.47 -27.03
CA SER E 259 11.04 31.74 -26.62
C SER E 259 10.10 31.61 -25.42
N GLU E 260 9.34 30.53 -25.39
CA GLU E 260 8.37 30.30 -24.31
C GLU E 260 9.01 29.85 -22.96
N ASN E 261 10.32 29.51 -22.98
CA ASN E 261 11.06 29.13 -21.78
C ASN E 261 11.87 30.33 -21.26
N LYS E 262 11.40 30.94 -20.15
CA LYS E 262 12.03 32.10 -19.53
C LYS E 262 13.50 31.89 -19.17
N ARG E 263 13.87 30.69 -18.72
CA ARG E 263 15.25 30.38 -18.33
C ARG E 263 16.19 30.26 -19.52
N ALA E 264 15.68 29.76 -20.66
CA ALA E 264 16.47 29.57 -21.87
C ALA E 264 16.79 30.93 -22.43
N VAL E 265 15.76 31.78 -22.47
CA VAL E 265 15.82 33.13 -23.00
C VAL E 265 16.77 33.96 -22.16
N ARG E 266 16.70 33.86 -20.82
CA ARG E 266 17.60 34.59 -19.94
C ARG E 266 19.07 34.15 -20.16
N ARG E 267 19.35 32.81 -20.16
CA ARG E 267 20.71 32.31 -20.39
C ARG E 267 21.25 32.95 -21.66
N LEU E 268 20.40 32.99 -22.72
CA LEU E 268 20.72 33.55 -24.03
C LEU E 268 20.93 35.07 -23.95
N ARG E 269 20.04 35.79 -23.22
CA ARG E 269 20.13 37.25 -23.07
C ARG E 269 21.44 37.62 -22.40
N THR E 270 21.74 37.02 -21.24
CA THR E 270 22.98 37.25 -20.49
C THR E 270 24.19 37.03 -21.39
N ALA E 271 24.12 36.04 -22.29
CA ALA E 271 25.20 35.73 -23.21
C ALA E 271 25.31 36.76 -24.32
N CYS E 272 24.17 37.36 -24.73
CA CYS E 272 24.14 38.42 -25.75
C CYS E 272 24.71 39.77 -25.24
N GLU E 273 24.55 40.05 -23.94
CA GLU E 273 25.10 41.28 -23.35
C GLU E 273 26.61 41.19 -23.31
N ARG E 274 27.18 39.99 -23.04
CA ARG E 274 28.61 39.80 -23.01
C ARG E 274 29.14 39.92 -24.44
N ALA E 275 28.40 39.34 -25.42
CA ALA E 275 28.77 39.40 -26.84
C ALA E 275 28.73 40.81 -27.39
N LYS E 276 27.72 41.58 -27.07
CA LYS E 276 27.64 42.95 -27.55
C LYS E 276 28.84 43.75 -27.04
N ARG E 277 29.18 43.56 -25.77
CA ARG E 277 30.31 44.26 -25.18
C ARG E 277 31.63 43.88 -25.86
N THR E 278 31.77 42.60 -26.17
CA THR E 278 32.96 42.09 -26.83
C THR E 278 33.10 42.69 -28.23
N LEU E 279 31.97 42.85 -28.90
CA LEU E 279 31.91 43.39 -30.26
C LEU E 279 32.27 44.89 -30.34
N SER E 280 32.51 45.55 -29.19
CA SER E 280 32.95 46.92 -29.16
C SER E 280 34.45 46.96 -29.39
N SER E 281 35.18 45.88 -29.03
CA SER E 281 36.64 45.79 -29.19
C SER E 281 37.12 44.66 -30.15
N SER E 282 36.29 43.64 -30.42
CA SER E 282 36.58 42.48 -31.29
C SER E 282 35.62 42.44 -32.47
N THR E 283 36.07 41.87 -33.60
CA THR E 283 35.24 41.72 -34.80
C THR E 283 34.33 40.49 -34.79
N GLN E 284 34.42 39.66 -33.72
CA GLN E 284 33.61 38.45 -33.55
C GLN E 284 33.52 38.07 -32.07
N ALA E 285 32.36 37.52 -31.66
CA ALA E 285 32.08 37.04 -30.30
C ALA E 285 31.53 35.63 -30.37
N SER E 286 32.07 34.72 -29.54
CA SER E 286 31.63 33.33 -29.51
C SER E 286 30.75 33.07 -28.27
N ILE E 287 29.72 32.26 -28.47
CA ILE E 287 28.79 31.86 -27.40
C ILE E 287 28.75 30.33 -27.33
N GLU E 288 28.92 29.79 -26.11
CA GLU E 288 28.88 28.36 -25.86
C GLU E 288 27.96 28.08 -24.67
N ILE E 289 26.71 27.72 -24.95
CA ILE E 289 25.76 27.41 -23.87
C ILE E 289 25.47 25.90 -23.92
N ASP E 290 25.84 25.18 -22.87
CA ASP E 290 25.55 23.74 -22.83
C ASP E 290 24.10 23.53 -22.39
N SER E 291 23.38 22.59 -23.09
CA SER E 291 21.99 22.20 -22.84
C SER E 291 21.05 23.44 -22.66
N LEU E 292 20.96 24.27 -23.71
CA LEU E 292 20.14 25.49 -23.71
C LEU E 292 18.63 25.20 -23.58
N TYR E 293 18.10 24.23 -24.35
CA TYR E 293 16.69 23.88 -24.37
C TYR E 293 16.53 22.46 -24.92
N GLU E 294 15.80 21.59 -24.17
CA GLU E 294 15.52 20.18 -24.48
C GLU E 294 16.82 19.35 -24.67
N GLY E 295 17.83 19.70 -23.87
CA GLY E 295 19.13 19.03 -23.87
C GLY E 295 20.08 19.39 -25.01
N ILE E 296 19.66 20.30 -25.92
CA ILE E 296 20.46 20.76 -27.06
C ILE E 296 21.51 21.80 -26.63
N ASP E 297 22.75 21.58 -27.03
CA ASP E 297 23.83 22.53 -26.78
C ASP E 297 23.75 23.64 -27.83
N PHE E 298 24.10 24.86 -27.43
CA PHE E 298 24.07 26.00 -28.32
C PHE E 298 25.44 26.66 -28.47
N TYR E 299 26.16 26.24 -29.52
CA TYR E 299 27.47 26.81 -29.84
C TYR E 299 27.32 27.59 -31.15
N THR E 300 27.45 28.89 -31.04
CA THR E 300 27.30 29.80 -32.17
C THR E 300 28.30 30.94 -32.02
N SER E 301 28.35 31.83 -33.01
CA SER E 301 29.23 32.99 -32.99
C SER E 301 28.55 34.17 -33.67
N ILE E 302 28.94 35.39 -33.31
CA ILE E 302 28.35 36.59 -33.90
C ILE E 302 29.39 37.59 -34.41
N THR E 303 29.22 38.05 -35.64
CA THR E 303 30.13 39.04 -36.25
C THR E 303 29.74 40.46 -35.85
N ARG E 304 30.68 41.40 -35.95
CA ARG E 304 30.38 42.78 -35.60
C ARG E 304 29.46 43.33 -36.69
N ALA E 305 29.73 42.88 -37.94
CA ALA E 305 28.97 43.23 -39.14
C ALA E 305 27.49 42.86 -38.93
N ARG E 306 27.21 41.59 -38.54
CA ARG E 306 25.84 41.09 -38.31
C ARG E 306 25.14 41.87 -37.20
N PHE E 307 25.85 42.13 -36.08
CA PHE E 307 25.31 42.90 -34.96
C PHE E 307 24.81 44.27 -35.43
N GLU E 308 25.66 44.97 -36.23
CA GLU E 308 25.42 46.27 -36.87
C GLU E 308 24.20 46.23 -37.81
N GLU E 309 24.07 45.16 -38.65
CA GLU E 309 22.95 44.94 -39.58
C GLU E 309 21.64 44.74 -38.80
N LEU E 310 21.70 44.01 -37.67
CA LEU E 310 20.52 43.75 -36.85
C LEU E 310 19.94 45.00 -36.19
N ASN E 311 20.75 46.06 -36.04
CA ASN E 311 20.38 47.29 -35.36
C ASN E 311 20.54 48.53 -36.26
N ALA E 312 20.69 48.31 -37.57
CA ALA E 312 20.88 49.36 -38.56
C ALA E 312 19.85 50.49 -38.41
N ASP E 313 18.53 50.14 -38.27
CA ASP E 313 17.47 51.14 -38.12
C ASP E 313 17.58 51.93 -36.84
N LEU E 314 17.90 51.24 -35.75
CA LEU E 314 18.07 51.90 -34.47
C LEU E 314 19.29 52.81 -34.46
N PHE E 315 20.40 52.33 -35.01
CA PHE E 315 21.63 53.12 -35.05
C PHE E 315 21.53 54.39 -35.89
N ARG E 316 20.96 54.28 -37.08
CA ARG E 316 20.79 55.41 -37.97
C ARG E 316 19.84 56.41 -37.34
N GLY E 317 18.80 55.88 -36.74
CA GLY E 317 17.75 56.64 -36.07
C GLY E 317 18.25 57.55 -34.98
N THR E 318 19.46 57.29 -34.43
CA THR E 318 20.07 58.16 -33.41
C THR E 318 20.47 59.52 -34.00
N LEU E 319 20.55 59.62 -35.35
CA LEU E 319 20.91 60.84 -36.02
C LEU E 319 19.71 61.77 -36.26
N ASP E 320 18.50 61.24 -36.25
CA ASP E 320 17.33 62.10 -36.46
C ASP E 320 17.23 63.08 -35.31
N PRO E 321 17.50 62.61 -34.10
CA PRO E 321 17.45 63.49 -32.93
C PRO E 321 18.48 64.60 -33.05
N VAL E 322 19.67 64.27 -33.57
CA VAL E 322 20.72 65.26 -33.72
C VAL E 322 20.27 66.33 -34.70
N GLU E 323 19.67 65.91 -35.80
CA GLU E 323 19.12 66.84 -36.79
C GLU E 323 18.05 67.77 -36.15
N LYS E 324 17.09 67.19 -35.40
CA LYS E 324 15.99 67.89 -34.70
C LYS E 324 16.51 69.01 -33.76
N ALA E 325 17.60 68.71 -33.01
CA ALA E 325 18.23 69.62 -32.07
C ALA E 325 18.98 70.76 -32.78
N LEU E 326 19.66 70.46 -33.92
CA LEU E 326 20.35 71.48 -34.71
C LEU E 326 19.34 72.50 -35.24
N ARG E 327 18.17 72.01 -35.76
CA ARG E 327 17.07 72.84 -36.28
C ARG E 327 16.52 73.77 -35.18
N ASP E 328 16.37 73.24 -33.96
CA ASP E 328 15.85 73.98 -32.81
C ASP E 328 16.85 75.01 -32.30
N ALA E 329 18.15 74.65 -32.24
CA ALA E 329 19.21 75.58 -31.83
C ALA E 329 19.56 76.60 -32.95
N LYS E 330 19.02 76.36 -34.17
CA LYS E 330 19.18 77.18 -35.38
C LYS E 330 20.66 77.19 -35.82
N LEU E 331 21.29 76.01 -35.73
CA LEU E 331 22.70 75.78 -36.07
C LEU E 331 22.90 74.77 -37.23
N ASP E 332 23.97 74.97 -38.02
CA ASP E 332 24.40 74.06 -39.09
C ASP E 332 25.34 73.08 -38.41
N LYS E 333 25.54 71.88 -39.00
CA LYS E 333 26.47 70.88 -38.43
C LYS E 333 27.93 71.42 -38.40
N SER E 334 28.27 72.33 -39.35
CA SER E 334 29.57 72.98 -39.47
C SER E 334 29.88 73.94 -38.30
N GLN E 335 28.81 74.42 -37.62
CA GLN E 335 28.88 75.36 -36.48
C GLN E 335 29.17 74.67 -35.12
N ILE E 336 29.10 73.32 -35.08
CA ILE E 336 29.39 72.56 -33.85
C ILE E 336 30.90 72.46 -33.60
N HIS E 337 31.37 73.15 -32.58
CA HIS E 337 32.76 73.14 -32.15
C HIS E 337 33.25 71.83 -31.51
N ASP E 338 32.41 71.23 -30.66
CA ASP E 338 32.77 69.98 -29.96
C ASP E 338 31.65 68.93 -29.86
N ILE E 339 32.01 67.64 -29.96
CA ILE E 339 31.08 66.51 -29.86
C ILE E 339 31.49 65.66 -28.68
N VAL E 340 30.61 65.50 -27.69
CA VAL E 340 30.92 64.75 -26.48
C VAL E 340 30.05 63.49 -26.35
N LEU E 341 30.70 62.35 -26.16
CA LEU E 341 29.98 61.09 -26.03
C LEU E 341 29.82 60.68 -24.58
N VAL E 342 28.58 60.42 -24.20
CA VAL E 342 28.25 60.00 -22.84
C VAL E 342 27.35 58.78 -22.87
N GLY E 343 27.48 57.94 -21.85
CA GLY E 343 26.71 56.72 -21.75
C GLY E 343 27.52 55.61 -22.35
N GLY E 344 27.30 54.40 -21.86
CA GLY E 344 28.02 53.22 -22.32
C GLY E 344 27.83 52.81 -23.77
N SER E 345 26.59 52.93 -24.24
CA SER E 345 26.24 52.50 -25.61
C SER E 345 26.90 53.29 -26.73
N THR E 346 27.66 54.34 -26.37
CA THR E 346 28.41 55.16 -27.34
C THR E 346 29.80 54.52 -27.57
N ARG E 347 30.04 53.34 -26.93
CA ARG E 347 31.28 52.59 -27.05
C ARG E 347 31.25 51.81 -28.32
N ILE E 348 30.03 51.65 -28.87
CA ILE E 348 29.75 50.92 -30.12
C ILE E 348 30.41 51.63 -31.32
N PRO E 349 31.37 50.93 -31.97
CA PRO E 349 32.07 51.52 -33.12
C PRO E 349 31.19 52.13 -34.21
N LYS E 350 30.07 51.47 -34.58
CA LYS E 350 29.17 51.97 -35.61
C LYS E 350 28.52 53.32 -35.23
N ILE E 351 28.05 53.46 -33.98
CA ILE E 351 27.46 54.73 -33.51
C ILE E 351 28.50 55.87 -33.66
N GLN E 352 29.77 55.58 -33.31
CA GLN E 352 30.89 56.50 -33.42
C GLN E 352 31.12 56.90 -34.89
N LYS E 353 31.17 55.89 -35.79
CA LYS E 353 31.39 56.07 -37.23
C LYS E 353 30.30 56.96 -37.84
N LEU E 354 29.01 56.63 -37.56
CA LEU E 354 27.82 57.36 -38.03
C LEU E 354 27.85 58.83 -37.64
N LEU E 355 28.24 59.09 -36.38
CA LEU E 355 28.31 60.42 -35.81
C LEU E 355 29.49 61.26 -36.39
N GLN E 356 30.68 60.63 -36.52
CA GLN E 356 31.86 61.28 -37.08
C GLN E 356 31.62 61.63 -38.55
N ASP E 357 30.99 60.70 -39.33
CA ASP E 357 30.67 60.91 -40.75
C ASP E 357 29.70 62.06 -40.92
N PHE E 358 28.61 62.10 -40.11
CA PHE E 358 27.63 63.18 -40.11
C PHE E 358 28.32 64.57 -39.88
N PHE E 359 29.33 64.60 -38.98
CA PHE E 359 30.09 65.81 -38.67
C PHE E 359 31.36 65.95 -39.52
N ASN E 360 31.32 65.33 -40.70
CA ASN E 360 32.34 65.35 -41.75
C ASN E 360 33.79 65.10 -41.24
N GLY E 361 33.92 64.08 -40.41
CA GLY E 361 35.21 63.65 -39.88
C GLY E 361 35.68 64.32 -38.60
N LYS E 362 34.81 65.13 -37.96
CA LYS E 362 35.17 65.82 -36.72
C LYS E 362 35.44 64.79 -35.63
N GLU E 363 36.62 64.91 -34.99
CA GLU E 363 37.02 64.02 -33.89
C GLU E 363 36.08 64.20 -32.69
N LEU E 364 35.67 63.08 -32.07
CA LEU E 364 34.75 63.06 -30.93
C LEU E 364 35.51 62.93 -29.58
N ASN E 365 34.96 63.55 -28.52
CA ASN E 365 35.53 63.51 -27.18
C ASN E 365 35.01 62.28 -26.46
N LYS E 366 35.87 61.28 -26.32
CA LYS E 366 35.53 59.98 -25.72
C LYS E 366 36.60 59.42 -24.74
N SER E 367 37.71 60.13 -24.50
CA SER E 367 38.82 59.69 -23.62
C SER E 367 38.40 59.25 -22.21
N ILE E 368 37.46 59.98 -21.61
CA ILE E 368 36.91 59.69 -20.29
C ILE E 368 35.84 58.64 -20.51
N ASN E 369 35.83 57.59 -19.66
CA ASN E 369 34.86 56.49 -19.63
C ASN E 369 33.44 57.04 -19.81
N PRO E 370 32.74 56.65 -20.90
CA PRO E 370 31.39 57.19 -21.15
C PRO E 370 30.34 57.00 -20.04
N ASP E 371 30.53 56.01 -19.14
CA ASP E 371 29.65 55.75 -18.00
C ASP E 371 30.01 56.69 -16.83
N GLU E 372 31.28 57.09 -16.75
CA GLU E 372 31.84 57.91 -15.67
C GLU E 372 31.99 59.43 -16.00
N ALA E 373 31.73 59.80 -17.27
CA ALA E 373 31.86 61.16 -17.80
C ALA E 373 31.08 62.26 -17.04
N VAL E 374 29.75 62.07 -16.85
CA VAL E 374 28.92 63.06 -16.15
C VAL E 374 29.36 63.18 -14.67
N ALA E 375 29.70 62.03 -13.99
CA ALA E 375 30.16 62.01 -12.58
C ALA E 375 31.54 62.63 -12.39
N TYR E 376 32.44 62.51 -13.41
CA TYR E 376 33.78 63.12 -13.44
C TYR E 376 33.62 64.64 -13.33
N GLY E 377 32.90 65.22 -14.30
CA GLY E 377 32.63 66.67 -14.30
C GLY E 377 32.00 67.15 -13.02
N ALA E 378 30.98 66.41 -12.52
CA ALA E 378 30.25 66.70 -11.27
C ALA E 378 31.19 66.77 -10.05
N ALA E 379 32.26 65.94 -10.06
CA ALA E 379 33.32 65.89 -9.04
C ALA E 379 34.30 67.08 -9.21
N VAL E 380 34.54 67.55 -10.47
CA VAL E 380 35.41 68.69 -10.79
C VAL E 380 34.71 69.93 -10.22
N GLN E 381 33.41 70.05 -10.50
CA GLN E 381 32.57 71.15 -10.03
C GLN E 381 32.51 71.17 -8.49
N ALA E 382 32.47 69.98 -7.84
CA ALA E 382 32.45 69.84 -6.38
C ALA E 382 33.75 70.36 -5.71
N ALA E 383 34.89 70.15 -6.39
CA ALA E 383 36.21 70.61 -5.95
C ALA E 383 36.26 72.14 -6.03
N ILE E 384 35.75 72.72 -7.13
CA ILE E 384 35.68 74.16 -7.39
C ILE E 384 34.84 74.87 -6.31
N LEU E 385 33.71 74.24 -5.88
CA LEU E 385 32.81 74.79 -4.88
C LEU E 385 33.22 74.48 -3.44
N SER E 386 34.30 73.69 -3.25
CA SER E 386 34.82 73.34 -1.91
C SER E 386 35.50 74.56 -1.23
N SER F 5 46.36 15.53 -25.26
CA SER F 5 47.60 16.04 -24.65
C SER F 5 47.29 17.11 -23.61
N ASN F 6 47.44 16.75 -22.32
CA ASN F 6 47.12 17.56 -21.15
C ASN F 6 47.97 18.79 -21.04
N SER F 7 47.31 19.98 -21.12
CA SER F 7 47.94 21.31 -21.10
C SER F 7 47.82 22.06 -19.76
N PRO F 8 48.85 22.88 -19.37
CA PRO F 8 48.74 23.69 -18.14
C PRO F 8 47.54 24.66 -18.16
N GLN F 9 47.19 25.14 -19.36
CA GLN F 9 46.08 26.05 -19.61
C GLN F 9 44.75 25.43 -19.15
N GLU F 10 44.57 24.11 -19.45
CA GLU F 10 43.36 23.37 -19.08
C GLU F 10 43.17 23.30 -17.56
N GLU F 11 44.27 23.24 -16.80
CA GLU F 11 44.26 23.25 -15.32
C GLU F 11 43.55 24.50 -14.77
N VAL F 12 43.79 25.67 -15.39
CA VAL F 12 43.16 26.94 -15.02
C VAL F 12 41.62 26.83 -15.11
N GLU F 13 41.12 26.27 -16.24
CA GLU F 13 39.70 26.06 -16.52
C GLU F 13 39.09 25.04 -15.57
N LEU F 14 39.79 23.92 -15.37
CA LEU F 14 39.37 22.86 -14.47
C LEU F 14 39.17 23.40 -13.08
N LYS F 15 40.08 24.27 -12.59
CA LYS F 15 39.99 24.91 -11.26
C LYS F 15 38.76 25.87 -11.19
N LYS F 16 38.46 26.59 -12.29
CA LYS F 16 37.28 27.45 -12.34
C LYS F 16 36.03 26.56 -12.12
N LEU F 17 35.96 25.42 -12.87
CA LEU F 17 34.86 24.45 -12.77
C LEU F 17 34.78 23.77 -11.42
N LYS F 18 35.91 23.50 -10.78
CA LYS F 18 35.93 22.91 -9.43
C LYS F 18 35.33 23.86 -8.40
N HIS F 19 35.57 25.16 -8.54
CA HIS F 19 34.95 26.15 -7.65
C HIS F 19 33.42 26.21 -7.86
N LEU F 20 32.99 26.20 -9.12
CA LEU F 20 31.58 26.21 -9.50
C LEU F 20 30.86 24.95 -8.97
N GLU F 21 31.50 23.76 -9.07
CA GLU F 21 30.99 22.50 -8.53
C GLU F 21 30.79 22.66 -7.01
N LYS F 22 31.76 23.32 -6.32
CA LYS F 22 31.69 23.55 -4.88
C LYS F 22 30.56 24.53 -4.51
N SER F 23 30.34 25.56 -5.34
CA SER F 23 29.25 26.51 -5.14
C SER F 23 27.90 25.78 -5.28
N VAL F 24 27.78 24.88 -6.29
CA VAL F 24 26.59 24.08 -6.53
C VAL F 24 26.32 23.17 -5.32
N GLU F 25 27.37 22.50 -4.77
CA GLU F 25 27.24 21.66 -3.56
C GLU F 25 26.69 22.49 -2.38
N LYS F 26 27.10 23.77 -2.27
CA LYS F 26 26.57 24.66 -1.25
C LYS F 26 25.04 24.92 -1.47
N ILE F 27 24.64 25.32 -2.69
CA ILE F 27 23.23 25.58 -3.04
C ILE F 27 22.37 24.30 -2.89
N ALA F 28 22.90 23.13 -3.33
CA ALA F 28 22.26 21.83 -3.25
C ALA F 28 21.88 21.45 -1.79
N ASP F 29 22.75 21.83 -0.82
CA ASP F 29 22.52 21.59 0.60
C ASP F 29 21.31 22.39 1.10
N GLN F 30 21.19 23.65 0.62
CA GLN F 30 20.06 24.54 0.93
C GLN F 30 18.75 23.91 0.43
N LEU F 31 18.79 23.34 -0.80
CA LEU F 31 17.67 22.67 -1.44
C LEU F 31 17.28 21.44 -0.67
N GLU F 32 18.27 20.66 -0.19
CA GLU F 32 18.01 19.47 0.64
C GLU F 32 17.27 19.89 1.91
N GLU F 33 17.69 21.00 2.51
CA GLU F 33 17.02 21.48 3.71
C GLU F 33 15.60 21.88 3.36
N LEU F 34 15.44 22.53 2.21
CA LEU F 34 14.14 22.97 1.75
C LEU F 34 13.20 21.81 1.48
N ASN F 35 13.73 20.75 0.89
CA ASN F 35 12.96 19.57 0.59
C ASN F 35 12.45 18.92 1.87
N LYS F 36 13.33 18.91 2.87
CA LYS F 36 13.04 18.31 4.18
C LYS F 36 11.93 19.05 4.94
N GLU F 37 11.93 20.38 4.90
CA GLU F 37 10.89 21.21 5.52
C GLU F 37 9.57 21.07 4.78
N LEU F 38 9.62 20.97 3.43
CA LEU F 38 8.44 20.79 2.57
C LEU F 38 7.82 19.42 2.83
N THR F 39 8.67 18.37 2.95
CA THR F 39 8.26 17.01 3.29
C THR F 39 7.62 17.08 4.69
N GLY F 40 8.26 17.84 5.59
CA GLY F 40 7.80 18.10 6.95
C GLY F 40 6.39 18.66 7.01
N ILE F 41 6.09 19.73 6.22
CA ILE F 41 4.75 20.33 6.15
C ILE F 41 3.74 19.32 5.59
N GLN F 42 4.06 18.71 4.41
CA GLN F 42 3.21 17.74 3.70
C GLN F 42 2.78 16.51 4.57
N GLN F 43 3.45 16.31 5.75
CA GLN F 43 3.14 15.27 6.76
C GLN F 43 1.92 15.67 7.58
N ALA F 52 -0.46 26.00 5.22
CA ALA F 52 -0.39 26.89 4.06
C ALA F 52 0.60 28.05 4.21
N GLU F 53 0.45 28.84 5.30
CA GLU F 53 1.32 29.98 5.62
C GLU F 53 2.85 29.64 5.60
N ALA F 54 3.16 28.39 6.02
CA ALA F 54 4.51 27.81 6.05
C ALA F 54 5.06 27.69 4.62
N LEU F 55 4.17 27.37 3.65
CA LEU F 55 4.50 27.21 2.24
C LEU F 55 4.88 28.50 1.54
N CYS F 56 4.38 29.68 1.97
CA CYS F 56 4.79 30.89 1.27
C CYS F 56 6.05 31.50 1.89
N LYS F 57 6.48 30.92 3.04
CA LYS F 57 7.73 31.26 3.71
C LYS F 57 8.88 30.50 2.98
N LEU F 58 8.55 29.29 2.45
CA LEU F 58 9.43 28.46 1.65
C LEU F 58 9.54 29.03 0.24
N ASP F 59 8.52 29.80 -0.20
CA ASP F 59 8.48 30.46 -1.50
C ASP F 59 9.68 31.38 -1.67
N ARG F 60 9.90 32.25 -0.66
CA ARG F 60 11.02 33.17 -0.68
C ARG F 60 12.37 32.45 -0.84
N ARG F 61 12.52 31.29 -0.15
CA ARG F 61 13.74 30.48 -0.16
C ARG F 61 13.94 29.70 -1.46
N VAL F 62 12.90 29.00 -1.95
CA VAL F 62 13.00 28.25 -3.22
C VAL F 62 13.31 29.22 -4.39
N LYS F 63 12.74 30.45 -4.35
CA LYS F 63 12.98 31.48 -5.36
C LYS F 63 14.44 31.94 -5.37
N ALA F 64 15.05 32.02 -4.16
CA ALA F 64 16.45 32.40 -3.96
C ALA F 64 17.41 31.30 -4.42
N THR F 65 17.06 30.03 -4.13
CA THR F 65 17.79 28.84 -4.52
C THR F 65 17.79 28.82 -6.06
N ILE F 66 16.60 29.01 -6.68
CA ILE F 66 16.46 29.03 -8.15
C ILE F 66 17.43 30.05 -8.73
N GLU F 67 17.41 31.28 -8.18
CA GLU F 67 18.26 32.38 -8.61
C GLU F 67 19.74 32.06 -8.48
N GLN F 68 20.14 31.44 -7.35
CA GLN F 68 21.54 31.07 -7.16
C GLN F 68 21.98 30.08 -8.26
N PHE F 69 21.11 29.14 -8.61
CA PHE F 69 21.37 28.17 -9.68
C PHE F 69 21.43 28.85 -11.05
N MET F 70 20.54 29.85 -11.28
CA MET F 70 20.51 30.61 -12.54
C MET F 70 21.78 31.42 -12.74
N LYS F 71 22.32 31.99 -11.63
CA LYS F 71 23.56 32.76 -11.66
C LYS F 71 24.80 31.87 -11.92
N ILE F 72 24.74 30.60 -11.49
CA ILE F 72 25.77 29.59 -11.72
C ILE F 72 25.80 29.30 -13.23
N LEU F 73 24.63 29.03 -13.85
CA LEU F 73 24.52 28.74 -15.28
C LEU F 73 25.02 29.88 -16.10
N GLU F 74 24.73 31.15 -15.67
CA GLU F 74 25.21 32.36 -16.34
C GLU F 74 26.74 32.44 -16.28
N GLU F 75 27.35 32.04 -15.13
CA GLU F 75 28.81 32.04 -14.98
C GLU F 75 29.44 30.95 -15.85
N ILE F 76 28.83 29.77 -15.88
CA ILE F 76 29.29 28.65 -16.71
C ILE F 76 29.26 29.03 -18.20
N ASP F 77 28.25 29.77 -18.60
CA ASP F 77 28.11 30.20 -19.98
C ASP F 77 29.24 31.14 -20.44
N THR F 78 29.93 31.79 -19.51
CA THR F 78 31.00 32.74 -19.86
C THR F 78 32.28 32.00 -20.30
N LEU F 79 32.33 30.70 -20.04
CA LEU F 79 33.49 29.88 -20.41
C LEU F 79 33.43 29.41 -21.84
N ILE F 80 34.52 29.62 -22.56
CA ILE F 80 34.62 29.14 -23.93
C ILE F 80 35.75 28.15 -23.84
N LEU F 81 35.45 26.90 -24.18
CA LEU F 81 36.43 25.84 -24.10
C LEU F 81 36.84 25.26 -25.45
N PRO F 82 38.14 25.13 -25.67
CA PRO F 82 38.66 24.55 -26.90
C PRO F 82 38.29 23.07 -26.95
N GLU F 83 38.02 22.52 -28.13
CA GLU F 83 37.65 21.12 -28.23
C GLU F 83 38.75 20.27 -27.62
N ASN F 84 39.99 20.71 -27.75
CA ASN F 84 41.11 19.98 -27.18
C ASN F 84 40.98 19.77 -25.67
N PHE F 85 40.32 20.70 -24.99
CA PHE F 85 40.13 20.60 -23.55
C PHE F 85 38.93 19.67 -23.30
N LYS F 86 39.13 18.39 -23.56
CA LYS F 86 38.07 17.38 -23.39
C LYS F 86 37.58 17.14 -21.96
N ASP F 87 38.49 17.06 -21.01
CA ASP F 87 38.12 16.81 -19.61
C ASP F 87 37.32 17.95 -19.01
N SER F 88 37.68 19.18 -19.32
CA SER F 88 36.97 20.39 -18.88
C SER F 88 35.56 20.43 -19.50
N ARG F 89 35.45 20.22 -20.85
CA ARG F 89 34.19 20.20 -21.59
C ARG F 89 33.18 19.21 -21.02
N LEU F 90 33.65 18.02 -20.60
CA LEU F 90 32.87 16.95 -19.97
C LEU F 90 32.42 17.36 -18.57
N LYS F 91 33.30 18.06 -17.83
CA LYS F 91 33.03 18.55 -16.47
C LYS F 91 31.93 19.64 -16.53
N ARG F 92 31.99 20.48 -17.56
CA ARG F 92 31.02 21.56 -17.78
C ARG F 92 29.63 20.99 -18.04
N LYS F 93 29.50 20.07 -19.00
CA LYS F 93 28.22 19.45 -19.36
C LYS F 93 27.61 18.71 -18.17
N GLY F 94 28.46 18.01 -17.43
CA GLY F 94 28.06 17.31 -16.21
C GLY F 94 27.42 18.25 -15.22
N LEU F 95 28.12 19.35 -14.91
CA LEU F 95 27.69 20.39 -13.98
C LEU F 95 26.38 21.08 -14.39
N VAL F 96 26.21 21.31 -15.70
CA VAL F 96 25.03 21.95 -16.27
C VAL F 96 23.82 21.00 -16.13
N LYS F 97 24.04 19.70 -16.48
CA LYS F 97 23.04 18.62 -16.34
C LYS F 97 22.65 18.45 -14.86
N LYS F 98 23.65 18.54 -13.94
CA LYS F 98 23.47 18.44 -12.49
C LYS F 98 22.64 19.61 -11.99
N VAL F 99 23.00 20.84 -12.37
CA VAL F 99 22.24 22.04 -11.98
C VAL F 99 20.79 21.97 -12.50
N GLN F 100 20.59 21.63 -13.81
CA GLN F 100 19.27 21.55 -14.42
C GLN F 100 18.35 20.57 -13.73
N ALA F 101 18.89 19.41 -13.28
CA ALA F 101 18.17 18.40 -12.51
C ALA F 101 17.71 19.05 -11.19
N PHE F 102 18.60 19.82 -10.50
CA PHE F 102 18.26 20.53 -9.27
C PHE F 102 17.17 21.60 -9.51
N LEU F 103 17.20 22.24 -10.68
CA LEU F 103 16.21 23.25 -11.05
C LEU F 103 14.83 22.64 -11.24
N ALA F 104 14.77 21.38 -11.70
CA ALA F 104 13.53 20.64 -11.85
C ALA F 104 12.95 20.30 -10.45
N GLU F 105 13.83 20.01 -9.47
CA GLU F 105 13.47 19.76 -8.07
C GLU F 105 12.89 21.04 -7.48
N CYS F 106 13.53 22.17 -7.75
CA CYS F 106 13.10 23.54 -7.40
C CYS F 106 11.65 23.80 -7.84
N ASP F 107 11.39 23.57 -9.12
CA ASP F 107 10.12 23.74 -9.81
C ASP F 107 9.01 22.89 -9.21
N THR F 108 9.36 21.68 -8.70
CA THR F 108 8.44 20.77 -8.03
C THR F 108 7.95 21.44 -6.72
N VAL F 109 8.89 21.94 -5.88
CA VAL F 109 8.65 22.69 -4.63
C VAL F 109 7.77 23.91 -4.92
N GLU F 110 8.16 24.74 -5.92
CA GLU F 110 7.45 25.96 -6.34
C GLU F 110 6.00 25.72 -6.76
N GLN F 111 5.76 24.64 -7.55
CA GLN F 111 4.44 24.22 -8.03
C GLN F 111 3.56 23.60 -6.93
N ASN F 112 4.16 23.15 -5.84
CA ASN F 112 3.43 22.59 -4.70
C ASN F 112 3.00 23.65 -3.68
N ILE F 113 3.90 24.58 -3.41
CA ILE F 113 3.67 25.70 -2.49
C ILE F 113 2.84 26.81 -3.17
N CYS F 114 2.34 27.76 -2.35
CA CYS F 114 1.50 28.90 -2.72
C CYS F 114 0.42 28.55 -3.76
N GLN F 115 -0.19 27.37 -3.61
CA GLN F 115 -1.26 26.94 -4.50
C GLN F 115 -2.61 27.36 -3.92
N GLU F 116 -3.50 27.91 -4.76
CA GLU F 116 -4.82 28.41 -4.35
C GLU F 116 -5.84 27.28 -4.25
#